data_3W5F
#
_entry.id   3W5F
#
_cell.length_a   92.820
_cell.length_b   96.300
_cell.length_c   159.267
_cell.angle_alpha   90.00
_cell.angle_beta   90.00
_cell.angle_gamma   90.00
#
_symmetry.space_group_name_H-M   'P 21 21 21'
#
loop_
_entity.id
_entity.type
_entity.pdbx_description
1 polymer Beta-galactosidase
2 branched 2-acetamido-2-deoxy-beta-D-glucopyranose-(1-4)-2-acetamido-2-deoxy-beta-D-glucopyranose
3 non-polymer 2-acetamido-2-deoxy-beta-D-glucopyranose
4 non-polymer '4-(2-HYDROXYETHYL)-1-PIPERAZINE ETHANESULFONIC ACID'
5 non-polymer ARGININE
6 non-polymer 'CHLORIDE ION'
7 water water
#
_entity_poly.entity_id   1
_entity_poly.type   'polypeptide(L)'
_entity_poly.pdbx_seq_one_letter_code
;EAEAEFSVSYDDRAIIINGKRKILISGSIHYPRSTPQMWPDLIQKAKDGGLDVIETYVFWNGHEPSPGKYNFEGRYDLVR
FIKMVQRAGLYVNLRIGPYVCAEWNFGGFPVWLKYVPGMEFRTNNQPFKVAMQGFVQKIVNMMKSENLFESQGGPIIMAQ
IENEYGPVEWEIGAPGKAYTKWAAQMAVGLKTGVPWIMCKQEDAPDPVIDTCNGFYCEGFRPNKPYKPKMWTEVWTGWYT
KFGGPIPQRPAEDIAFSVARFVQNNGSFFNYYMYHGGTNFGRTSSGLFIATSYDYDAPLDEYGLLNEPKYGHLRDLHKAI
KLSEPALVSSYAAVTSLGSNQEAHVYRSKSGACAAFLSNYDSRYSVKVTFQNRPYNLPPWSISILPDCKTAVYNTAQVNS
QSSSIKMTPAGGGLSWQSYNEETPTADDSDTLTANGLWEQKNVTRDSSDYLWYMTNVNIASNEGFLKNGKDPYLTVMSAG
HVLHVFVNGKLSGTVYGTLDNPKLTYSGNVKLRAGINKISLLSVSVGLPNVGVHYDTWNAGVLGPVTLSGLNEGSRNLAK
QKWSYKVGLKGESLSLHSLSGSSSVEWVRGSLMAQKQPLTWYKATFNAPGGNDPLALDMASMGKGQIWINGEGVGRHWPG
YIAQGDCSKCSYAGTFNEKKCQTNCGQPSQRWYHVPRSWLKPSGNLLVVFEEWGGNPTGISLVRRSRSAAAASFLEQK
;
_entity_poly.pdbx_strand_id   A,B
#
loop_
_chem_comp.id
_chem_comp.type
_chem_comp.name
_chem_comp.formula
CL non-polymer 'CHLORIDE ION' 'Cl -1'
EPE non-polymer '4-(2-HYDROXYETHYL)-1-PIPERAZINE ETHANESULFONIC ACID' 'C8 H18 N2 O4 S'
NAG D-saccharide, beta linking 2-acetamido-2-deoxy-beta-D-glucopyranose 'C8 H15 N O6'
#
# COMPACT_ATOMS: atom_id res chain seq x y z
N GLU A 3 33.72 -42.99 -30.96
CA GLU A 3 33.69 -41.77 -30.10
C GLU A 3 32.35 -41.05 -30.19
N ALA A 4 31.79 -40.68 -29.04
CA ALA A 4 30.51 -39.97 -28.98
C ALA A 4 30.61 -38.64 -29.69
N GLU A 5 29.61 -38.33 -30.49
CA GLU A 5 29.58 -37.03 -31.17
C GLU A 5 29.34 -35.89 -30.17
N PHE A 6 28.49 -36.14 -29.17
CA PHE A 6 28.13 -35.12 -28.19
C PHE A 6 28.46 -35.65 -26.80
N SER A 7 28.83 -34.76 -25.89
CA SER A 7 29.18 -35.19 -24.53
C SER A 7 29.11 -34.04 -23.56
N VAL A 8 28.98 -34.39 -22.28
CA VAL A 8 29.16 -33.40 -21.21
C VAL A 8 30.07 -34.04 -20.17
N SER A 9 31.13 -33.33 -19.81
CA SER A 9 31.99 -33.74 -18.71
C SER A 9 32.29 -32.49 -17.88
N TYR A 10 33.31 -32.56 -17.04
CA TYR A 10 33.67 -31.41 -16.24
C TYR A 10 35.09 -31.54 -15.75
N ASP A 11 35.68 -30.41 -15.38
CA ASP A 11 36.96 -30.44 -14.67
C ASP A 11 36.94 -29.39 -13.57
N ASP A 12 38.13 -29.04 -13.07
CA ASP A 12 38.23 -28.08 -11.97
C ASP A 12 37.78 -26.69 -12.38
N ARG A 13 37.72 -26.45 -13.69
CA ARG A 13 37.42 -25.12 -14.19
C ARG A 13 35.95 -24.93 -14.58
N ALA A 14 35.33 -25.94 -15.20
CA ALA A 14 34.01 -25.73 -15.78
C ALA A 14 33.33 -27.03 -16.17
N ILE A 15 32.03 -26.96 -16.43
CA ILE A 15 31.32 -27.96 -17.23
C ILE A 15 31.86 -27.88 -18.66
N ILE A 16 32.05 -29.06 -19.26
CA ILE A 16 32.64 -29.16 -20.59
C ILE A 16 31.62 -29.75 -21.56
N ILE A 17 31.15 -28.93 -22.50
CA ILE A 17 30.11 -29.36 -23.42
C ILE A 17 30.70 -29.57 -24.81
N ASN A 18 30.59 -30.81 -25.30
CA ASN A 18 31.14 -31.20 -26.60
C ASN A 18 32.60 -30.78 -26.72
N GLY A 19 33.32 -30.96 -25.62
CA GLY A 19 34.76 -30.76 -25.56
C GLY A 19 35.23 -29.37 -25.19
N LYS A 20 34.30 -28.45 -24.99
CA LYS A 20 34.67 -27.07 -24.67
C LYS A 20 34.17 -26.65 -23.29
N ARG A 21 35.08 -26.11 -22.48
CA ARG A 21 34.69 -25.50 -21.22
C ARG A 21 33.78 -24.31 -21.48
N LYS A 22 32.75 -24.17 -20.63
CA LYS A 22 31.77 -23.08 -20.77
C LYS A 22 31.57 -22.39 -19.44
N ILE A 23 31.44 -21.06 -19.47
CA ILE A 23 30.95 -20.33 -18.31
C ILE A 23 29.46 -20.18 -18.55
N LEU A 24 28.65 -20.93 -17.80
CA LEU A 24 27.22 -21.08 -18.11
C LEU A 24 26.34 -20.16 -17.31
N ILE A 25 25.53 -19.38 -18.02
CA ILE A 25 24.59 -18.43 -17.42
C ILE A 25 23.20 -19.04 -17.50
N SER A 26 22.52 -19.17 -16.37
CA SER A 26 21.31 -19.99 -16.33
C SER A 26 20.19 -19.25 -15.62
N GLY A 27 18.94 -19.60 -15.93
CA GLY A 27 17.81 -19.05 -15.18
C GLY A 27 16.70 -20.06 -15.02
N SER A 28 16.01 -19.98 -13.89
CA SER A 28 14.92 -20.90 -13.57
C SER A 28 13.61 -20.41 -14.17
N ILE A 29 12.95 -21.31 -14.89
CA ILE A 29 11.58 -21.12 -15.38
C ILE A 29 10.86 -22.44 -15.09
N HIS A 30 9.86 -22.41 -14.23
CA HIS A 30 9.11 -23.61 -13.85
C HIS A 30 7.93 -23.83 -14.76
N TYR A 31 7.98 -24.88 -15.56
CA TYR A 31 6.97 -25.06 -16.63
C TYR A 31 5.49 -24.97 -16.17
N PRO A 32 5.14 -25.51 -14.98
CA PRO A 32 3.71 -25.42 -14.65
C PRO A 32 3.30 -24.10 -13.99
N ARG A 33 4.26 -23.17 -13.89
CA ARG A 33 3.98 -21.84 -13.34
C ARG A 33 3.71 -20.81 -14.46
N SER A 34 3.58 -21.33 -15.68
CA SER A 34 3.16 -20.54 -16.86
C SER A 34 2.40 -21.47 -17.79
N THR A 35 2.01 -20.99 -18.96
CA THR A 35 1.24 -21.81 -19.89
C THR A 35 2.07 -22.20 -21.11
N PRO A 36 1.68 -23.28 -21.82
CA PRO A 36 2.42 -23.64 -23.03
C PRO A 36 2.48 -22.51 -24.05
N GLN A 37 1.44 -21.67 -24.11
CA GLN A 37 1.47 -20.52 -25.03
C GLN A 37 2.54 -19.50 -24.63
N MET A 38 2.77 -19.38 -23.33
CA MET A 38 3.79 -18.45 -22.82
C MET A 38 5.21 -18.98 -23.01
N TRP A 39 5.40 -20.30 -22.92
CA TRP A 39 6.76 -20.83 -22.87
C TRP A 39 7.72 -20.32 -23.93
N PRO A 40 7.33 -20.34 -25.22
CA PRO A 40 8.31 -19.89 -26.23
C PRO A 40 8.72 -18.43 -26.04
N ASP A 41 7.77 -17.60 -25.60
CA ASP A 41 8.06 -16.19 -25.38
C ASP A 41 8.99 -15.98 -24.19
N LEU A 42 8.73 -16.71 -23.12
CA LEU A 42 9.56 -16.61 -21.93
C LEU A 42 10.98 -17.06 -22.26
N ILE A 43 11.09 -18.14 -23.02
CA ILE A 43 12.39 -18.71 -23.34
C ILE A 43 13.15 -17.78 -24.26
N GLN A 44 12.45 -17.17 -25.21
CA GLN A 44 13.07 -16.18 -26.08
C GLN A 44 13.59 -14.97 -25.30
N LYS A 45 12.78 -14.50 -24.33
CA LYS A 45 13.21 -13.39 -23.49
C LYS A 45 14.45 -13.75 -22.68
N ALA A 46 14.50 -14.98 -22.19
CA ALA A 46 15.69 -15.46 -21.49
C ALA A 46 16.90 -15.51 -22.41
N LYS A 47 16.71 -16.00 -23.64
CA LYS A 47 17.81 -16.03 -24.62
C LYS A 47 18.32 -14.62 -24.90
N ASP A 48 17.39 -13.71 -25.17
CA ASP A 48 17.75 -12.32 -25.43
C ASP A 48 18.32 -11.63 -24.19
N GLY A 49 18.02 -12.17 -23.02
CA GLY A 49 18.54 -11.65 -21.76
C GLY A 49 19.92 -12.20 -21.40
N GLY A 50 20.45 -13.05 -22.26
CA GLY A 50 21.83 -13.56 -22.11
C GLY A 50 21.99 -14.91 -21.44
N LEU A 51 20.91 -15.67 -21.33
CA LEU A 51 20.99 -16.99 -20.70
C LEU A 51 21.39 -18.07 -21.70
N ASP A 52 22.21 -19.01 -21.19
CA ASP A 52 22.65 -20.18 -21.95
C ASP A 52 21.87 -21.43 -21.57
N VAL A 53 21.23 -21.40 -20.39
CA VAL A 53 20.59 -22.56 -19.79
C VAL A 53 19.28 -22.14 -19.15
N ILE A 54 18.28 -23.02 -19.23
CA ILE A 54 17.06 -22.93 -18.44
C ILE A 54 17.07 -24.05 -17.42
N GLU A 55 16.80 -23.70 -16.17
CA GLU A 55 16.77 -24.65 -15.06
C GLU A 55 15.31 -24.80 -14.65
N THR A 56 14.89 -26.02 -14.35
CA THR A 56 13.55 -26.23 -13.79
C THR A 56 13.53 -27.46 -12.91
N TYR A 57 12.75 -27.40 -11.85
CA TYR A 57 12.36 -28.59 -11.13
C TYR A 57 11.41 -29.44 -11.95
N VAL A 58 11.27 -30.71 -11.54
CA VAL A 58 10.18 -31.57 -12.00
C VAL A 58 9.20 -31.68 -10.83
N PHE A 59 7.91 -31.63 -11.12
CA PHE A 59 6.88 -31.51 -10.07
C PHE A 59 6.08 -32.79 -9.94
N TRP A 60 6.53 -33.66 -9.06
CA TRP A 60 6.00 -35.03 -8.96
C TRP A 60 4.52 -35.06 -8.69
N ASN A 61 4.07 -34.27 -7.73
CA ASN A 61 2.67 -34.25 -7.36
C ASN A 61 1.75 -33.88 -8.53
N GLY A 62 2.24 -33.01 -9.42
CA GLY A 62 1.49 -32.68 -10.64
C GLY A 62 1.46 -33.82 -11.64
N HIS A 63 2.57 -34.56 -11.73
CA HIS A 63 2.68 -35.65 -12.71
C HIS A 63 2.06 -36.95 -12.29
N GLU A 64 1.88 -37.16 -10.98
CA GLU A 64 1.34 -38.44 -10.52
C GLU A 64 0.26 -38.21 -9.47
N PRO A 65 -0.93 -37.75 -9.90
CA PRO A 65 -2.00 -37.41 -8.97
C PRO A 65 -2.57 -38.61 -8.20
N SER A 66 -2.40 -39.82 -8.73
CA SER A 66 -2.69 -41.05 -7.98
C SER A 66 -1.69 -42.12 -8.41
N PRO A 67 -1.46 -43.15 -7.58
CA PRO A 67 -0.36 -44.07 -7.89
C PRO A 67 -0.47 -44.72 -9.26
N GLY A 68 0.57 -44.56 -10.07
CA GLY A 68 0.63 -45.18 -11.39
C GLY A 68 -0.23 -44.51 -12.44
N LYS A 69 -0.83 -43.38 -12.10
CA LYS A 69 -1.65 -42.61 -13.03
C LYS A 69 -0.97 -41.28 -13.24
N TYR A 70 -0.59 -41.00 -14.47
CA TYR A 70 0.28 -39.87 -14.75
C TYR A 70 -0.38 -38.77 -15.57
N ASN A 71 0.15 -37.56 -15.39
CA ASN A 71 -0.27 -36.39 -16.13
C ASN A 71 0.92 -35.66 -16.72
N PHE A 72 1.00 -35.66 -18.05
CA PHE A 72 1.99 -34.89 -18.78
C PHE A 72 1.31 -34.00 -19.83
N GLU A 73 0.11 -33.54 -19.49
CA GLU A 73 -0.72 -32.76 -20.39
C GLU A 73 -0.64 -31.28 -20.06
N GLY A 74 -0.89 -30.45 -21.07
CA GLY A 74 -1.05 -29.01 -20.84
C GLY A 74 0.23 -28.42 -20.30
N ARG A 75 0.12 -27.62 -19.24
CA ARG A 75 1.31 -26.99 -18.68
C ARG A 75 2.15 -27.96 -17.87
N TYR A 76 1.72 -29.22 -17.80
CA TYR A 76 2.56 -30.29 -17.24
C TYR A 76 3.24 -31.13 -18.31
N ASP A 77 3.22 -30.63 -19.54
CA ASP A 77 3.91 -31.31 -20.63
C ASP A 77 5.41 -30.99 -20.58
N LEU A 78 6.10 -31.67 -19.68
CA LEU A 78 7.52 -31.49 -19.44
C LEU A 78 8.35 -31.69 -20.70
N VAL A 79 8.05 -32.72 -21.48
CA VAL A 79 8.81 -32.99 -22.69
C VAL A 79 8.68 -31.83 -23.68
N ARG A 80 7.45 -31.32 -23.81
CA ARG A 80 7.22 -30.19 -24.72
C ARG A 80 8.03 -28.98 -24.28
N PHE A 81 8.04 -28.72 -22.97
CA PHE A 81 8.80 -27.58 -22.44
C PHE A 81 10.29 -27.73 -22.74
N ILE A 82 10.84 -28.91 -22.45
CA ILE A 82 12.25 -29.18 -22.71
C ILE A 82 12.58 -29.03 -24.18
N LYS A 83 11.70 -29.52 -25.06
CA LYS A 83 11.92 -29.35 -26.49
C LYS A 83 11.86 -27.88 -26.91
N MET A 84 11.05 -27.07 -26.24
CA MET A 84 11.02 -25.64 -26.57
C MET A 84 12.32 -24.96 -26.16
N VAL A 85 12.89 -25.38 -25.04
CA VAL A 85 14.17 -24.80 -24.62
C VAL A 85 15.22 -25.14 -25.67
N GLN A 86 15.23 -26.41 -26.09
CA GLN A 86 16.14 -26.86 -27.13
C GLN A 86 15.98 -26.06 -28.42
N ARG A 87 14.74 -25.79 -28.83
CA ARG A 87 14.51 -24.98 -30.04
C ARG A 87 15.10 -23.57 -29.99
N ALA A 88 15.28 -23.03 -28.78
CA ALA A 88 15.87 -21.70 -28.60
C ALA A 88 17.40 -21.75 -28.53
N GLY A 89 17.97 -22.95 -28.63
CA GLY A 89 19.41 -23.13 -28.55
C GLY A 89 19.95 -23.00 -27.13
N LEU A 90 19.09 -23.24 -26.14
CA LEU A 90 19.53 -23.21 -24.74
C LEU A 90 19.64 -24.62 -24.19
N TYR A 91 20.49 -24.79 -23.19
CA TYR A 91 20.59 -26.08 -22.48
C TYR A 91 19.60 -26.12 -21.33
N VAL A 92 19.49 -27.28 -20.70
CA VAL A 92 18.60 -27.46 -19.54
C VAL A 92 19.36 -28.08 -18.38
N ASN A 93 19.10 -27.54 -17.19
CA ASN A 93 19.47 -28.21 -15.94
C ASN A 93 18.16 -28.75 -15.37
N LEU A 94 18.00 -30.08 -15.39
CA LEU A 94 16.73 -30.67 -14.98
C LEU A 94 16.84 -31.09 -13.51
N ARG A 95 16.14 -30.36 -12.64
CA ARG A 95 16.26 -30.62 -11.22
C ARG A 95 15.16 -31.59 -10.80
N ILE A 96 15.44 -32.88 -10.93
CA ILE A 96 14.39 -33.88 -10.80
C ILE A 96 13.87 -33.98 -9.37
N GLY A 97 14.78 -33.92 -8.40
CA GLY A 97 14.40 -34.04 -6.99
C GLY A 97 14.28 -35.50 -6.54
N PRO A 98 13.06 -36.01 -6.27
CA PRO A 98 11.75 -35.40 -6.49
C PRO A 98 11.21 -34.58 -5.30
N TYR A 99 11.95 -34.52 -4.19
CA TYR A 99 11.75 -33.40 -3.29
C TYR A 99 12.35 -32.18 -3.98
N VAL A 100 11.55 -31.14 -4.16
CA VAL A 100 12.02 -29.94 -4.84
C VAL A 100 11.88 -28.65 -4.03
N CYS A 101 11.18 -28.73 -2.89
CA CYS A 101 10.91 -27.55 -2.07
C CYS A 101 10.10 -26.53 -2.87
N ALA A 102 10.76 -25.52 -3.47
CA ALA A 102 10.17 -24.71 -4.55
C ALA A 102 8.96 -23.86 -4.14
N GLU A 103 8.78 -23.66 -2.85
CA GLU A 103 7.57 -23.01 -2.33
C GLU A 103 6.31 -23.63 -2.96
N TRP A 104 6.34 -24.95 -3.09
CA TRP A 104 5.37 -25.71 -3.85
C TRP A 104 4.72 -26.74 -2.96
N ASN A 105 3.42 -26.97 -3.15
CA ASN A 105 2.61 -27.85 -2.30
C ASN A 105 3.33 -29.13 -1.86
N PHE A 106 3.52 -29.28 -0.55
CA PHE A 106 4.13 -30.48 0.03
C PHE A 106 5.54 -30.76 -0.49
N GLY A 107 6.22 -29.71 -0.99
CA GLY A 107 7.59 -29.84 -1.48
C GLY A 107 7.71 -30.68 -2.75
N GLY A 108 6.57 -30.93 -3.38
CA GLY A 108 6.53 -31.73 -4.62
C GLY A 108 6.02 -33.15 -4.43
N PHE A 109 5.98 -33.64 -3.19
CA PHE A 109 5.50 -35.01 -2.99
C PHE A 109 4.00 -35.11 -3.20
N PRO A 110 3.55 -36.14 -3.92
CA PRO A 110 2.12 -36.41 -3.96
C PRO A 110 1.64 -36.71 -2.54
N VAL A 111 0.48 -36.15 -2.15
CA VAL A 111 -0.02 -36.36 -0.80
C VAL A 111 -0.30 -37.84 -0.53
N TRP A 112 -0.73 -38.58 -1.55
CA TRP A 112 -1.01 -40.01 -1.35
C TRP A 112 0.21 -40.75 -0.91
N LEU A 113 1.40 -40.26 -1.26
CA LEU A 113 2.65 -40.94 -0.91
C LEU A 113 2.80 -41.07 0.61
N LYS A 114 2.32 -40.06 1.33
CA LYS A 114 2.45 -40.02 2.79
C LYS A 114 1.79 -41.22 3.45
N TYR A 115 0.74 -41.75 2.80
CA TYR A 115 -0.13 -42.77 3.41
C TYR A 115 0.15 -44.21 2.96
N VAL A 116 1.22 -44.37 2.19
CA VAL A 116 1.69 -45.71 1.82
C VAL A 116 2.18 -46.40 3.10
N PRO A 117 1.79 -47.67 3.32
CA PRO A 117 2.23 -48.35 4.55
C PRO A 117 3.74 -48.33 4.74
N GLY A 118 4.17 -47.97 5.96
CA GLY A 118 5.59 -47.95 6.30
C GLY A 118 6.41 -46.80 5.76
N MET A 119 5.73 -45.82 5.15
CA MET A 119 6.39 -44.66 4.52
C MET A 119 7.05 -43.72 5.53
N GLU A 120 8.28 -43.31 5.23
CA GLU A 120 8.89 -42.16 5.87
C GLU A 120 9.61 -41.35 4.80
N PHE A 121 9.32 -40.06 4.71
CA PHE A 121 9.91 -39.21 3.66
C PHE A 121 11.39 -38.87 3.93
N ARG A 122 12.16 -38.81 2.86
CA ARG A 122 13.51 -38.21 2.85
C ARG A 122 14.44 -38.80 3.89
N THR A 123 14.48 -40.12 3.90
CA THR A 123 15.44 -40.85 4.72
C THR A 123 15.61 -42.25 4.14
N ASN A 124 16.40 -43.08 4.81
CA ASN A 124 16.70 -44.40 4.28
C ASN A 124 15.57 -45.40 4.53
N ASN A 125 14.45 -45.13 3.89
CA ASN A 125 13.20 -45.84 4.12
C ASN A 125 12.83 -46.58 2.84
N GLN A 126 12.51 -47.86 2.95
CA GLN A 126 12.30 -48.67 1.74
C GLN A 126 11.12 -48.23 0.86
N PRO A 127 9.92 -48.06 1.44
CA PRO A 127 8.82 -47.59 0.59
C PRO A 127 9.15 -46.25 -0.07
N PHE A 128 9.78 -45.34 0.66
CA PHE A 128 10.16 -44.06 0.07
C PHE A 128 11.13 -44.23 -1.08
N LYS A 129 12.16 -45.05 -0.87
CA LYS A 129 13.19 -45.24 -1.87
C LYS A 129 12.63 -45.89 -3.13
N VAL A 130 11.76 -46.87 -2.96
CA VAL A 130 11.15 -47.53 -4.11
C VAL A 130 10.35 -46.53 -4.93
N ALA A 131 9.54 -45.71 -4.28
CA ALA A 131 8.71 -44.75 -4.99
C ALA A 131 9.58 -43.68 -5.65
N MET A 132 10.55 -43.16 -4.91
CA MET A 132 11.45 -42.15 -5.45
C MET A 132 12.24 -42.65 -6.65
N GLN A 133 12.85 -43.83 -6.51
CA GLN A 133 13.59 -44.42 -7.62
C GLN A 133 12.69 -44.63 -8.83
N GLY A 134 11.46 -45.08 -8.59
CA GLY A 134 10.55 -45.34 -9.71
C GLY A 134 10.21 -44.09 -10.48
N PHE A 135 10.00 -42.99 -9.76
CA PHE A 135 9.64 -41.76 -10.44
C PHE A 135 10.84 -41.13 -11.16
N VAL A 136 11.98 -41.08 -10.48
CA VAL A 136 13.18 -40.54 -11.11
C VAL A 136 13.55 -41.37 -12.34
N GLN A 137 13.47 -42.70 -12.22
CA GLN A 137 13.75 -43.56 -13.37
C GLN A 137 12.77 -43.27 -14.52
N LYS A 138 11.50 -43.08 -14.20
CA LYS A 138 10.52 -42.80 -15.24
C LYS A 138 10.87 -41.51 -16.00
N ILE A 139 11.18 -40.46 -15.27
CA ILE A 139 11.53 -39.19 -15.88
C ILE A 139 12.78 -39.32 -16.73
N VAL A 140 13.82 -39.96 -16.17
CA VAL A 140 15.05 -40.13 -16.92
C VAL A 140 14.81 -40.91 -18.21
N ASN A 141 14.04 -41.99 -18.12
CA ASN A 141 13.74 -42.78 -19.33
C ASN A 141 12.89 -42.03 -20.35
N MET A 142 11.97 -41.18 -19.88
CA MET A 142 11.21 -40.35 -20.81
C MET A 142 12.14 -39.42 -21.58
N MET A 143 13.12 -38.85 -20.88
CA MET A 143 14.07 -37.93 -21.52
C MET A 143 14.96 -38.69 -22.50
N LYS A 144 15.47 -39.84 -22.07
CA LYS A 144 16.35 -40.65 -22.92
C LYS A 144 15.63 -41.13 -24.18
N SER A 145 14.33 -41.43 -24.06
CA SER A 145 13.59 -42.00 -25.18
C SER A 145 13.65 -41.07 -26.40
N GLU A 146 13.74 -39.77 -26.14
CA GLU A 146 13.82 -38.81 -27.22
C GLU A 146 15.15 -38.05 -27.29
N ASN A 147 16.19 -38.72 -26.81
CA ASN A 147 17.54 -38.18 -26.89
C ASN A 147 17.61 -36.77 -26.32
N LEU A 148 16.97 -36.55 -25.17
CA LEU A 148 16.93 -35.20 -24.61
C LEU A 148 18.10 -34.83 -23.73
N PHE A 149 18.96 -35.79 -23.38
CA PHE A 149 20.21 -35.47 -22.71
C PHE A 149 21.24 -35.07 -23.75
N GLU A 150 22.16 -34.17 -23.38
CA GLU A 150 23.12 -33.59 -24.34
C GLU A 150 24.03 -34.63 -24.94
N SER A 151 24.32 -35.68 -24.17
CA SER A 151 25.11 -36.83 -24.62
C SER A 151 24.48 -37.50 -25.83
N GLN A 152 23.18 -37.28 -26.03
CA GLN A 152 22.43 -37.81 -27.16
C GLN A 152 22.04 -36.70 -28.16
N GLY A 153 22.60 -35.51 -28.00
CA GLY A 153 22.26 -34.37 -28.87
C GLY A 153 21.17 -33.45 -28.36
N GLY A 154 20.61 -33.79 -27.20
CA GLY A 154 19.52 -33.00 -26.60
C GLY A 154 20.03 -31.85 -25.74
N PRO A 155 19.11 -31.14 -25.08
CA PRO A 155 19.47 -29.96 -24.32
C PRO A 155 19.92 -30.19 -22.87
N ILE A 156 19.57 -31.33 -22.28
CA ILE A 156 19.82 -31.49 -20.84
C ILE A 156 21.28 -31.79 -20.56
N ILE A 157 21.95 -30.88 -19.88
CA ILE A 157 23.40 -30.96 -19.63
C ILE A 157 23.77 -31.41 -18.23
N MET A 158 22.78 -31.49 -17.34
CA MET A 158 22.98 -31.94 -15.97
C MET A 158 21.62 -32.14 -15.33
N ALA A 159 21.58 -32.90 -14.24
CA ALA A 159 20.35 -33.10 -13.48
C ALA A 159 20.64 -33.12 -12.00
N GLN A 160 19.66 -32.72 -11.21
CA GLN A 160 19.79 -32.71 -9.76
C GLN A 160 18.97 -33.82 -9.12
N ILE A 161 19.59 -34.52 -8.17
CA ILE A 161 18.88 -35.48 -7.32
C ILE A 161 18.71 -34.88 -5.92
N GLU A 162 17.54 -35.09 -5.30
CA GLU A 162 17.17 -34.44 -4.04
C GLU A 162 17.17 -32.92 -4.19
N ASN A 163 17.10 -32.20 -3.07
CA ASN A 163 17.20 -30.74 -3.06
C ASN A 163 17.51 -30.29 -1.64
N GLU A 164 18.70 -29.69 -1.44
CA GLU A 164 19.10 -29.16 -0.13
C GLU A 164 18.93 -30.19 1.00
N TYR A 165 19.44 -31.39 0.76
CA TYR A 165 19.31 -32.46 1.76
C TYR A 165 20.36 -32.36 2.87
N GLY A 166 21.47 -31.68 2.60
CA GLY A 166 22.54 -31.54 3.60
C GLY A 166 22.05 -31.18 4.99
N PRO A 167 21.28 -30.10 5.11
CA PRO A 167 20.75 -29.67 6.42
C PRO A 167 19.81 -30.67 7.07
N VAL A 168 19.13 -31.48 6.27
CA VAL A 168 18.28 -32.55 6.82
C VAL A 168 19.17 -33.63 7.46
N GLU A 169 20.22 -34.06 6.75
CA GLU A 169 21.14 -35.04 7.34
C GLU A 169 21.68 -34.53 8.67
N TRP A 170 22.05 -33.24 8.71
CA TRP A 170 22.65 -32.65 9.90
C TRP A 170 21.82 -32.94 11.11
N GLU A 171 20.49 -32.97 10.92
CA GLU A 171 19.56 -33.15 12.02
C GLU A 171 19.21 -34.60 12.30
N ILE A 172 19.01 -35.40 11.25
CA ILE A 172 18.55 -36.78 11.46
C ILE A 172 19.69 -37.81 11.56
N GLY A 173 20.91 -37.39 11.27
CA GLY A 173 22.08 -38.25 11.46
C GLY A 173 22.30 -39.36 10.43
N ALA A 174 22.83 -40.48 10.90
CA ALA A 174 23.32 -41.56 10.02
C ALA A 174 22.35 -42.08 8.96
N PRO A 175 21.05 -42.27 9.30
CA PRO A 175 20.13 -42.72 8.24
C PRO A 175 20.08 -41.72 7.07
N GLY A 176 20.24 -40.43 7.40
CA GLY A 176 20.38 -39.38 6.39
C GLY A 176 21.64 -39.53 5.57
N LYS A 177 22.77 -39.85 6.23
CA LYS A 177 24.02 -40.08 5.50
C LYS A 177 23.83 -41.23 4.53
N ALA A 178 23.21 -42.31 5.03
CA ALA A 178 22.99 -43.51 4.19
C ALA A 178 22.07 -43.21 3.02
N TYR A 179 21.01 -42.45 3.26
CA TYR A 179 20.07 -42.06 2.21
C TYR A 179 20.76 -41.20 1.14
N THR A 180 21.59 -40.26 1.57
CA THR A 180 22.37 -39.43 0.62
C THR A 180 23.20 -40.29 -0.33
N LYS A 181 23.94 -41.23 0.26
CA LYS A 181 24.80 -42.10 -0.54
C LYS A 181 23.95 -42.94 -1.51
N TRP A 182 22.83 -43.46 -1.02
CA TRP A 182 21.92 -44.21 -1.86
C TRP A 182 21.38 -43.37 -3.00
N ALA A 183 20.92 -42.15 -2.70
CA ALA A 183 20.30 -41.30 -3.73
C ALA A 183 21.28 -40.94 -4.84
N ALA A 184 22.51 -40.60 -4.45
CA ALA A 184 23.54 -40.27 -5.41
C ALA A 184 23.87 -41.45 -6.32
N GLN A 185 24.08 -42.63 -5.72
CA GLN A 185 24.46 -43.78 -6.55
C GLN A 185 23.30 -44.25 -7.43
N MET A 186 22.08 -44.13 -6.91
CA MET A 186 20.89 -44.51 -7.67
C MET A 186 20.78 -43.61 -8.89
N ALA A 187 20.94 -42.30 -8.68
CA ALA A 187 20.78 -41.35 -9.77
C ALA A 187 21.86 -41.59 -10.83
N VAL A 188 23.11 -41.67 -10.40
CA VAL A 188 24.23 -41.91 -11.30
C VAL A 188 24.01 -43.20 -12.09
N GLY A 189 23.45 -44.20 -11.42
CA GLY A 189 23.18 -45.51 -12.04
C GLY A 189 22.09 -45.50 -13.10
N LEU A 190 21.33 -44.41 -13.21
CA LEU A 190 20.31 -44.28 -14.26
C LEU A 190 20.93 -43.98 -15.63
N LYS A 191 22.24 -43.69 -15.65
CA LYS A 191 23.03 -43.56 -16.87
C LYS A 191 22.47 -42.51 -17.83
N THR A 192 22.50 -41.25 -17.41
CA THR A 192 21.98 -40.16 -18.24
C THR A 192 23.00 -39.71 -19.28
N GLY A 193 24.27 -40.02 -19.03
CA GLY A 193 25.37 -39.56 -19.89
C GLY A 193 25.88 -38.16 -19.55
N VAL A 194 25.27 -37.51 -18.57
CA VAL A 194 25.66 -36.16 -18.16
C VAL A 194 25.78 -36.04 -16.63
N PRO A 195 26.44 -34.98 -16.14
CA PRO A 195 26.67 -34.90 -14.71
C PRO A 195 25.41 -34.83 -13.87
N TRP A 196 25.54 -35.32 -12.64
CA TRP A 196 24.55 -35.13 -11.60
C TRP A 196 25.06 -34.14 -10.60
N ILE A 197 24.13 -33.36 -10.04
CA ILE A 197 24.43 -32.37 -9.02
C ILE A 197 23.52 -32.54 -7.80
N MET A 198 23.99 -32.06 -6.65
CA MET A 198 23.18 -31.95 -5.44
C MET A 198 23.46 -30.60 -4.82
N CYS A 199 22.43 -29.83 -4.52
CA CYS A 199 22.66 -28.51 -3.91
C CYS A 199 22.66 -28.61 -2.40
N LYS A 200 23.56 -27.86 -1.78
CA LYS A 200 23.72 -27.81 -0.33
C LYS A 200 23.94 -29.24 0.18
N GLN A 201 25.05 -29.85 -0.24
CA GLN A 201 25.34 -31.24 0.04
C GLN A 201 26.85 -31.44 0.10
N GLU A 202 27.46 -30.95 1.17
CA GLU A 202 28.91 -30.97 1.33
C GLU A 202 29.53 -32.37 1.15
N ASP A 203 28.77 -33.40 1.49
CA ASP A 203 29.27 -34.77 1.42
C ASP A 203 28.88 -35.53 0.15
N ALA A 204 28.40 -34.83 -0.88
CA ALA A 204 27.97 -35.51 -2.11
C ALA A 204 29.09 -36.41 -2.65
N PRO A 205 28.83 -37.72 -2.77
CA PRO A 205 29.88 -38.64 -3.25
C PRO A 205 30.20 -38.45 -4.73
N ASP A 206 31.45 -38.67 -5.12
CA ASP A 206 31.81 -38.71 -6.53
C ASP A 206 30.86 -39.69 -7.23
N PRO A 207 30.51 -39.41 -8.49
CA PRO A 207 30.93 -38.30 -9.34
C PRO A 207 29.98 -37.10 -9.27
N VAL A 208 29.14 -37.06 -8.25
CA VAL A 208 28.17 -35.97 -8.12
C VAL A 208 28.87 -34.65 -7.75
N ILE A 209 28.45 -33.54 -8.38
CA ILE A 209 29.00 -32.23 -8.05
C ILE A 209 28.07 -31.57 -7.04
N ASP A 210 28.61 -31.14 -5.90
CA ASP A 210 27.78 -30.40 -4.93
C ASP A 210 27.81 -28.91 -5.29
N THR A 211 26.69 -28.25 -5.04
CA THR A 211 26.48 -26.88 -5.49
C THR A 211 25.97 -26.00 -4.37
N CYS A 212 25.92 -24.70 -4.65
CA CYS A 212 25.59 -23.69 -3.65
C CYS A 212 24.31 -22.94 -4.00
N ASN A 213 23.51 -22.62 -2.98
CA ASN A 213 22.32 -21.76 -3.12
C ASN A 213 22.44 -20.57 -2.20
N GLY A 214 21.87 -19.43 -2.60
CA GLY A 214 21.85 -18.31 -1.69
C GLY A 214 21.85 -16.97 -2.39
N PHE A 215 21.87 -15.90 -1.60
CA PHE A 215 22.01 -14.56 -2.15
C PHE A 215 23.43 -14.34 -2.66
N TYR A 216 24.39 -15.00 -2.01
CA TYR A 216 25.80 -14.90 -2.38
C TYR A 216 26.44 -16.26 -2.27
N CYS A 217 27.35 -16.58 -3.17
CA CYS A 217 28.04 -17.87 -3.06
C CYS A 217 29.51 -17.74 -3.42
N GLU A 218 30.07 -16.54 -3.34
CA GLU A 218 31.46 -16.31 -3.81
C GLU A 218 32.54 -17.14 -3.09
N GLY A 219 32.30 -17.47 -1.83
CA GLY A 219 33.26 -18.23 -1.01
C GLY A 219 33.12 -19.73 -1.11
N PHE A 220 32.09 -20.18 -1.81
CA PHE A 220 31.81 -21.60 -1.92
C PHE A 220 32.88 -22.31 -2.74
N ARG A 221 33.26 -23.51 -2.33
CA ARG A 221 34.03 -24.42 -3.18
C ARG A 221 33.39 -25.80 -3.11
N PRO A 222 33.35 -26.51 -4.25
CA PRO A 222 32.81 -27.86 -4.21
C PRO A 222 33.72 -28.80 -3.44
N ASN A 223 33.21 -30.01 -3.19
CA ASN A 223 33.87 -30.88 -2.23
C ASN A 223 35.08 -31.64 -2.73
N LYS A 224 35.43 -31.46 -4.02
CA LYS A 224 36.68 -31.99 -4.58
C LYS A 224 37.28 -30.96 -5.52
N PRO A 225 38.62 -30.92 -5.61
CA PRO A 225 39.25 -29.89 -6.46
C PRO A 225 38.97 -30.11 -7.95
N TYR A 226 38.58 -31.33 -8.32
CA TYR A 226 38.35 -31.67 -9.72
C TYR A 226 36.88 -31.51 -10.15
N LYS A 227 36.09 -30.86 -9.30
CA LYS A 227 34.72 -30.49 -9.61
C LYS A 227 34.62 -28.98 -9.82
N PRO A 228 33.76 -28.55 -10.75
CA PRO A 228 33.58 -27.12 -11.02
C PRO A 228 32.71 -26.44 -9.96
N LYS A 229 32.83 -25.12 -9.87
CA LYS A 229 32.16 -24.32 -8.85
C LYS A 229 30.86 -23.77 -9.42
N MET A 230 29.73 -24.19 -8.85
CA MET A 230 28.42 -23.93 -9.44
C MET A 230 27.41 -23.40 -8.42
N TRP A 231 26.62 -22.43 -8.85
CA TRP A 231 25.65 -21.75 -8.01
C TRP A 231 24.29 -22.01 -8.59
N THR A 232 23.55 -22.92 -7.98
CA THR A 232 22.29 -23.39 -8.55
C THR A 232 21.10 -22.45 -8.32
N GLU A 233 21.19 -21.59 -7.30
CA GLU A 233 20.12 -20.61 -7.04
C GLU A 233 20.69 -19.28 -6.58
N VAL A 234 20.82 -18.35 -7.53
CA VAL A 234 21.08 -16.94 -7.22
C VAL A 234 19.70 -16.34 -6.94
N TRP A 235 19.35 -16.13 -5.67
CA TRP A 235 17.99 -15.65 -5.38
C TRP A 235 17.78 -14.25 -5.87
N THR A 236 16.74 -14.06 -6.67
CA THR A 236 16.55 -12.78 -7.37
C THR A 236 15.62 -11.85 -6.60
N GLY A 237 15.17 -12.32 -5.45
CA GLY A 237 14.18 -11.63 -4.62
C GLY A 237 13.78 -12.63 -3.57
N TRP A 238 12.48 -12.74 -3.30
CA TRP A 238 11.96 -13.79 -2.42
C TRP A 238 10.56 -14.10 -2.82
N TYR A 239 9.98 -15.13 -2.23
CA TYR A 239 8.60 -15.45 -2.50
C TYR A 239 7.69 -14.47 -1.77
N THR A 240 6.47 -14.32 -2.27
CA THR A 240 5.43 -13.56 -1.59
C THR A 240 4.59 -14.53 -0.79
N LYS A 241 4.36 -14.23 0.48
CA LYS A 241 3.40 -15.01 1.24
C LYS A 241 2.11 -14.24 1.36
N PHE A 242 0.99 -14.96 1.42
CA PHE A 242 -0.26 -14.33 1.83
C PHE A 242 -0.06 -13.78 3.25
N GLY A 243 -0.35 -12.50 3.43
CA GLY A 243 -0.11 -11.83 4.71
C GLY A 243 1.27 -11.22 4.84
N GLY A 244 2.07 -11.32 3.79
CA GLY A 244 3.39 -10.72 3.76
C GLY A 244 3.49 -9.64 2.68
N PRO A 245 4.57 -8.86 2.70
CA PRO A 245 4.83 -7.80 1.72
C PRO A 245 5.38 -8.37 0.42
N ILE A 246 5.64 -7.47 -0.54
CA ILE A 246 6.25 -7.85 -1.81
C ILE A 246 7.76 -7.61 -1.72
N PRO A 247 8.53 -8.69 -1.74
CA PRO A 247 9.97 -8.52 -1.57
C PRO A 247 10.69 -8.22 -2.88
N GLN A 248 11.65 -7.31 -2.82
CA GLN A 248 12.49 -7.00 -3.96
C GLN A 248 13.96 -7.22 -3.62
N ARG A 249 14.76 -7.49 -4.64
CA ARG A 249 16.22 -7.50 -4.49
C ARG A 249 16.81 -6.62 -5.58
N PRO A 250 17.58 -5.59 -5.19
CA PRO A 250 18.11 -4.64 -6.15
C PRO A 250 18.99 -5.26 -7.24
N ALA A 251 18.77 -4.86 -8.49
CA ALA A 251 19.60 -5.32 -9.60
C ALA A 251 21.10 -5.16 -9.36
N GLU A 252 21.50 -4.05 -8.75
CA GLU A 252 22.91 -3.78 -8.49
C GLU A 252 23.54 -4.78 -7.53
N ASP A 253 22.76 -5.23 -6.55
CA ASP A 253 23.25 -6.22 -5.60
C ASP A 253 23.29 -7.59 -6.25
N ILE A 254 22.27 -7.96 -7.04
CA ILE A 254 22.33 -9.24 -7.75
C ILE A 254 23.56 -9.27 -8.66
N ALA A 255 23.74 -8.21 -9.44
CA ALA A 255 24.88 -8.14 -10.36
C ALA A 255 26.23 -8.24 -9.63
N PHE A 256 26.34 -7.55 -8.48
CA PHE A 256 27.54 -7.64 -7.65
C PHE A 256 27.78 -9.10 -7.22
N SER A 257 26.73 -9.75 -6.74
CA SER A 257 26.86 -11.13 -6.24
C SER A 257 27.32 -12.09 -7.34
N VAL A 258 26.80 -11.90 -8.55
CA VAL A 258 27.16 -12.76 -9.67
C VAL A 258 28.62 -12.50 -10.07
N ALA A 259 28.98 -11.25 -10.23
CA ALA A 259 30.36 -10.90 -10.55
C ALA A 259 31.32 -11.39 -9.47
N ARG A 260 30.91 -11.31 -8.21
CA ARG A 260 31.76 -11.79 -7.10
C ARG A 260 32.04 -13.29 -7.20
N PHE A 261 31.04 -14.04 -7.65
CA PHE A 261 31.15 -15.48 -7.85
C PHE A 261 31.99 -15.81 -9.09
N VAL A 262 31.68 -15.14 -10.19
CA VAL A 262 32.41 -15.40 -11.45
C VAL A 262 33.88 -15.02 -11.34
N GLN A 263 34.18 -13.94 -10.63
CA GLN A 263 35.58 -13.54 -10.44
C GLN A 263 36.34 -14.51 -9.54
N ASN A 264 35.63 -15.35 -8.81
CA ASN A 264 36.27 -16.34 -7.92
C ASN A 264 36.14 -17.75 -8.50
N ASN A 265 36.50 -17.92 -9.77
CA ASN A 265 36.42 -19.23 -10.44
C ASN A 265 35.03 -19.84 -10.68
N GLY A 266 33.96 -19.10 -10.36
CA GLY A 266 32.60 -19.63 -10.54
C GLY A 266 32.28 -19.82 -12.01
N SER A 267 31.79 -21.00 -12.38
CA SER A 267 31.59 -21.32 -13.81
C SER A 267 30.15 -21.62 -14.22
N PHE A 268 29.23 -21.72 -13.26
CA PHE A 268 27.81 -21.88 -13.55
C PHE A 268 27.05 -21.11 -12.50
N PHE A 269 26.12 -20.26 -12.92
CA PHE A 269 25.24 -19.62 -11.95
C PHE A 269 23.86 -19.54 -12.57
N ASN A 270 22.84 -19.71 -11.72
CA ASN A 270 21.46 -19.75 -12.19
C ASN A 270 20.57 -18.83 -11.38
N TYR A 271 19.85 -17.94 -12.04
CA TYR A 271 18.88 -17.08 -11.35
C TYR A 271 17.64 -17.83 -10.89
N TYR A 272 17.37 -17.80 -9.59
CA TYR A 272 16.14 -18.37 -9.06
C TYR A 272 15.34 -17.20 -8.47
N MET A 273 14.28 -16.73 -9.13
CA MET A 273 13.73 -17.21 -10.39
C MET A 273 14.13 -16.29 -11.53
N TYR A 274 14.16 -16.82 -12.75
CA TYR A 274 14.30 -15.96 -13.91
C TYR A 274 12.92 -15.52 -14.42
N HIS A 275 12.01 -16.47 -14.56
CA HIS A 275 10.59 -16.16 -14.57
C HIS A 275 9.96 -16.93 -13.44
N GLY A 276 9.30 -16.22 -12.52
CA GLY A 276 8.66 -16.84 -11.37
C GLY A 276 7.25 -17.33 -11.69
N GLY A 277 6.43 -16.46 -12.28
CA GLY A 277 5.10 -16.86 -12.73
C GLY A 277 4.09 -17.00 -11.60
N THR A 278 3.23 -18.00 -11.74
CA THR A 278 2.00 -18.06 -10.95
C THR A 278 1.77 -19.46 -10.41
N ASN A 279 1.24 -19.54 -9.18
CA ASN A 279 0.79 -20.78 -8.58
C ASN A 279 -0.69 -20.95 -8.92
N PHE A 280 -0.95 -21.56 -10.08
CA PHE A 280 -2.33 -21.78 -10.56
C PHE A 280 -3.03 -22.88 -9.74
N GLY A 281 -4.36 -22.88 -9.75
CA GLY A 281 -5.11 -23.97 -9.11
C GLY A 281 -4.90 -24.05 -7.61
N ARG A 282 -5.04 -25.24 -7.07
CA ARG A 282 -4.93 -25.43 -5.62
C ARG A 282 -3.93 -26.51 -5.22
N THR A 283 -3.15 -27.01 -6.19
CA THR A 283 -2.06 -27.92 -5.89
C THR A 283 -0.77 -27.35 -6.48
N SER A 284 -0.41 -26.14 -6.07
CA SER A 284 0.77 -25.48 -6.58
C SER A 284 1.47 -24.79 -5.42
N SER A 285 0.84 -23.76 -4.87
CA SER A 285 1.36 -23.07 -3.69
C SER A 285 1.71 -23.97 -2.53
N GLY A 286 2.89 -23.73 -1.96
CA GLY A 286 3.22 -24.27 -0.65
C GLY A 286 2.50 -23.50 0.45
N LEU A 287 2.78 -23.88 1.68
CA LEU A 287 2.16 -23.31 2.87
C LEU A 287 2.20 -21.77 2.87
N PHE A 288 1.01 -21.17 2.87
CA PHE A 288 0.85 -19.69 2.87
C PHE A 288 1.58 -18.95 1.74
N ILE A 289 1.93 -19.64 0.67
CA ILE A 289 2.61 -19.01 -0.45
C ILE A 289 1.54 -18.34 -1.33
N ALA A 290 1.75 -17.07 -1.69
CA ALA A 290 0.77 -16.36 -2.53
C ALA A 290 0.66 -17.00 -3.93
N THR A 291 -0.45 -16.73 -4.58
CA THR A 291 -0.68 -17.18 -5.94
C THR A 291 0.35 -16.54 -6.88
N SER A 292 0.66 -15.27 -6.66
CA SER A 292 1.79 -14.65 -7.35
C SER A 292 3.13 -15.24 -6.90
N TYR A 293 3.91 -15.77 -7.83
CA TYR A 293 5.28 -16.22 -7.53
C TYR A 293 6.29 -15.32 -8.25
N ASP A 294 6.03 -14.02 -8.20
CA ASP A 294 6.76 -13.07 -9.03
C ASP A 294 8.28 -13.11 -8.78
N TYR A 295 8.66 -13.14 -7.50
CA TYR A 295 10.06 -13.29 -7.04
C TYR A 295 10.95 -12.09 -7.35
N ASP A 296 10.35 -10.99 -7.82
CA ASP A 296 11.10 -9.84 -8.36
C ASP A 296 12.02 -10.33 -9.47
N ALA A 297 11.57 -11.36 -10.20
CA ALA A 297 12.36 -11.99 -11.25
C ALA A 297 12.60 -11.04 -12.41
N PRO A 298 13.67 -11.28 -13.20
CA PRO A 298 13.91 -10.49 -14.41
C PRO A 298 12.73 -10.46 -15.37
N LEU A 299 11.96 -11.55 -15.43
CA LEU A 299 10.67 -11.58 -16.13
C LEU A 299 9.59 -11.63 -15.07
N ASP A 300 8.67 -10.66 -15.11
CA ASP A 300 7.66 -10.57 -14.06
C ASP A 300 6.62 -11.68 -14.15
N GLU A 301 5.69 -11.73 -13.20
CA GLU A 301 4.74 -12.83 -13.13
C GLU A 301 4.05 -13.08 -14.48
N TYR A 302 3.80 -11.99 -15.19
CA TYR A 302 3.01 -11.98 -16.41
C TYR A 302 3.86 -12.21 -17.65
N GLY A 303 5.16 -12.37 -17.46
CA GLY A 303 6.11 -12.57 -18.55
C GLY A 303 6.72 -11.29 -19.12
N LEU A 304 6.40 -10.16 -18.52
CA LEU A 304 6.92 -8.88 -19.00
C LEU A 304 8.33 -8.59 -18.47
N LEU A 305 9.11 -7.81 -19.22
CA LEU A 305 10.45 -7.50 -18.75
C LEU A 305 10.40 -6.63 -17.50
N ASN A 306 11.04 -7.12 -16.42
CA ASN A 306 11.18 -6.35 -15.19
C ASN A 306 12.40 -5.47 -15.32
N GLU A 307 12.22 -4.25 -15.82
CA GLU A 307 13.31 -3.31 -15.96
C GLU A 307 13.43 -2.43 -14.70
N PRO A 308 14.68 -2.06 -14.30
CA PRO A 308 15.91 -2.24 -15.05
C PRO A 308 16.66 -3.55 -14.81
N LYS A 309 16.13 -4.43 -13.97
CA LYS A 309 16.86 -5.67 -13.63
C LYS A 309 17.17 -6.52 -14.88
N TYR A 310 16.17 -6.71 -15.74
CA TYR A 310 16.35 -7.53 -16.93
C TYR A 310 17.52 -7.03 -17.77
N GLY A 311 17.51 -5.74 -18.10
CA GLY A 311 18.56 -5.17 -18.93
C GLY A 311 19.92 -5.07 -18.25
N HIS A 312 19.93 -4.83 -16.94
CA HIS A 312 21.19 -4.72 -16.21
C HIS A 312 21.90 -6.04 -16.18
N LEU A 313 21.12 -7.11 -16.04
CA LEU A 313 21.72 -8.46 -16.05
C LEU A 313 22.08 -8.86 -17.48
N ARG A 314 21.27 -8.43 -18.45
CA ARG A 314 21.62 -8.65 -19.85
C ARG A 314 23.01 -8.07 -20.15
N ASP A 315 23.27 -6.87 -19.67
CA ASP A 315 24.56 -6.22 -19.90
C ASP A 315 25.70 -6.91 -19.15
N LEU A 316 25.42 -7.38 -17.94
CA LEU A 316 26.39 -8.20 -17.20
C LEU A 316 26.79 -9.42 -18.02
N HIS A 317 25.78 -10.07 -18.58
CA HIS A 317 26.01 -11.28 -19.37
C HIS A 317 26.84 -11.01 -20.59
N LYS A 318 26.61 -9.87 -21.25
CA LYS A 318 27.43 -9.50 -22.41
C LYS A 318 28.88 -9.36 -22.00
N ALA A 319 29.12 -8.74 -20.85
CA ALA A 319 30.48 -8.54 -20.34
C ALA A 319 31.14 -9.88 -20.02
N ILE A 320 30.37 -10.81 -19.45
CA ILE A 320 30.91 -12.14 -19.17
C ILE A 320 31.24 -12.86 -20.48
N LYS A 321 30.36 -12.76 -21.48
CA LYS A 321 30.64 -13.38 -22.78
C LYS A 321 31.92 -12.83 -23.43
N LEU A 322 32.12 -11.53 -23.35
CA LEU A 322 33.36 -10.93 -23.88
C LEU A 322 34.59 -11.48 -23.15
N SER A 323 34.43 -11.77 -21.87
CA SER A 323 35.51 -12.25 -21.01
C SER A 323 35.73 -13.76 -21.11
N GLU A 324 34.77 -14.49 -21.68
CA GLU A 324 34.74 -15.96 -21.56
C GLU A 324 35.99 -16.68 -22.10
N PRO A 325 36.49 -16.28 -23.30
CA PRO A 325 37.67 -16.99 -23.76
C PRO A 325 38.83 -16.95 -22.75
N ALA A 326 39.00 -15.81 -22.06
CA ALA A 326 39.99 -15.72 -20.97
C ALA A 326 39.56 -16.55 -19.76
N LEU A 327 38.28 -16.48 -19.40
CA LEU A 327 37.79 -17.20 -18.23
C LEU A 327 38.02 -18.69 -18.33
N VAL A 328 37.84 -19.25 -19.51
CA VAL A 328 37.93 -20.72 -19.63
C VAL A 328 39.35 -21.22 -19.90
N SER A 329 40.31 -20.30 -20.07
CA SER A 329 41.68 -20.70 -20.38
C SER A 329 42.67 -20.23 -19.31
N SER A 330 42.14 -19.90 -18.14
CA SER A 330 42.95 -19.49 -17.00
C SER A 330 42.15 -19.63 -15.71
N TYR A 331 42.80 -19.34 -14.60
CA TYR A 331 42.17 -19.35 -13.28
C TYR A 331 42.29 -17.96 -12.67
N ALA A 332 41.41 -17.64 -11.72
CA ALA A 332 41.38 -16.31 -11.12
C ALA A 332 42.61 -16.09 -10.24
N ALA A 333 43.34 -15.02 -10.53
CA ALA A 333 44.52 -14.65 -9.72
C ALA A 333 44.24 -13.30 -9.05
N VAL A 334 44.41 -13.24 -7.74
CA VAL A 334 44.08 -12.05 -6.99
C VAL A 334 45.27 -11.11 -6.84
N THR A 335 45.02 -9.83 -7.05
CA THR A 335 45.94 -8.78 -6.63
C THR A 335 45.17 -7.84 -5.71
N SER A 336 45.75 -7.53 -4.57
CA SER A 336 45.15 -6.55 -3.66
C SER A 336 45.23 -5.15 -4.31
N LEU A 337 44.17 -4.36 -4.14
CA LEU A 337 44.15 -3.00 -4.68
C LEU A 337 44.07 -1.95 -3.59
N GLY A 338 43.58 -2.35 -2.43
CA GLY A 338 43.34 -1.47 -1.29
C GLY A 338 42.75 -2.29 -0.16
N SER A 339 42.44 -1.62 0.95
CA SER A 339 41.93 -2.28 2.16
C SER A 339 40.76 -3.23 1.94
N ASN A 340 39.86 -2.87 1.02
CA ASN A 340 38.68 -3.68 0.71
C ASN A 340 38.40 -3.75 -0.78
N GLN A 341 39.48 -3.83 -1.56
CA GLN A 341 39.43 -3.76 -3.02
C GLN A 341 40.44 -4.74 -3.59
N GLU A 342 40.03 -5.43 -4.67
CA GLU A 342 40.88 -6.44 -5.30
C GLU A 342 40.71 -6.46 -6.81
N ALA A 343 41.72 -7.00 -7.50
CA ALA A 343 41.62 -7.37 -8.89
C ALA A 343 41.67 -8.88 -8.96
N HIS A 344 40.69 -9.46 -9.65
CA HIS A 344 40.72 -10.88 -10.00
C HIS A 344 40.97 -10.95 -11.47
N VAL A 345 42.11 -11.52 -11.85
CA VAL A 345 42.59 -11.49 -13.22
C VAL A 345 42.70 -12.89 -13.78
N TYR A 346 42.17 -13.05 -14.99
CA TYR A 346 42.23 -14.29 -15.75
C TYR A 346 43.11 -14.05 -16.97
N ARG A 347 44.37 -14.45 -16.88
CA ARG A 347 45.34 -14.20 -17.94
C ARG A 347 45.82 -15.54 -18.46
N SER A 348 45.49 -15.83 -19.71
CA SER A 348 45.83 -17.13 -20.30
C SER A 348 47.28 -17.17 -20.78
N LYS A 349 47.80 -18.40 -20.93
CA LYS A 349 49.14 -18.63 -21.48
C LYS A 349 49.32 -17.94 -22.83
N SER A 350 48.22 -17.73 -23.56
CA SER A 350 48.26 -17.17 -24.90
C SER A 350 48.18 -15.65 -24.94
N GLY A 351 47.77 -15.03 -23.84
CA GLY A 351 47.69 -13.57 -23.79
C GLY A 351 46.32 -12.97 -23.58
N ALA A 352 45.26 -13.74 -23.84
CA ALA A 352 43.89 -13.28 -23.52
C ALA A 352 43.84 -12.90 -22.04
N CYS A 353 43.14 -11.82 -21.72
CA CYS A 353 43.12 -11.32 -20.35
C CYS A 353 41.76 -10.69 -20.04
N ALA A 354 41.13 -11.14 -18.96
CA ALA A 354 39.96 -10.45 -18.42
C ALA A 354 40.18 -10.15 -16.95
N ALA A 355 39.70 -9.00 -16.48
CA ALA A 355 39.87 -8.60 -15.10
C ALA A 355 38.58 -8.11 -14.47
N PHE A 356 38.45 -8.42 -13.19
CA PHE A 356 37.35 -7.91 -12.36
C PHE A 356 37.96 -7.04 -11.28
N LEU A 357 37.51 -5.79 -11.19
CA LEU A 357 37.98 -4.87 -10.14
C LEU A 357 36.87 -4.62 -9.15
N SER A 358 37.13 -4.94 -7.89
CA SER A 358 36.09 -4.98 -6.86
C SER A 358 36.27 -3.99 -5.73
N ASN A 359 35.15 -3.47 -5.25
CA ASN A 359 35.11 -2.67 -4.05
C ASN A 359 34.05 -3.27 -3.13
N TYR A 360 34.50 -3.92 -2.05
CA TYR A 360 33.59 -4.57 -1.10
C TYR A 360 33.09 -3.63 -0.01
N ASP A 361 33.62 -2.41 0.02
CA ASP A 361 33.18 -1.42 1.01
C ASP A 361 31.73 -1.06 0.67
N SER A 362 30.82 -1.26 1.62
CA SER A 362 29.41 -0.98 1.37
C SER A 362 29.02 0.50 1.52
N ARG A 363 29.97 1.32 1.93
CA ARG A 363 29.67 2.72 2.24
C ARG A 363 30.40 3.72 1.36
N TYR A 364 31.64 3.40 1.01
CA TYR A 364 32.51 4.36 0.32
C TYR A 364 33.00 3.91 -1.05
N SER A 365 33.08 4.88 -1.96
CA SER A 365 33.75 4.73 -3.25
C SER A 365 35.26 4.74 -3.08
N VAL A 366 35.94 3.98 -3.92
CA VAL A 366 37.39 3.97 -3.97
C VAL A 366 37.84 4.00 -5.43
N LYS A 367 38.78 4.89 -5.74
CA LYS A 367 39.40 4.92 -7.05
C LYS A 367 40.67 4.11 -6.96
N VAL A 368 40.78 3.09 -7.80
CA VAL A 368 41.95 2.22 -7.84
C VAL A 368 42.73 2.48 -9.12
N THR A 369 44.00 2.08 -9.13
CA THR A 369 44.83 2.15 -10.32
C THR A 369 45.17 0.72 -10.69
N PHE A 370 44.82 0.36 -11.93
CA PHE A 370 45.07 -0.97 -12.43
C PHE A 370 45.74 -0.87 -13.79
N GLN A 371 46.95 -1.44 -13.88
CA GLN A 371 47.72 -1.44 -15.13
C GLN A 371 47.80 -0.02 -15.69
N ASN A 372 48.11 0.90 -14.78
CA ASN A 372 48.37 2.32 -15.06
C ASN A 372 47.14 3.16 -15.38
N ARG A 373 45.95 2.62 -15.18
CA ARG A 373 44.73 3.37 -15.49
C ARG A 373 43.85 3.51 -14.25
N PRO A 374 43.17 4.67 -14.11
CA PRO A 374 42.26 4.85 -12.96
C PRO A 374 40.88 4.26 -13.21
N TYR A 375 40.31 3.64 -12.18
CA TYR A 375 38.96 3.09 -12.24
C TYR A 375 38.27 3.47 -10.94
N ASN A 376 37.19 4.21 -11.04
CA ASN A 376 36.42 4.46 -9.85
C ASN A 376 35.42 3.37 -9.57
N LEU A 377 35.41 2.91 -8.33
CA LEU A 377 34.53 1.83 -7.96
C LEU A 377 33.56 2.30 -6.91
N PRO A 378 32.29 2.49 -7.29
CA PRO A 378 31.26 2.80 -6.30
C PRO A 378 31.23 1.73 -5.21
N PRO A 379 30.60 2.06 -4.07
CA PRO A 379 30.51 1.08 -2.99
C PRO A 379 29.84 -0.19 -3.51
N TRP A 380 30.31 -1.33 -3.02
CA TRP A 380 29.63 -2.61 -3.24
C TRP A 380 29.45 -2.85 -4.73
N SER A 381 30.54 -2.74 -5.48
CA SER A 381 30.48 -2.88 -6.94
C SER A 381 31.71 -3.55 -7.51
N ILE A 382 31.56 -4.06 -8.74
CA ILE A 382 32.65 -4.68 -9.47
C ILE A 382 32.62 -4.18 -10.91
N SER A 383 33.76 -3.75 -11.43
CA SER A 383 33.90 -3.41 -12.85
C SER A 383 34.50 -4.58 -13.60
N ILE A 384 34.01 -4.82 -14.82
CA ILE A 384 34.48 -5.94 -15.63
C ILE A 384 35.23 -5.38 -16.83
N LEU A 385 36.47 -5.83 -16.98
CA LEU A 385 37.37 -5.40 -18.06
C LEU A 385 37.67 -6.64 -18.93
N PRO A 386 36.86 -6.88 -19.97
CA PRO A 386 36.98 -8.15 -20.70
C PRO A 386 38.29 -8.35 -21.44
N ASP A 387 39.08 -7.28 -21.57
CA ASP A 387 40.41 -7.30 -22.18
C ASP A 387 41.51 -6.79 -21.23
N CYS A 388 41.16 -6.66 -19.94
CA CYS A 388 42.04 -6.11 -18.90
C CYS A 388 42.42 -4.64 -19.09
N LYS A 389 41.76 -3.97 -20.02
CA LYS A 389 42.16 -2.61 -20.41
C LYS A 389 41.06 -1.57 -20.24
N THR A 390 39.85 -1.91 -20.65
CA THR A 390 38.75 -0.95 -20.59
C THR A 390 37.52 -1.58 -19.90
N ALA A 391 36.97 -0.84 -18.93
CA ALA A 391 35.79 -1.31 -18.21
C ALA A 391 34.58 -1.11 -19.11
N VAL A 392 33.85 -2.19 -19.38
CA VAL A 392 32.63 -2.10 -20.21
C VAL A 392 31.37 -2.10 -19.35
N TYR A 393 31.52 -2.48 -18.08
CA TYR A 393 30.37 -2.69 -17.20
C TYR A 393 30.82 -2.56 -15.76
N ASN A 394 29.97 -1.94 -14.93
CA ASN A 394 30.15 -1.97 -13.49
C ASN A 394 28.80 -2.32 -12.88
N THR A 395 28.82 -3.19 -11.88
CA THR A 395 27.59 -3.77 -11.36
C THR A 395 26.66 -2.74 -10.70
N ALA A 396 27.18 -1.56 -10.36
CA ALA A 396 26.37 -0.54 -9.70
C ALA A 396 25.94 0.56 -10.67
N GLN A 397 26.38 0.46 -11.91
CA GLN A 397 26.03 1.48 -12.91
C GLN A 397 25.00 0.89 -13.85
N VAL A 398 23.75 1.30 -13.64
CA VAL A 398 22.62 0.72 -14.35
C VAL A 398 22.29 1.59 -15.56
N ASN A 399 22.51 1.02 -16.74
CA ASN A 399 22.27 1.73 -17.99
C ASN A 399 20.90 1.43 -18.62
N SER A 400 20.16 0.51 -18.02
CA SER A 400 18.79 0.24 -18.46
C SER A 400 17.81 1.16 -17.74
N GLN A 401 16.83 1.65 -18.50
CA GLN A 401 15.76 2.47 -17.96
C GLN A 401 14.86 1.60 -17.07
N SER A 402 14.37 2.17 -15.97
CA SER A 402 13.43 1.49 -15.09
C SER A 402 12.04 1.43 -15.72
N SER A 403 11.19 0.55 -15.20
CA SER A 403 9.79 0.48 -15.63
C SER A 403 8.89 0.35 -14.42
N SER A 404 7.68 0.87 -14.54
CA SER A 404 6.66 0.73 -13.51
C SER A 404 5.48 -0.06 -14.05
N ILE A 405 4.63 -0.53 -13.15
CA ILE A 405 3.50 -1.36 -13.53
C ILE A 405 2.26 -0.48 -13.75
N LYS A 406 1.53 -0.74 -14.83
CA LYS A 406 0.18 -0.20 -14.99
C LYS A 406 -0.85 -1.32 -15.15
N MET A 407 -1.88 -1.27 -14.31
CA MET A 407 -3.01 -2.17 -14.42
C MET A 407 -4.22 -1.32 -14.78
N THR A 408 -4.65 -1.43 -16.03
CA THR A 408 -5.70 -0.59 -16.58
C THR A 408 -6.96 -1.40 -16.78
N PRO A 409 -8.03 -1.03 -16.05
CA PRO A 409 -9.32 -1.70 -16.26
C PRO A 409 -9.67 -1.83 -17.74
N ALA A 410 -10.28 -2.95 -18.11
CA ALA A 410 -10.73 -3.20 -19.46
C ALA A 410 -12.10 -3.89 -19.45
N GLY A 411 -13.04 -3.35 -20.22
CA GLY A 411 -14.34 -3.99 -20.41
C GLY A 411 -15.45 -3.64 -19.44
N GLY A 412 -15.11 -3.08 -18.28
CA GLY A 412 -16.10 -2.67 -17.27
C GLY A 412 -16.59 -3.79 -16.38
N GLY A 413 -17.68 -3.51 -15.66
CA GLY A 413 -18.27 -4.47 -14.71
C GLY A 413 -19.11 -5.55 -15.36
N LEU A 414 -19.24 -6.67 -14.68
CA LEU A 414 -19.92 -7.86 -15.19
C LEU A 414 -21.27 -8.06 -14.51
N SER A 415 -22.05 -9.02 -15.03
CA SER A 415 -23.34 -9.36 -14.45
C SER A 415 -23.21 -10.63 -13.64
N TRP A 416 -23.46 -10.53 -12.33
CA TRP A 416 -23.19 -11.63 -11.40
C TRP A 416 -24.40 -12.39 -10.96
N GLN A 417 -24.20 -13.69 -10.74
CA GLN A 417 -25.16 -14.57 -10.08
C GLN A 417 -24.44 -15.26 -8.91
N SER A 418 -25.19 -15.69 -7.90
CA SER A 418 -24.59 -16.28 -6.70
C SER A 418 -25.23 -17.62 -6.32
N TYR A 419 -24.49 -18.40 -5.54
CA TYR A 419 -24.98 -19.68 -5.05
C TYR A 419 -24.36 -19.91 -3.68
N ASN A 420 -25.22 -20.16 -2.69
CA ASN A 420 -24.78 -20.28 -1.31
C ASN A 420 -24.25 -21.65 -0.96
N GLU A 421 -23.16 -21.70 -0.20
CA GLU A 421 -22.77 -22.94 0.46
C GLU A 421 -23.63 -23.05 1.69
N GLU A 422 -23.90 -24.28 2.09
CA GLU A 422 -24.55 -24.50 3.36
C GLU A 422 -23.53 -24.85 4.45
N THR A 423 -23.92 -24.57 5.69
CA THR A 423 -23.15 -24.94 6.86
C THR A 423 -23.69 -26.28 7.35
N PRO A 424 -22.92 -27.37 7.18
CA PRO A 424 -23.40 -28.66 7.62
C PRO A 424 -23.33 -28.82 9.13
N THR A 425 -24.03 -29.84 9.61
CA THR A 425 -24.30 -30.05 11.01
C THR A 425 -24.18 -31.54 11.31
N ALA A 426 -23.77 -31.88 12.54
CA ALA A 426 -23.67 -33.27 12.98
C ALA A 426 -25.01 -34.00 12.87
N LEU A 432 -19.32 -40.87 8.28
CA LEU A 432 -17.96 -40.45 8.55
C LEU A 432 -17.85 -39.79 9.93
N THR A 433 -17.70 -40.63 10.95
CA THR A 433 -17.65 -40.19 12.34
C THR A 433 -16.47 -40.83 13.10
N ALA A 434 -16.09 -40.21 14.22
CA ALA A 434 -15.02 -40.72 15.08
C ALA A 434 -15.21 -40.27 16.51
N ASN A 435 -14.66 -41.02 17.46
CA ASN A 435 -14.60 -40.56 18.83
C ASN A 435 -13.30 -39.79 19.07
N GLY A 436 -13.35 -38.49 18.79
CA GLY A 436 -12.16 -37.65 18.87
C GLY A 436 -11.84 -36.99 17.54
N LEU A 437 -10.72 -36.27 17.52
CA LEU A 437 -10.37 -35.39 16.40
C LEU A 437 -9.31 -36.01 15.50
N TRP A 438 -9.55 -35.93 14.20
CA TRP A 438 -8.63 -36.43 13.17
C TRP A 438 -7.90 -35.30 12.49
N GLU A 439 -6.66 -35.58 12.09
CA GLU A 439 -5.83 -34.60 11.39
C GLU A 439 -6.37 -34.37 9.97
N GLN A 440 -6.33 -33.13 9.50
CA GLN A 440 -7.02 -32.77 8.25
C GLN A 440 -6.53 -33.44 6.97
N LYS A 441 -5.21 -33.47 6.74
CA LYS A 441 -4.67 -34.14 5.55
C LYS A 441 -5.07 -35.62 5.54
N ASN A 442 -5.05 -36.24 6.70
CA ASN A 442 -5.47 -37.64 6.85
C ASN A 442 -6.90 -37.87 6.32
N VAL A 443 -7.80 -36.95 6.63
CA VAL A 443 -9.20 -37.08 6.26
C VAL A 443 -9.48 -36.69 4.81
N THR A 444 -8.94 -35.56 4.37
CA THR A 444 -9.24 -35.06 3.01
C THR A 444 -8.30 -35.61 1.95
N ARG A 445 -7.12 -36.06 2.37
CA ARG A 445 -6.03 -36.42 1.46
C ARG A 445 -5.71 -35.27 0.51
N ASP A 446 -5.93 -34.04 1.00
CA ASP A 446 -5.64 -32.82 0.23
C ASP A 446 -6.46 -32.71 -1.06
N SER A 447 -7.67 -33.30 -1.08
CA SER A 447 -8.55 -33.25 -2.24
C SER A 447 -9.33 -31.94 -2.31
N SER A 448 -9.31 -31.21 -1.19
CA SER A 448 -9.96 -29.93 -1.04
C SER A 448 -9.23 -29.20 0.07
N ASP A 449 -9.27 -27.87 0.05
CA ASP A 449 -8.73 -27.08 1.17
C ASP A 449 -9.58 -27.21 2.41
N TYR A 450 -10.82 -27.70 2.25
CA TYR A 450 -11.86 -27.56 3.28
C TYR A 450 -12.23 -28.85 3.96
N LEU A 451 -12.27 -28.80 5.29
CA LEU A 451 -12.76 -29.91 6.09
C LEU A 451 -13.67 -29.39 7.19
N TRP A 452 -14.89 -29.92 7.23
CA TRP A 452 -15.84 -29.62 8.30
C TRP A 452 -15.66 -30.60 9.43
N TYR A 453 -15.44 -30.07 10.64
CA TYR A 453 -15.41 -30.86 11.87
C TYR A 453 -16.70 -30.52 12.59
N MET A 454 -17.54 -31.52 12.87
CA MET A 454 -18.87 -31.26 13.45
C MET A 454 -19.12 -32.08 14.71
N THR A 455 -19.83 -31.47 15.66
CA THR A 455 -20.17 -32.17 16.89
C THR A 455 -21.45 -31.64 17.52
N ASN A 456 -22.02 -32.46 18.40
CA ASN A 456 -23.14 -32.08 19.26
C ASN A 456 -22.65 -31.66 20.63
N VAL A 457 -23.27 -30.61 21.17
CA VAL A 457 -23.03 -30.22 22.56
C VAL A 457 -24.37 -30.19 23.30
N ASN A 458 -24.59 -31.17 24.19
CA ASN A 458 -25.80 -31.25 24.99
C ASN A 458 -25.67 -30.38 26.24
N ILE A 459 -26.70 -29.58 26.49
CA ILE A 459 -26.72 -28.66 27.63
C ILE A 459 -27.89 -28.98 28.57
N ALA A 460 -27.55 -29.28 29.81
CA ALA A 460 -28.55 -29.56 30.85
C ALA A 460 -29.36 -28.31 31.19
N SER A 461 -30.63 -28.51 31.54
CA SER A 461 -31.53 -27.41 31.86
C SER A 461 -31.09 -26.59 33.07
N ASN A 462 -30.33 -27.23 33.97
CA ASN A 462 -29.91 -26.58 35.21
C ASN A 462 -28.57 -25.84 35.14
N GLU A 463 -28.07 -25.59 33.93
CA GLU A 463 -26.80 -24.87 33.79
C GLU A 463 -26.88 -23.48 34.41
N GLY A 464 -25.86 -23.13 35.22
CA GLY A 464 -25.73 -21.80 35.81
C GLY A 464 -25.91 -20.66 34.82
N PHE A 465 -25.30 -20.77 33.63
CA PHE A 465 -25.37 -19.68 32.64
C PHE A 465 -26.79 -19.41 32.11
N LEU A 466 -27.61 -20.45 32.07
CA LEU A 466 -29.01 -20.31 31.67
C LEU A 466 -29.81 -19.49 32.68
N LYS A 467 -29.60 -19.75 33.97
CA LYS A 467 -30.34 -19.04 35.02
C LYS A 467 -29.82 -17.64 35.30
N ASN A 468 -28.60 -17.32 34.86
CA ASN A 468 -28.03 -16.00 35.12
C ASN A 468 -27.84 -15.12 33.89
N GLY A 469 -28.32 -15.60 32.74
CA GLY A 469 -28.26 -14.86 31.49
C GLY A 469 -26.86 -14.58 30.94
N LYS A 470 -25.92 -15.48 31.24
CA LYS A 470 -24.57 -15.40 30.66
C LYS A 470 -24.34 -16.47 29.59
N ASP A 471 -23.21 -16.36 28.90
CA ASP A 471 -22.83 -17.30 27.87
C ASP A 471 -21.60 -18.10 28.32
N PRO A 472 -21.58 -19.42 28.03
CA PRO A 472 -20.38 -20.22 28.28
C PRO A 472 -19.24 -19.79 27.33
N TYR A 473 -18.04 -20.32 27.53
CA TYR A 473 -16.86 -19.81 26.83
C TYR A 473 -16.21 -20.93 26.06
N LEU A 474 -16.11 -20.76 24.74
CA LEU A 474 -15.58 -21.81 23.88
C LEU A 474 -14.17 -21.47 23.43
N THR A 475 -13.27 -22.43 23.57
CA THR A 475 -11.91 -22.32 23.06
C THR A 475 -11.69 -23.45 22.07
N VAL A 476 -11.27 -23.10 20.85
CA VAL A 476 -10.95 -24.10 19.83
C VAL A 476 -9.52 -23.88 19.38
N MET A 477 -8.66 -24.87 19.60
CA MET A 477 -7.30 -24.80 19.11
C MET A 477 -7.13 -25.70 17.89
N SER A 478 -6.41 -25.19 16.90
CA SER A 478 -6.22 -25.88 15.63
C SER A 478 -4.77 -25.76 15.18
N ALA A 479 -4.28 -26.77 14.45
CA ALA A 479 -2.95 -26.73 13.82
C ALA A 479 -2.92 -25.77 12.62
N GLY A 480 -4.09 -25.32 12.18
CA GLY A 480 -4.20 -24.32 11.12
C GLY A 480 -4.97 -24.82 9.91
N HIS A 481 -5.15 -23.97 8.89
CA HIS A 481 -4.47 -22.68 8.76
C HIS A 481 -5.42 -21.51 8.88
N VAL A 482 -6.69 -21.76 8.60
CA VAL A 482 -7.79 -20.82 8.86
C VAL A 482 -8.87 -21.63 9.57
N LEU A 483 -9.64 -20.98 10.45
CA LEU A 483 -10.72 -21.65 11.17
C LEU A 483 -11.93 -20.74 11.24
N HIS A 484 -13.08 -21.27 10.83
CA HIS A 484 -14.35 -20.58 11.00
C HIS A 484 -15.16 -21.37 11.98
N VAL A 485 -15.66 -20.71 13.02
CA VAL A 485 -16.39 -21.40 14.08
C VAL A 485 -17.87 -21.05 13.99
N PHE A 486 -18.71 -22.06 13.71
CA PHE A 486 -20.17 -21.85 13.63
C PHE A 486 -20.84 -22.49 14.83
N VAL A 487 -21.72 -21.75 15.49
CA VAL A 487 -22.42 -22.26 16.66
C VAL A 487 -23.90 -22.13 16.37
N ASN A 488 -24.60 -23.27 16.38
CA ASN A 488 -26.03 -23.31 16.04
C ASN A 488 -26.30 -22.59 14.71
N GLY A 489 -25.47 -22.89 13.72
CA GLY A 489 -25.59 -22.35 12.37
C GLY A 489 -25.10 -20.93 12.14
N LYS A 490 -24.70 -20.24 13.20
CA LYS A 490 -24.25 -18.85 13.10
C LYS A 490 -22.72 -18.73 13.23
N LEU A 491 -22.10 -17.97 12.34
CA LEU A 491 -20.65 -17.74 12.40
C LEU A 491 -20.27 -16.92 13.63
N SER A 492 -19.49 -17.53 14.53
CA SER A 492 -19.07 -16.89 15.77
C SER A 492 -17.74 -16.17 15.63
N GLY A 493 -16.88 -16.66 14.75
CA GLY A 493 -15.58 -16.04 14.56
C GLY A 493 -14.73 -16.73 13.55
N THR A 494 -13.76 -16.00 13.02
CA THR A 494 -12.79 -16.51 12.08
C THR A 494 -11.41 -16.17 12.61
N VAL A 495 -10.54 -17.17 12.68
CA VAL A 495 -9.13 -16.93 13.02
C VAL A 495 -8.25 -17.49 11.92
N TYR A 496 -7.10 -16.86 11.71
CA TYR A 496 -6.17 -17.30 10.67
C TYR A 496 -4.72 -17.03 11.05
N GLY A 497 -3.85 -17.89 10.54
CA GLY A 497 -2.46 -17.91 10.96
C GLY A 497 -1.53 -17.18 10.03
N THR A 498 -0.24 -17.50 10.15
CA THR A 498 0.80 -16.94 9.31
C THR A 498 1.67 -18.10 8.85
N LEU A 499 2.52 -17.86 7.86
CA LEU A 499 3.42 -18.91 7.38
C LEU A 499 4.26 -19.48 8.54
N ASP A 500 4.85 -18.60 9.34
CA ASP A 500 5.73 -19.04 10.42
C ASP A 500 4.96 -19.67 11.57
N ASN A 501 3.71 -19.27 11.74
CA ASN A 501 2.87 -19.78 12.80
C ASN A 501 1.44 -20.07 12.32
N PRO A 502 1.23 -21.23 11.68
CA PRO A 502 -0.10 -21.52 11.14
C PRO A 502 -1.15 -21.90 12.18
N LYS A 503 -0.72 -22.23 13.40
CA LYS A 503 -1.64 -22.67 14.46
C LYS A 503 -2.56 -21.54 14.92
N LEU A 504 -3.70 -21.93 15.47
CA LEU A 504 -4.80 -21.01 15.75
C LEU A 504 -5.43 -21.28 17.09
N THR A 505 -5.93 -20.21 17.71
CA THR A 505 -6.83 -20.32 18.85
C THR A 505 -8.02 -19.40 18.62
N TYR A 506 -9.21 -19.99 18.56
CA TYR A 506 -10.44 -19.23 18.69
C TYR A 506 -10.85 -19.30 20.14
N SER A 507 -11.18 -18.15 20.72
CA SER A 507 -11.79 -18.16 22.04
C SER A 507 -12.84 -17.08 22.12
N GLY A 508 -14.01 -17.45 22.62
CA GLY A 508 -15.09 -16.48 22.74
C GLY A 508 -16.26 -17.02 23.52
N ASN A 509 -17.08 -16.10 24.02
CA ASN A 509 -18.37 -16.46 24.57
C ASN A 509 -19.30 -16.87 23.44
N VAL A 510 -20.04 -17.96 23.65
CA VAL A 510 -20.98 -18.46 22.64
C VAL A 510 -22.35 -18.71 23.28
N LYS A 511 -23.41 -18.38 22.56
CA LYS A 511 -24.75 -18.59 23.09
C LYS A 511 -25.21 -20.04 22.84
N LEU A 512 -25.63 -20.69 23.91
CA LEU A 512 -26.12 -22.06 23.86
C LEU A 512 -27.44 -22.17 24.59
N ARG A 513 -28.26 -23.12 24.17
CA ARG A 513 -29.55 -23.36 24.80
C ARG A 513 -29.60 -24.73 25.43
N ALA A 514 -30.58 -24.92 26.31
CA ALA A 514 -30.89 -26.23 26.86
C ALA A 514 -31.09 -27.23 25.72
N GLY A 515 -30.55 -28.44 25.90
CA GLY A 515 -30.68 -29.51 24.89
C GLY A 515 -29.51 -29.55 23.94
N ILE A 516 -29.74 -30.08 22.73
CA ILE A 516 -28.67 -30.25 21.74
C ILE A 516 -28.29 -28.95 21.02
N ASN A 517 -27.00 -28.64 21.04
CA ASN A 517 -26.44 -27.52 20.29
C ASN A 517 -25.48 -28.04 19.24
N LYS A 518 -25.38 -27.32 18.13
CA LYS A 518 -24.47 -27.74 17.05
C LYS A 518 -23.25 -26.83 16.98
N ILE A 519 -22.08 -27.45 16.99
CA ILE A 519 -20.85 -26.75 16.69
C ILE A 519 -20.28 -27.33 15.40
N SER A 520 -20.08 -26.46 14.41
CA SER A 520 -19.49 -26.84 13.12
C SER A 520 -18.28 -25.98 12.87
N LEU A 521 -17.14 -26.63 12.65
CA LEU A 521 -15.90 -25.91 12.41
C LEU A 521 -15.45 -26.12 10.98
N LEU A 522 -15.28 -25.03 10.24
CA LEU A 522 -14.72 -25.13 8.90
C LEU A 522 -13.21 -24.87 8.98
N SER A 523 -12.45 -25.93 8.74
CA SER A 523 -10.99 -25.88 8.83
C SER A 523 -10.41 -25.80 7.43
N VAL A 524 -9.49 -24.86 7.21
CA VAL A 524 -9.00 -24.56 5.86
C VAL A 524 -7.49 -24.65 5.82
N SER A 525 -6.95 -25.42 4.87
CA SER A 525 -5.51 -25.32 4.57
C SER A 525 -5.25 -24.36 3.42
N VAL A 526 -4.10 -23.70 3.46
CA VAL A 526 -3.73 -22.70 2.45
C VAL A 526 -2.37 -23.08 1.87
N GLY A 527 -2.37 -24.21 1.15
CA GLY A 527 -1.14 -24.83 0.67
C GLY A 527 -0.51 -25.67 1.78
N LEU A 528 0.26 -26.69 1.40
CA LEU A 528 0.88 -27.56 2.39
C LEU A 528 2.37 -27.26 2.58
N PRO A 529 2.89 -27.49 3.80
CA PRO A 529 4.30 -27.22 4.11
C PRO A 529 5.23 -27.85 3.07
N ASN A 530 6.34 -27.16 2.77
CA ASN A 530 7.21 -27.58 1.69
C ASN A 530 8.68 -27.64 2.04
N VAL A 531 9.01 -27.36 3.30
CA VAL A 531 10.40 -27.36 3.75
C VAL A 531 10.43 -27.49 5.28
N GLY A 532 11.54 -27.99 5.80
CA GLY A 532 11.68 -28.25 7.24
C GLY A 532 11.88 -29.74 7.47
N VAL A 533 12.72 -30.10 8.43
CA VAL A 533 12.92 -31.52 8.74
C VAL A 533 11.57 -32.08 9.23
N HIS A 534 11.18 -33.22 8.65
CA HIS A 534 9.90 -33.84 8.96
C HIS A 534 8.68 -32.98 8.70
N TYR A 535 8.75 -32.06 7.73
CA TYR A 535 7.61 -31.16 7.50
C TYR A 535 6.32 -31.91 7.15
N ASP A 536 6.46 -33.10 6.58
CA ASP A 536 5.31 -33.89 6.16
C ASP A 536 4.55 -34.49 7.35
N THR A 537 5.19 -34.45 8.53
CA THR A 537 4.55 -34.94 9.76
C THR A 537 3.78 -33.85 10.49
N TRP A 538 3.90 -32.60 10.06
CA TRP A 538 3.22 -31.50 10.75
C TRP A 538 1.73 -31.56 10.51
N ASN A 539 0.95 -31.31 11.56
CA ASN A 539 -0.50 -31.36 11.44
C ASN A 539 -1.12 -30.17 10.72
N ALA A 540 -2.27 -30.43 10.11
CA ALA A 540 -3.22 -29.38 9.75
C ALA A 540 -4.55 -29.72 10.39
N GLY A 541 -5.38 -28.71 10.62
CA GLY A 541 -6.72 -28.95 11.12
C GLY A 541 -6.85 -28.97 12.63
N VAL A 542 -8.08 -29.24 13.07
CA VAL A 542 -8.46 -29.10 14.47
C VAL A 542 -8.12 -30.37 15.23
N LEU A 543 -7.00 -30.34 15.95
CA LEU A 543 -6.66 -31.42 16.86
C LEU A 543 -6.84 -31.01 18.32
N GLY A 544 -7.34 -29.79 18.54
CA GLY A 544 -7.62 -29.31 19.89
C GLY A 544 -6.38 -28.82 20.60
N PRO A 545 -6.50 -28.50 21.90
CA PRO A 545 -7.69 -28.70 22.73
C PRO A 545 -8.92 -27.96 22.24
N VAL A 546 -10.08 -28.54 22.52
CA VAL A 546 -11.36 -27.87 22.31
C VAL A 546 -12.09 -27.97 23.64
N THR A 547 -12.39 -26.83 24.24
CA THR A 547 -12.98 -26.80 25.58
C THR A 547 -14.14 -25.82 25.68
N LEU A 548 -15.12 -26.18 26.50
CA LEU A 548 -16.26 -25.33 26.81
C LEU A 548 -16.29 -25.10 28.31
N SER A 549 -16.03 -23.86 28.72
CA SER A 549 -16.03 -23.52 30.15
C SER A 549 -17.25 -22.67 30.51
N GLY A 550 -17.37 -22.36 31.79
CA GLY A 550 -18.53 -21.66 32.32
C GLY A 550 -19.72 -22.59 32.60
N LEU A 551 -19.45 -23.88 32.72
CA LEU A 551 -20.50 -24.87 32.99
C LEU A 551 -20.49 -25.26 34.45
N ASN A 552 -21.57 -25.90 34.90
CA ASN A 552 -21.64 -26.44 36.26
C ASN A 552 -20.46 -27.37 36.54
N GLU A 553 -20.09 -28.17 35.53
CA GLU A 553 -19.01 -29.14 35.67
C GLU A 553 -17.61 -28.50 35.61
N GLY A 554 -17.56 -27.21 35.32
CA GLY A 554 -16.30 -26.51 35.08
C GLY A 554 -16.07 -26.33 33.59
N SER A 555 -15.07 -27.02 33.06
CA SER A 555 -14.78 -27.04 31.64
C SER A 555 -15.00 -28.44 31.09
N ARG A 556 -15.69 -28.53 29.97
CA ARG A 556 -15.91 -29.81 29.29
C ARG A 556 -14.87 -29.96 28.18
N ASN A 557 -14.25 -31.13 28.11
CA ASN A 557 -13.31 -31.46 27.03
C ASN A 557 -14.09 -31.96 25.80
N LEU A 558 -14.26 -31.09 24.82
CA LEU A 558 -15.05 -31.42 23.63
C LEU A 558 -14.33 -32.35 22.65
N ALA A 559 -13.03 -32.55 22.86
CA ALA A 559 -12.27 -33.50 22.04
C ALA A 559 -12.65 -34.93 22.38
N LYS A 560 -13.14 -35.15 23.59
CA LYS A 560 -13.47 -36.48 24.09
C LYS A 560 -14.95 -36.82 23.90
N GLN A 561 -15.42 -36.70 22.66
CA GLN A 561 -16.78 -37.08 22.29
C GLN A 561 -16.81 -37.37 20.80
N LYS A 562 -18.01 -37.65 20.28
CA LYS A 562 -18.18 -38.02 18.89
C LYS A 562 -18.09 -36.80 17.98
N TRP A 563 -17.25 -36.92 16.95
CA TRP A 563 -17.14 -35.91 15.90
C TRP A 563 -17.51 -36.48 14.56
N SER A 564 -18.09 -35.62 13.72
CA SER A 564 -18.46 -35.97 12.35
C SER A 564 -17.61 -35.16 11.39
N TYR A 565 -17.46 -35.66 10.17
CA TYR A 565 -16.57 -35.05 9.16
C TYR A 565 -17.25 -34.92 7.82
N LYS A 566 -16.97 -33.81 7.15
CA LYS A 566 -17.43 -33.58 5.79
C LYS A 566 -16.27 -32.98 4.99
N VAL A 567 -15.78 -33.72 4.01
CA VAL A 567 -14.69 -33.28 3.17
C VAL A 567 -15.20 -32.34 2.07
N GLY A 568 -14.58 -31.17 1.97
CA GLY A 568 -14.85 -30.25 0.87
C GLY A 568 -16.18 -29.54 0.94
N LEU A 569 -16.49 -28.84 -0.14
CA LEU A 569 -17.69 -28.01 -0.22
C LEU A 569 -18.72 -28.65 -1.13
N LYS A 570 -19.98 -28.28 -0.95
CA LYS A 570 -21.05 -28.76 -1.84
C LYS A 570 -20.78 -28.32 -3.28
N GLY A 571 -20.33 -27.08 -3.43
CA GLY A 571 -19.98 -26.52 -4.74
C GLY A 571 -18.86 -27.28 -5.42
N GLU A 572 -17.98 -27.89 -4.63
CA GLU A 572 -16.95 -28.72 -5.20
C GLU A 572 -17.54 -30.02 -5.72
N SER A 573 -18.42 -30.66 -4.92
CA SER A 573 -19.13 -31.86 -5.37
C SER A 573 -19.93 -31.61 -6.65
N LEU A 574 -20.51 -30.43 -6.75
CA LEU A 574 -21.35 -30.05 -7.89
C LEU A 574 -20.54 -29.55 -9.09
N SER A 575 -19.22 -29.38 -8.89
CA SER A 575 -18.34 -28.83 -9.93
C SER A 575 -18.84 -27.48 -10.44
N LEU A 576 -19.21 -26.59 -9.52
CA LEU A 576 -19.72 -25.26 -9.85
C LEU A 576 -18.69 -24.39 -10.58
N HIS A 577 -17.42 -24.81 -10.53
CA HIS A 577 -16.36 -24.12 -11.23
C HIS A 577 -16.39 -24.33 -12.73
N SER A 578 -17.09 -25.36 -13.19
CA SER A 578 -17.10 -25.74 -14.61
C SER A 578 -18.38 -25.29 -15.29
N LEU A 579 -18.36 -25.20 -16.63
CA LEU A 579 -19.55 -24.82 -17.37
C LEU A 579 -20.67 -25.82 -17.14
N SER A 580 -20.37 -27.12 -17.27
CA SER A 580 -21.38 -28.16 -17.11
C SER A 580 -21.94 -28.18 -15.68
N GLY A 581 -21.08 -28.08 -14.68
CA GLY A 581 -21.52 -28.08 -13.29
C GLY A 581 -22.30 -26.85 -12.89
N SER A 582 -21.79 -25.68 -13.24
CA SER A 582 -22.46 -24.42 -12.92
C SER A 582 -23.83 -24.33 -13.61
N SER A 583 -23.93 -24.87 -14.81
CA SER A 583 -25.19 -24.86 -15.58
C SER A 583 -26.23 -25.85 -15.06
N SER A 584 -25.79 -26.81 -14.25
CA SER A 584 -26.66 -27.89 -13.75
C SER A 584 -27.57 -27.44 -12.61
N VAL A 585 -27.24 -26.31 -11.98
CA VAL A 585 -28.04 -25.78 -10.87
C VAL A 585 -28.53 -24.36 -11.16
N GLU A 586 -29.56 -23.94 -10.42
CA GLU A 586 -30.08 -22.57 -10.56
C GLU A 586 -29.41 -21.63 -9.56
N TRP A 587 -28.91 -20.50 -10.08
CA TRP A 587 -28.26 -19.48 -9.27
C TRP A 587 -29.18 -18.35 -8.98
N VAL A 588 -28.84 -17.57 -7.95
CA VAL A 588 -29.59 -16.37 -7.58
C VAL A 588 -29.17 -15.23 -8.50
N ARG A 589 -30.15 -14.50 -9.03
CA ARG A 589 -29.89 -13.37 -9.90
C ARG A 589 -30.62 -12.13 -9.38
N GLY A 590 -30.15 -10.95 -9.79
CA GLY A 590 -30.83 -9.70 -9.48
C GLY A 590 -30.44 -9.13 -8.13
N SER A 591 -31.39 -8.43 -7.50
CA SER A 591 -31.15 -7.72 -6.24
C SER A 591 -30.90 -8.66 -5.04
N LEU A 592 -31.26 -9.93 -5.18
CA LEU A 592 -31.06 -10.93 -4.13
C LEU A 592 -29.63 -11.47 -4.07
N MET A 593 -28.77 -11.00 -4.97
CA MET A 593 -27.35 -11.35 -5.00
C MET A 593 -26.72 -11.25 -3.61
N ALA A 594 -26.13 -12.36 -3.16
CA ALA A 594 -25.43 -12.38 -1.88
C ALA A 594 -24.29 -11.36 -1.89
N GLN A 595 -24.24 -10.56 -0.83
CA GLN A 595 -23.25 -9.49 -0.68
C GLN A 595 -22.61 -9.59 0.68
N LYS A 596 -21.27 -9.52 0.73
CA LYS A 596 -20.54 -9.56 1.99
C LYS A 596 -21.05 -10.71 2.87
N GLN A 597 -21.15 -11.87 2.24
CA GLN A 597 -21.67 -13.08 2.87
C GLN A 597 -20.64 -14.20 2.70
N PRO A 598 -20.25 -14.85 3.82
CA PRO A 598 -19.27 -15.94 3.76
C PRO A 598 -19.78 -17.12 2.94
N LEU A 599 -18.84 -17.90 2.39
CA LEU A 599 -19.13 -19.17 1.72
C LEU A 599 -20.13 -19.04 0.58
N THR A 600 -19.80 -18.15 -0.35
CA THR A 600 -20.69 -17.84 -1.47
C THR A 600 -19.94 -18.02 -2.80
N TRP A 601 -20.59 -18.74 -3.72
CA TRP A 601 -20.10 -18.87 -5.10
C TRP A 601 -20.67 -17.77 -5.95
N TYR A 602 -19.85 -17.23 -6.86
CA TYR A 602 -20.28 -16.22 -7.83
C TYR A 602 -19.91 -16.62 -9.25
N LYS A 603 -20.75 -16.26 -10.21
CA LYS A 603 -20.41 -16.49 -11.60
C LYS A 603 -20.83 -15.34 -12.50
N ALA A 604 -20.07 -15.16 -13.57
CA ALA A 604 -20.32 -14.17 -14.60
C ALA A 604 -19.70 -14.66 -15.90
N THR A 605 -20.15 -14.08 -17.00
CA THR A 605 -19.64 -14.41 -18.32
C THR A 605 -19.05 -13.13 -18.90
N PHE A 606 -17.94 -13.25 -19.63
CA PHE A 606 -17.27 -12.08 -20.19
C PHE A 606 -16.61 -12.36 -21.53
N ASN A 607 -16.45 -11.31 -22.33
CA ASN A 607 -15.73 -11.37 -23.60
C ASN A 607 -14.25 -11.08 -23.39
N ALA A 608 -13.40 -11.75 -24.15
CA ALA A 608 -11.96 -11.55 -24.03
C ALA A 608 -11.59 -10.15 -24.52
N PRO A 609 -10.83 -9.38 -23.71
CA PRO A 609 -10.38 -8.08 -24.20
C PRO A 609 -9.51 -8.24 -25.43
N GLY A 610 -9.52 -7.25 -26.32
CA GLY A 610 -8.70 -7.31 -27.52
C GLY A 610 -7.23 -7.17 -27.21
N GLY A 611 -6.40 -7.29 -28.23
CA GLY A 611 -4.97 -7.05 -28.09
C GLY A 611 -4.16 -8.14 -27.41
N ASN A 612 -2.94 -7.77 -27.01
CA ASN A 612 -1.92 -8.71 -26.60
C ASN A 612 -1.34 -8.47 -25.19
N ASP A 613 -1.81 -7.43 -24.51
CA ASP A 613 -1.39 -7.16 -23.13
C ASP A 613 -1.78 -8.32 -22.22
N PRO A 614 -0.91 -8.71 -21.26
CA PRO A 614 -1.33 -9.71 -20.28
C PRO A 614 -2.51 -9.23 -19.45
N LEU A 615 -3.25 -10.17 -18.87
CA LEU A 615 -4.50 -9.86 -18.15
C LEU A 615 -4.46 -10.26 -16.68
N ALA A 616 -5.21 -9.52 -15.86
CA ALA A 616 -5.41 -9.86 -14.46
C ALA A 616 -6.82 -9.51 -14.01
N LEU A 617 -7.28 -10.19 -12.96
CA LEU A 617 -8.52 -9.83 -12.29
C LEU A 617 -8.17 -8.97 -11.08
N ASP A 618 -8.86 -7.83 -10.98
CA ASP A 618 -8.75 -7.01 -9.79
C ASP A 618 -9.73 -7.58 -8.75
N MET A 619 -9.18 -8.13 -7.67
CA MET A 619 -9.99 -8.79 -6.65
C MET A 619 -10.06 -8.00 -5.34
N ALA A 620 -9.72 -6.72 -5.39
CA ALA A 620 -9.70 -5.89 -4.17
C ALA A 620 -11.04 -5.88 -3.41
N SER A 621 -12.15 -6.06 -4.11
CA SER A 621 -13.47 -6.04 -3.48
C SER A 621 -13.85 -7.38 -2.84
N MET A 622 -12.96 -8.35 -2.94
CA MET A 622 -13.24 -9.69 -2.44
C MET A 622 -12.42 -9.97 -1.18
N GLY A 623 -12.46 -11.22 -0.70
CA GLY A 623 -11.84 -11.54 0.60
C GLY A 623 -10.83 -12.67 0.53
N LYS A 624 -11.33 -13.90 0.37
CA LYS A 624 -10.48 -15.07 0.25
C LYS A 624 -11.26 -16.12 -0.50
N GLY A 625 -10.60 -16.89 -1.36
CA GLY A 625 -11.24 -18.03 -1.99
C GLY A 625 -10.48 -18.54 -3.17
N GLN A 626 -11.21 -18.98 -4.20
CA GLN A 626 -10.61 -19.58 -5.39
C GLN A 626 -11.28 -19.05 -6.66
N ILE A 627 -10.50 -18.98 -7.74
CA ILE A 627 -10.97 -18.43 -9.01
C ILE A 627 -10.81 -19.46 -10.14
N TRP A 628 -11.80 -19.55 -11.00
CA TRP A 628 -11.72 -20.35 -12.23
C TRP A 628 -12.14 -19.59 -13.44
N ILE A 629 -11.46 -19.85 -14.56
CA ILE A 629 -11.88 -19.34 -15.86
C ILE A 629 -12.00 -20.48 -16.85
N ASN A 630 -13.21 -20.61 -17.43
CA ASN A 630 -13.52 -21.71 -18.32
C ASN A 630 -13.16 -23.06 -17.70
N GLY A 631 -13.41 -23.18 -16.40
CA GLY A 631 -13.19 -24.43 -15.66
C GLY A 631 -11.77 -24.62 -15.16
N GLU A 632 -10.87 -23.72 -15.55
CA GLU A 632 -9.46 -23.84 -15.17
C GLU A 632 -9.12 -22.97 -13.97
N GLY A 633 -8.48 -23.57 -12.98
CA GLY A 633 -8.17 -22.86 -11.74
C GLY A 633 -7.09 -21.81 -11.90
N VAL A 634 -7.48 -20.56 -11.73
CA VAL A 634 -6.60 -19.39 -11.77
C VAL A 634 -5.70 -19.33 -10.51
N GLY A 635 -6.20 -19.91 -9.41
CA GLY A 635 -5.47 -19.90 -8.15
C GLY A 635 -6.32 -19.40 -7.00
N ARG A 636 -5.75 -19.45 -5.80
CA ARG A 636 -6.39 -18.88 -4.61
C ARG A 636 -6.32 -17.37 -4.65
N HIS A 637 -7.36 -16.71 -4.15
CA HIS A 637 -7.24 -15.28 -3.83
C HIS A 637 -7.28 -15.08 -2.35
N TRP A 638 -6.53 -14.08 -1.88
CA TRP A 638 -6.62 -13.67 -0.47
C TRP A 638 -6.30 -12.21 -0.25
N PRO A 639 -7.00 -11.31 -0.98
CA PRO A 639 -6.76 -9.88 -0.79
C PRO A 639 -7.09 -9.43 0.63
N GLY A 640 -7.95 -10.19 1.30
CA GLY A 640 -8.33 -9.89 2.68
C GLY A 640 -7.20 -10.02 3.69
N TYR A 641 -6.11 -10.67 3.29
CA TYR A 641 -4.94 -10.78 4.14
C TYR A 641 -4.01 -9.62 3.83
N ILE A 642 -4.06 -8.62 4.70
CA ILE A 642 -3.24 -7.43 4.57
C ILE A 642 -1.77 -7.76 4.85
N ALA A 643 -0.88 -7.23 4.02
CA ALA A 643 0.56 -7.46 4.19
C ALA A 643 1.09 -6.89 5.50
N GLN A 644 1.73 -7.76 6.28
CA GLN A 644 2.39 -7.41 7.53
C GLN A 644 3.90 -7.49 7.36
N GLY A 645 4.63 -6.54 7.92
CA GLY A 645 6.08 -6.57 7.89
C GLY A 645 6.67 -5.18 7.94
N ASP A 646 7.98 -5.11 7.72
CA ASP A 646 8.74 -3.86 7.74
C ASP A 646 9.13 -3.43 6.34
N CYS A 647 8.55 -2.33 5.89
CA CYS A 647 8.83 -1.75 4.58
C CYS A 647 9.50 -0.38 4.73
N SER A 648 10.80 -0.33 4.44
CA SER A 648 11.56 0.90 4.53
C SER A 648 12.50 1.04 3.33
N LYS A 649 12.93 2.28 3.06
CA LYS A 649 13.88 2.53 1.97
C LYS A 649 15.08 1.61 2.13
N CYS A 650 15.51 1.01 1.04
CA CYS A 650 16.73 0.24 1.05
C CYS A 650 17.69 0.74 -0.02
N SER A 651 18.97 0.54 0.24
CA SER A 651 20.04 0.81 -0.70
C SER A 651 20.53 -0.53 -1.23
N TYR A 652 20.99 -0.56 -2.48
CA TYR A 652 21.54 -1.79 -3.05
C TYR A 652 22.77 -2.26 -2.30
N ALA A 653 23.49 -1.32 -1.67
CA ALA A 653 24.81 -1.62 -1.09
C ALA A 653 24.73 -2.42 0.21
N GLY A 654 25.66 -3.37 0.38
CA GLY A 654 25.74 -4.13 1.61
C GLY A 654 25.01 -5.46 1.53
N THR A 655 25.26 -6.33 2.50
CA THR A 655 24.68 -7.68 2.46
C THR A 655 23.15 -7.66 2.45
N PHE A 656 22.59 -8.24 1.40
CA PHE A 656 21.14 -8.36 1.25
C PHE A 656 20.58 -9.51 2.09
N ASN A 657 19.34 -9.33 2.57
CA ASN A 657 18.55 -10.41 3.11
C ASN A 657 17.12 -10.21 2.60
N GLU A 658 16.29 -11.25 2.67
CA GLU A 658 14.98 -11.25 2.01
C GLU A 658 14.01 -10.17 2.50
N LYS A 659 14.29 -9.61 3.68
CA LYS A 659 13.41 -8.59 4.24
C LYS A 659 13.91 -7.17 4.03
N LYS A 660 15.05 -7.03 3.36
CA LYS A 660 15.71 -5.73 3.24
C LYS A 660 14.93 -4.69 2.42
N CYS A 661 14.33 -5.15 1.32
CA CYS A 661 13.68 -4.25 0.37
C CYS A 661 12.22 -4.64 0.13
N GLN A 662 11.44 -4.62 1.20
CA GLN A 662 10.04 -5.00 1.14
C GLN A 662 9.16 -3.80 0.83
N THR A 663 8.09 -4.05 0.09
CA THR A 663 7.11 -3.04 -0.30
C THR A 663 5.69 -3.56 -0.05
N ASN A 664 4.71 -2.66 -0.13
CA ASN A 664 3.28 -3.03 -0.08
C ASN A 664 2.77 -3.32 1.34
N CYS A 665 3.57 -2.98 2.36
CA CYS A 665 3.15 -3.16 3.76
C CYS A 665 1.85 -2.41 4.01
N GLY A 666 0.92 -3.06 4.70
CA GLY A 666 -0.37 -2.44 5.02
C GLY A 666 -1.41 -2.46 3.91
N GLN A 667 -1.05 -3.07 2.78
CA GLN A 667 -1.96 -3.22 1.63
C GLN A 667 -2.31 -4.70 1.46
N PRO A 668 -3.40 -5.00 0.72
CA PRO A 668 -3.69 -6.42 0.45
C PRO A 668 -2.45 -7.13 -0.07
N SER A 669 -2.14 -8.31 0.49
CA SER A 669 -0.91 -8.99 0.12
C SER A 669 -0.87 -9.34 -1.36
N GLN A 670 -2.03 -9.71 -1.91
CA GLN A 670 -2.17 -9.82 -3.37
C GLN A 670 -3.55 -9.35 -3.79
N ARG A 671 -3.55 -8.37 -4.69
CA ARG A 671 -4.76 -7.74 -5.20
C ARG A 671 -5.11 -8.21 -6.62
N TRP A 672 -4.09 -8.30 -7.46
CA TRP A 672 -4.28 -8.69 -8.85
C TRP A 672 -3.95 -10.14 -9.07
N TYR A 673 -4.80 -10.82 -9.84
CA TYR A 673 -4.66 -12.25 -10.10
C TYR A 673 -4.58 -12.55 -11.60
N HIS A 674 -3.43 -13.09 -11.99
CA HIS A 674 -3.06 -13.35 -13.38
C HIS A 674 -4.02 -14.25 -14.08
N VAL A 675 -4.53 -13.81 -15.22
CA VAL A 675 -5.36 -14.63 -16.11
C VAL A 675 -4.62 -14.84 -17.43
N PRO A 676 -4.12 -16.08 -17.68
CA PRO A 676 -3.42 -16.32 -18.95
C PRO A 676 -4.31 -16.09 -20.16
N ARG A 677 -3.80 -15.34 -21.13
CA ARG A 677 -4.50 -15.07 -22.40
C ARG A 677 -5.06 -16.33 -23.06
N SER A 678 -4.28 -17.42 -23.04
CA SER A 678 -4.61 -18.64 -23.76
C SER A 678 -5.73 -19.44 -23.11
N TRP A 679 -6.14 -19.03 -21.92
CA TRP A 679 -7.28 -19.66 -21.26
C TRP A 679 -8.60 -19.09 -21.70
N LEU A 680 -8.56 -18.03 -22.52
CA LEU A 680 -9.77 -17.36 -22.95
C LEU A 680 -10.16 -17.72 -24.38
N LYS A 681 -11.46 -17.73 -24.64
CA LYS A 681 -11.99 -17.69 -25.99
C LYS A 681 -12.50 -16.26 -26.27
N PRO A 682 -12.74 -15.92 -27.55
CA PRO A 682 -13.19 -14.54 -27.84
C PRO A 682 -14.44 -14.10 -27.06
N SER A 683 -15.41 -15.00 -26.94
CA SER A 683 -16.67 -14.68 -26.26
C SER A 683 -17.12 -15.80 -25.34
N GLY A 684 -17.97 -15.47 -24.37
CA GLY A 684 -18.58 -16.47 -23.51
C GLY A 684 -17.63 -17.17 -22.58
N ASN A 685 -16.67 -16.42 -22.03
CA ASN A 685 -15.79 -16.94 -21.00
C ASN A 685 -16.49 -17.01 -19.67
N LEU A 686 -16.41 -18.17 -19.02
CA LEU A 686 -17.02 -18.37 -17.72
C LEU A 686 -16.05 -18.02 -16.60
N LEU A 687 -16.48 -17.11 -15.73
CA LEU A 687 -15.72 -16.76 -14.53
C LEU A 687 -16.48 -17.19 -13.29
N VAL A 688 -15.88 -18.10 -12.52
CA VAL A 688 -16.48 -18.56 -11.28
C VAL A 688 -15.53 -18.23 -10.14
N VAL A 689 -16.08 -17.64 -9.08
CA VAL A 689 -15.29 -17.31 -7.90
C VAL A 689 -15.96 -17.95 -6.70
N PHE A 690 -15.23 -18.78 -5.96
CA PHE A 690 -15.72 -19.16 -4.63
C PHE A 690 -15.18 -18.15 -3.63
N GLU A 691 -16.09 -17.49 -2.93
CA GLU A 691 -15.71 -16.51 -1.91
C GLU A 691 -15.93 -17.08 -0.51
N GLU A 692 -14.83 -17.40 0.17
CA GLU A 692 -14.87 -17.98 1.50
C GLU A 692 -15.27 -16.98 2.59
N TRP A 693 -14.72 -15.76 2.50
CA TRP A 693 -14.85 -14.78 3.58
C TRP A 693 -15.99 -13.83 3.40
N GLY A 694 -16.12 -13.27 2.21
CA GLY A 694 -17.15 -12.26 1.93
C GLY A 694 -16.59 -11.18 1.03
N GLY A 695 -17.37 -10.81 0.03
CA GLY A 695 -16.97 -9.74 -0.86
C GLY A 695 -18.12 -9.22 -1.69
N ASN A 696 -17.82 -8.23 -2.53
CA ASN A 696 -18.79 -7.70 -3.47
C ASN A 696 -18.29 -7.95 -4.88
N PRO A 697 -18.91 -8.92 -5.60
CA PRO A 697 -18.37 -9.31 -6.91
C PRO A 697 -18.46 -8.19 -7.95
N THR A 698 -19.36 -7.24 -7.75
CA THR A 698 -19.55 -6.13 -8.71
C THR A 698 -18.25 -5.31 -8.91
N GLY A 699 -17.41 -5.27 -7.87
CA GLY A 699 -16.12 -4.59 -7.93
C GLY A 699 -15.03 -5.30 -8.73
N ILE A 700 -15.27 -6.57 -9.09
CA ILE A 700 -14.30 -7.36 -9.87
C ILE A 700 -14.24 -6.85 -11.31
N SER A 701 -13.03 -6.58 -11.81
CA SER A 701 -12.85 -6.26 -13.22
C SER A 701 -11.60 -6.90 -13.80
N LEU A 702 -11.60 -7.01 -15.13
CA LEU A 702 -10.39 -7.37 -15.86
C LEU A 702 -9.54 -6.14 -16.03
N VAL A 703 -8.22 -6.32 -15.94
CA VAL A 703 -7.27 -5.27 -16.25
C VAL A 703 -6.25 -5.77 -17.27
N ARG A 704 -5.70 -4.84 -18.04
CA ARG A 704 -4.59 -5.13 -18.92
C ARG A 704 -3.32 -4.65 -18.25
N ARG A 705 -2.28 -5.47 -18.30
CA ARG A 705 -1.01 -5.08 -17.69
C ARG A 705 -0.01 -4.63 -18.73
N SER A 706 0.64 -3.52 -18.41
CA SER A 706 1.69 -2.96 -19.24
C SER A 706 2.81 -2.54 -18.32
N ARG A 707 3.99 -2.39 -18.91
CA ARG A 707 5.14 -1.83 -18.26
C ARG A 707 5.50 -0.59 -19.04
N SER A 708 5.90 0.46 -18.35
CA SER A 708 6.30 1.70 -19.01
C SER A 708 7.42 2.37 -18.25
N GLU B 3 -29.85 17.93 41.03
CA GLU B 3 -29.35 17.82 39.61
C GLU B 3 -29.03 19.20 39.00
N ALA B 4 -27.87 19.29 38.36
CA ALA B 4 -27.26 20.57 38.02
C ALA B 4 -28.04 21.42 36.99
N GLU B 5 -27.93 22.74 37.12
CA GLU B 5 -28.48 23.64 36.12
C GLU B 5 -27.79 23.41 34.77
N PHE B 6 -26.46 23.27 34.81
CA PHE B 6 -25.69 23.01 33.61
C PHE B 6 -25.05 21.64 33.65
N SER B 7 -25.33 20.83 32.63
CA SER B 7 -24.70 19.52 32.49
C SER B 7 -24.77 19.04 31.06
N VAL B 8 -23.87 18.13 30.71
CA VAL B 8 -23.97 17.37 29.47
C VAL B 8 -23.76 15.90 29.79
N SER B 9 -24.72 15.08 29.36
CA SER B 9 -24.61 13.64 29.50
C SER B 9 -25.11 13.02 28.21
N TYR B 10 -25.43 11.73 28.24
CA TYR B 10 -25.97 11.07 27.06
C TYR B 10 -26.69 9.81 27.43
N ASP B 11 -27.52 9.32 26.51
CA ASP B 11 -28.17 8.02 26.67
C ASP B 11 -28.21 7.29 25.34
N ASP B 12 -29.05 6.27 25.23
CA ASP B 12 -29.17 5.48 24.00
C ASP B 12 -29.78 6.25 22.83
N ARG B 13 -30.32 7.44 23.12
CA ARG B 13 -30.98 8.25 22.11
C ARG B 13 -30.15 9.46 21.64
N ALA B 14 -29.56 10.19 22.58
CA ALA B 14 -28.96 11.48 22.22
C ALA B 14 -27.99 11.98 23.28
N ILE B 15 -27.22 12.99 22.90
CA ILE B 15 -26.57 13.88 23.86
C ILE B 15 -27.68 14.62 24.62
N ILE B 16 -27.49 14.77 25.93
CA ILE B 16 -28.49 15.39 26.80
C ILE B 16 -27.86 16.64 27.39
N ILE B 17 -28.43 17.80 27.06
CA ILE B 17 -27.87 19.07 27.52
C ILE B 17 -28.82 19.69 28.53
N ASN B 18 -28.31 19.94 29.73
CA ASN B 18 -29.13 20.49 30.83
C ASN B 18 -30.42 19.71 31.04
N GLY B 19 -30.32 18.39 30.90
CA GLY B 19 -31.45 17.50 31.14
C GLY B 19 -32.34 17.22 29.95
N LYS B 20 -32.02 17.82 28.80
CA LYS B 20 -32.85 17.63 27.60
C LYS B 20 -32.09 16.96 26.46
N ARG B 21 -32.64 15.86 25.95
CA ARG B 21 -32.12 15.24 24.74
C ARG B 21 -32.17 16.23 23.58
N LYS B 22 -31.12 16.24 22.77
CA LYS B 22 -31.02 17.15 21.62
C LYS B 22 -30.67 16.40 20.35
N ILE B 23 -31.28 16.79 19.23
CA ILE B 23 -30.75 16.39 17.92
C ILE B 23 -29.87 17.54 17.45
N LEU B 24 -28.56 17.31 17.45
CA LEU B 24 -27.59 18.38 17.28
C LEU B 24 -27.07 18.51 15.86
N ILE B 25 -27.21 19.71 15.30
CA ILE B 25 -26.74 20.05 13.95
C ILE B 25 -25.46 20.88 14.07
N SER B 26 -24.38 20.41 13.45
CA SER B 26 -23.06 20.96 13.69
C SER B 26 -22.33 21.23 12.38
N GLY B 27 -21.37 22.14 12.41
CA GLY B 27 -20.52 22.36 11.24
C GLY B 27 -19.12 22.73 11.65
N SER B 28 -18.14 22.30 10.87
CA SER B 28 -16.75 22.59 11.20
C SER B 28 -16.34 23.94 10.65
N ILE B 29 -15.72 24.75 11.50
CA ILE B 29 -15.08 26.01 11.08
C ILE B 29 -13.73 26.01 11.81
N HIS B 30 -12.63 25.91 11.06
CA HIS B 30 -11.30 25.89 11.69
C HIS B 30 -10.78 27.28 11.89
N TYR B 31 -10.66 27.69 13.15
CA TYR B 31 -10.29 29.07 13.46
C TYR B 31 -9.06 29.63 12.68
N PRO B 32 -7.96 28.85 12.49
CA PRO B 32 -6.82 29.48 11.80
C PRO B 32 -6.95 29.53 10.28
N ARG B 33 -8.05 29.00 9.75
CA ARG B 33 -8.26 29.00 8.32
C ARG B 33 -9.13 30.16 7.84
N SER B 34 -9.37 31.11 8.75
CA SER B 34 -10.05 32.38 8.45
C SER B 34 -9.45 33.43 9.39
N THR B 35 -9.87 34.69 9.26
CA THR B 35 -9.34 35.75 10.12
C THR B 35 -10.32 36.08 11.25
N PRO B 36 -9.82 36.70 12.33
CA PRO B 36 -10.73 37.11 13.40
C PRO B 36 -11.82 38.10 12.92
N GLN B 37 -11.57 38.84 11.84
CA GLN B 37 -12.63 39.71 11.30
C GLN B 37 -13.71 38.94 10.55
N MET B 38 -13.35 37.75 10.03
CA MET B 38 -14.33 36.87 9.40
C MET B 38 -15.14 36.08 10.42
N TRP B 39 -14.51 35.66 11.52
CA TRP B 39 -15.18 34.75 12.46
C TRP B 39 -16.59 35.10 12.83
N PRO B 40 -16.84 36.36 13.26
CA PRO B 40 -18.24 36.60 13.69
C PRO B 40 -19.26 36.44 12.56
N ASP B 41 -18.89 36.86 11.34
CA ASP B 41 -19.79 36.70 10.20
C ASP B 41 -19.97 35.25 9.80
N LEU B 42 -18.89 34.46 9.85
CA LEU B 42 -19.02 33.04 9.52
C LEU B 42 -19.93 32.36 10.53
N ILE B 43 -19.77 32.73 11.79
CA ILE B 43 -20.59 32.16 12.85
C ILE B 43 -22.06 32.58 12.71
N GLN B 44 -22.30 33.84 12.36
CA GLN B 44 -23.67 34.31 12.14
C GLN B 44 -24.30 33.57 10.96
N LYS B 45 -23.53 33.37 9.89
CA LYS B 45 -24.03 32.60 8.75
C LYS B 45 -24.33 31.15 9.12
N ALA B 46 -23.49 30.56 9.97
CA ALA B 46 -23.75 29.21 10.47
C ALA B 46 -25.05 29.16 11.27
N LYS B 47 -25.23 30.15 12.16
CA LYS B 47 -26.44 30.23 12.97
C LYS B 47 -27.65 30.35 12.06
N ASP B 48 -27.57 31.26 11.10
CA ASP B 48 -28.67 31.49 10.16
C ASP B 48 -28.88 30.31 9.21
N GLY B 49 -27.86 29.46 9.09
CA GLY B 49 -27.92 28.25 8.27
C GLY B 49 -28.43 27.06 9.05
N GLY B 50 -28.79 27.28 10.31
CA GLY B 50 -29.45 26.27 11.13
C GLY B 50 -28.53 25.40 11.97
N LEU B 51 -27.29 25.82 12.21
CA LEU B 51 -26.37 25.03 13.05
C LEU B 51 -26.58 25.33 14.53
N ASP B 52 -26.49 24.28 15.36
CA ASP B 52 -26.54 24.39 16.81
C ASP B 52 -25.13 24.39 17.41
N VAL B 53 -24.17 23.86 16.66
CA VAL B 53 -22.82 23.59 17.17
C VAL B 53 -21.80 23.98 16.12
N ILE B 54 -20.66 24.53 16.57
CA ILE B 54 -19.47 24.69 15.73
C ILE B 54 -18.42 23.69 16.22
N GLU B 55 -17.87 22.93 15.28
CA GLU B 55 -16.85 21.94 15.57
C GLU B 55 -15.52 22.46 15.06
N THR B 56 -14.45 22.26 15.82
CA THR B 56 -13.12 22.62 15.31
C THR B 56 -12.05 21.77 15.94
N TYR B 57 -11.04 21.44 15.17
CA TYR B 57 -9.81 20.90 15.73
C TYR B 57 -9.06 21.98 16.50
N VAL B 58 -8.16 21.54 17.37
CA VAL B 58 -7.12 22.42 17.91
C VAL B 58 -5.83 22.09 17.16
N PHE B 59 -5.05 23.11 16.81
CA PHE B 59 -3.87 22.92 15.98
C PHE B 59 -2.56 23.12 16.75
N TRP B 60 -2.05 22.03 17.30
CA TRP B 60 -0.91 22.05 18.21
C TRP B 60 0.28 22.76 17.64
N ASN B 61 0.68 22.39 16.42
CA ASN B 61 1.89 22.99 15.86
C ASN B 61 1.79 24.48 15.57
N GLY B 62 0.57 25.00 15.41
CA GLY B 62 0.36 26.44 15.35
C GLY B 62 0.50 27.10 16.72
N HIS B 63 0.09 26.37 17.77
CA HIS B 63 0.12 26.89 19.12
C HIS B 63 1.41 26.70 19.84
N GLU B 64 2.26 25.79 19.36
CA GLU B 64 3.57 25.57 20.01
C GLU B 64 4.71 25.47 18.98
N PRO B 65 5.11 26.62 18.41
CA PRO B 65 6.11 26.66 17.34
C PRO B 65 7.49 26.15 17.74
N SER B 66 7.81 26.27 19.03
CA SER B 66 9.04 25.70 19.57
C SER B 66 8.74 25.25 20.99
N PRO B 67 9.54 24.31 21.54
CA PRO B 67 9.19 23.72 22.84
C PRO B 67 8.96 24.78 23.92
N GLY B 68 7.75 24.77 24.48
CA GLY B 68 7.40 25.64 25.59
C GLY B 68 7.14 27.09 25.24
N LYS B 69 7.14 27.41 23.95
CA LYS B 69 6.80 28.76 23.48
C LYS B 69 5.46 28.69 22.80
N TYR B 70 4.46 29.37 23.35
CA TYR B 70 3.10 29.23 22.86
C TYR B 70 2.59 30.42 22.05
N ASN B 71 1.67 30.14 21.13
CA ASN B 71 1.04 31.18 20.34
C ASN B 71 -0.47 31.00 20.35
N PHE B 72 -1.16 31.94 20.99
CA PHE B 72 -2.63 31.98 20.97
C PHE B 72 -3.10 33.37 20.52
N GLU B 73 -2.36 33.95 19.59
CA GLU B 73 -2.63 35.32 19.15
C GLU B 73 -3.18 35.33 17.73
N GLY B 74 -3.95 36.37 17.40
CA GLY B 74 -4.47 36.55 16.05
C GLY B 74 -5.41 35.44 15.63
N ARG B 75 -5.16 34.83 14.47
CA ARG B 75 -6.03 33.76 14.01
C ARG B 75 -5.82 32.44 14.79
N TYR B 76 -4.86 32.44 15.71
CA TYR B 76 -4.69 31.32 16.65
C TYR B 76 -5.27 31.63 18.03
N ASP B 77 -6.07 32.67 18.15
CA ASP B 77 -6.69 32.98 19.43
C ASP B 77 -7.91 32.08 19.62
N LEU B 78 -7.67 30.86 20.08
CA LEU B 78 -8.69 29.83 20.27
C LEU B 78 -9.79 30.28 21.24
N VAL B 79 -9.38 30.92 22.33
CA VAL B 79 -10.34 31.38 23.33
C VAL B 79 -11.28 32.43 22.72
N ARG B 80 -10.71 33.37 21.97
CA ARG B 80 -11.52 34.42 21.34
C ARG B 80 -12.56 33.80 20.39
N PHE B 81 -12.12 32.82 19.61
CA PHE B 81 -13.01 32.17 18.65
C PHE B 81 -14.15 31.48 19.40
N ILE B 82 -13.81 30.70 20.42
CA ILE B 82 -14.84 29.99 21.18
C ILE B 82 -15.81 30.94 21.87
N LYS B 83 -15.30 32.06 22.38
CA LYS B 83 -16.17 33.08 22.97
C LYS B 83 -17.12 33.69 21.94
N MET B 84 -16.68 33.83 20.70
CA MET B 84 -17.58 34.31 19.64
C MET B 84 -18.70 33.33 19.35
N VAL B 85 -18.38 32.03 19.39
CA VAL B 85 -19.41 31.02 19.20
C VAL B 85 -20.44 31.11 20.34
N GLN B 86 -19.93 31.26 21.57
CA GLN B 86 -20.78 31.40 22.74
C GLN B 86 -21.69 32.61 22.62
N ARG B 87 -21.11 33.72 22.15
CA ARG B 87 -21.87 34.96 22.02
C ARG B 87 -23.05 34.79 21.06
N ALA B 88 -22.85 33.98 20.04
CA ALA B 88 -23.88 33.70 19.03
C ALA B 88 -24.92 32.70 19.52
N GLY B 89 -24.68 32.13 20.70
CA GLY B 89 -25.62 31.16 21.28
C GLY B 89 -25.50 29.75 20.75
N LEU B 90 -24.34 29.42 20.19
CA LEU B 90 -24.07 28.07 19.70
C LEU B 90 -23.15 27.35 20.67
N TYR B 91 -23.16 26.02 20.56
CA TYR B 91 -22.27 25.14 21.32
C TYR B 91 -21.03 24.82 20.49
N VAL B 92 -20.07 24.15 21.13
CA VAL B 92 -18.80 23.80 20.47
C VAL B 92 -18.45 22.33 20.71
N ASN B 93 -18.01 21.65 19.66
CA ASN B 93 -17.34 20.36 19.79
C ASN B 93 -15.85 20.64 19.58
N LEU B 94 -15.07 20.52 20.65
CA LEU B 94 -13.64 20.84 20.58
C LEU B 94 -12.82 19.59 20.31
N ARG B 95 -12.31 19.46 19.08
CA ARG B 95 -11.59 18.24 18.71
C ARG B 95 -10.11 18.43 18.99
N ILE B 96 -9.71 18.13 20.22
CA ILE B 96 -8.37 18.49 20.67
C ILE B 96 -7.29 17.67 19.97
N GLY B 97 -7.53 16.38 19.79
CA GLY B 97 -6.55 15.50 19.14
C GLY B 97 -5.54 14.97 20.15
N PRO B 98 -4.28 15.45 20.09
CA PRO B 98 -3.77 16.54 19.27
C PRO B 98 -3.24 16.10 17.89
N TYR B 99 -3.24 14.80 17.60
CA TYR B 99 -3.23 14.42 16.19
C TYR B 99 -4.61 14.76 15.64
N VAL B 100 -4.65 15.56 14.59
CA VAL B 100 -5.93 16.00 14.04
C VAL B 100 -6.11 15.69 12.54
N CYS B 101 -5.04 15.26 11.87
CA CYS B 101 -5.08 15.03 10.42
C CYS B 101 -5.40 16.35 9.72
N ALA B 102 -6.66 16.53 9.30
CA ALA B 102 -7.18 17.85 8.88
C ALA B 102 -6.54 18.42 7.62
N GLU B 103 -5.89 17.56 6.81
CA GLU B 103 -5.12 18.03 5.66
C GLU B 103 -4.21 19.19 6.09
N TRP B 104 -3.67 19.06 7.29
CA TRP B 104 -2.91 20.12 7.97
C TRP B 104 -1.49 19.69 8.17
N ASN B 105 -0.55 20.63 8.06
CA ASN B 105 0.88 20.35 8.15
C ASN B 105 1.24 19.35 9.26
N PHE B 106 1.85 18.22 8.87
CA PHE B 106 2.32 17.18 9.82
C PHE B 106 1.22 16.64 10.74
N GLY B 107 -0.04 16.78 10.31
CA GLY B 107 -1.18 16.27 11.07
C GLY B 107 -1.43 17.01 12.37
N GLY B 108 -0.80 18.17 12.53
CA GLY B 108 -0.93 18.94 13.78
C GLY B 108 0.26 18.84 14.73
N PHE B 109 1.10 17.83 14.54
CA PHE B 109 2.26 17.68 15.43
C PHE B 109 3.32 18.73 15.15
N PRO B 110 3.91 19.32 16.20
CA PRO B 110 5.10 20.14 15.99
C PRO B 110 6.20 19.29 15.39
N VAL B 111 6.93 19.85 14.44
CA VAL B 111 8.02 19.12 13.79
C VAL B 111 9.11 18.83 14.82
N TRP B 112 9.32 19.76 15.75
CA TRP B 112 10.35 19.57 16.78
C TRP B 112 10.08 18.39 17.68
N LEU B 113 8.81 17.97 17.75
CA LEU B 113 8.41 16.87 18.62
C LEU B 113 9.08 15.58 18.16
N LYS B 114 9.25 15.44 16.85
CA LYS B 114 9.87 14.26 16.27
C LYS B 114 11.27 14.02 16.83
N TYR B 115 11.95 15.09 17.24
CA TYR B 115 13.37 15.01 17.62
C TYR B 115 13.65 14.90 19.12
N VAL B 116 12.59 14.80 19.91
CA VAL B 116 12.73 14.50 21.35
C VAL B 116 13.31 13.09 21.49
N PRO B 117 14.37 12.93 22.32
CA PRO B 117 14.99 11.60 22.41
C PRO B 117 13.99 10.50 22.74
N GLY B 118 14.08 9.38 22.03
CA GLY B 118 13.23 8.23 22.28
C GLY B 118 11.77 8.34 21.84
N MET B 119 11.45 9.41 21.13
CA MET B 119 10.08 9.70 20.66
C MET B 119 9.59 8.78 19.55
N GLU B 120 8.36 8.29 19.70
CA GLU B 120 7.63 7.64 18.61
C GLU B 120 6.19 8.13 18.71
N PHE B 121 5.61 8.53 17.58
CA PHE B 121 4.26 9.14 17.56
C PHE B 121 3.14 8.10 17.61
N ARG B 122 2.04 8.44 18.31
CA ARG B 122 0.76 7.71 18.20
C ARG B 122 0.91 6.22 18.53
N THR B 123 1.59 5.96 19.64
CA THR B 123 1.78 4.60 20.13
C THR B 123 2.13 4.66 21.61
N ASN B 124 2.34 3.50 22.22
CA ASN B 124 2.51 3.39 23.66
C ASN B 124 3.94 3.76 24.09
N ASN B 125 4.29 5.03 23.83
CA ASN B 125 5.63 5.55 23.95
C ASN B 125 5.65 6.65 25.01
N GLN B 126 6.49 6.50 26.03
CA GLN B 126 6.45 7.44 27.16
C GLN B 126 6.73 8.90 26.79
N PRO B 127 7.77 9.17 25.98
CA PRO B 127 7.95 10.59 25.60
C PRO B 127 6.73 11.16 24.87
N PHE B 128 6.11 10.35 24.00
CA PHE B 128 4.92 10.82 23.28
C PHE B 128 3.77 11.10 24.24
N LYS B 129 3.53 10.13 25.13
CA LYS B 129 2.45 10.24 26.12
C LYS B 129 2.62 11.50 26.98
N VAL B 130 3.85 11.77 27.44
CA VAL B 130 4.14 12.97 28.23
C VAL B 130 3.78 14.24 27.46
N ALA B 131 4.26 14.34 26.23
CA ALA B 131 4.04 15.54 25.43
C ALA B 131 2.56 15.71 25.09
N MET B 132 1.93 14.63 24.64
CA MET B 132 0.50 14.65 24.30
C MET B 132 -0.34 15.04 25.51
N GLN B 133 -0.14 14.36 26.64
CA GLN B 133 -0.88 14.69 27.86
C GLN B 133 -0.65 16.14 28.26
N GLY B 134 0.59 16.60 28.16
CA GLY B 134 0.93 17.98 28.48
C GLY B 134 0.12 18.98 27.68
N PHE B 135 0.02 18.76 26.37
CA PHE B 135 -0.71 19.70 25.54
C PHE B 135 -2.24 19.62 25.75
N VAL B 136 -2.77 18.41 25.84
CA VAL B 136 -4.21 18.23 26.06
C VAL B 136 -4.61 18.86 27.40
N GLN B 137 -3.79 18.60 28.43
CA GLN B 137 -4.02 19.19 29.73
C GLN B 137 -3.99 20.73 29.65
N LYS B 138 -3.05 21.28 28.88
CA LYS B 138 -2.96 22.74 28.74
C LYS B 138 -4.24 23.31 28.13
N ILE B 139 -4.71 22.69 27.06
CA ILE B 139 -5.92 23.14 26.41
C ILE B 139 -7.12 23.05 27.35
N VAL B 140 -7.25 21.91 28.04
CA VAL B 140 -8.37 21.72 28.97
C VAL B 140 -8.33 22.78 30.08
N ASN B 141 -7.14 23.03 30.65
CA ASN B 141 -7.02 24.05 31.70
C ASN B 141 -7.37 25.45 31.19
N MET B 142 -6.97 25.75 29.95
CA MET B 142 -7.28 27.04 29.33
C MET B 142 -8.80 27.22 29.17
N MET B 143 -9.48 26.17 28.71
CA MET B 143 -10.92 26.22 28.58
C MET B 143 -11.59 26.40 29.95
N LYS B 144 -11.13 25.65 30.94
CA LYS B 144 -11.71 25.71 32.28
C LYS B 144 -11.55 27.09 32.89
N SER B 145 -10.39 27.70 32.64
CA SER B 145 -10.04 28.98 33.23
C SER B 145 -10.96 30.09 32.71
N GLU B 146 -11.54 29.87 31.52
CA GLU B 146 -12.50 30.79 30.94
C GLU B 146 -13.94 30.29 31.04
N ASN B 147 -14.16 29.27 31.87
CA ASN B 147 -15.50 28.70 32.05
C ASN B 147 -16.14 28.27 30.74
N LEU B 148 -15.36 27.67 29.84
CA LEU B 148 -15.84 27.40 28.50
C LEU B 148 -16.49 26.04 28.31
N PHE B 149 -16.36 25.14 29.30
CA PHE B 149 -17.10 23.89 29.21
C PHE B 149 -18.55 24.12 29.60
N GLU B 150 -19.45 23.37 28.96
CA GLU B 150 -20.89 23.61 29.13
C GLU B 150 -21.32 23.46 30.59
N SER B 151 -20.72 22.49 31.27
CA SER B 151 -20.97 22.24 32.69
C SER B 151 -20.62 23.45 33.56
N GLN B 152 -19.86 24.38 32.98
CA GLN B 152 -19.46 25.63 33.63
C GLN B 152 -20.24 26.80 33.07
N GLY B 153 -21.22 26.53 32.21
CA GLY B 153 -22.00 27.61 31.59
C GLY B 153 -21.44 28.09 30.26
N GLY B 154 -20.41 27.40 29.78
CA GLY B 154 -19.78 27.73 28.50
C GLY B 154 -20.36 26.94 27.32
N PRO B 155 -19.75 27.07 26.14
CA PRO B 155 -20.33 26.43 24.97
C PRO B 155 -19.83 25.01 24.67
N ILE B 156 -18.72 24.58 25.24
CA ILE B 156 -18.12 23.31 24.79
C ILE B 156 -18.89 22.14 25.38
N ILE B 157 -19.53 21.36 24.52
CA ILE B 157 -20.41 20.28 24.96
C ILE B 157 -19.80 18.89 24.82
N MET B 158 -18.65 18.81 24.16
CA MET B 158 -17.91 17.54 24.03
C MET B 158 -16.52 17.84 23.48
N ALA B 159 -15.58 16.92 23.68
CA ALA B 159 -14.25 17.05 23.12
C ALA B 159 -13.80 15.72 22.55
N GLN B 160 -12.92 15.77 21.53
CA GLN B 160 -12.36 14.56 20.92
C GLN B 160 -10.91 14.36 21.34
N ILE B 161 -10.57 13.12 21.66
CA ILE B 161 -9.18 12.74 21.89
C ILE B 161 -8.72 11.87 20.72
N GLU B 162 -7.48 12.06 20.26
CA GLU B 162 -6.96 11.42 19.05
C GLU B 162 -7.81 11.81 17.83
N ASN B 163 -7.58 11.13 16.70
CA ASN B 163 -8.38 11.32 15.49
C ASN B 163 -8.19 10.11 14.58
N GLU B 164 -9.27 9.35 14.38
CA GLU B 164 -9.25 8.16 13.52
C GLU B 164 -8.09 7.24 13.86
N TYR B 165 -7.93 6.94 15.13
CA TYR B 165 -6.84 6.06 15.54
C TYR B 165 -7.10 4.57 15.29
N GLY B 166 -8.37 4.17 15.21
CA GLY B 166 -8.73 2.75 15.07
C GLY B 166 -7.97 1.99 14.00
N PRO B 167 -7.92 2.53 12.76
CA PRO B 167 -7.17 1.84 11.69
C PRO B 167 -5.67 1.74 11.96
N VAL B 168 -5.10 2.72 12.64
CA VAL B 168 -3.67 2.70 12.98
C VAL B 168 -3.44 1.66 14.07
N GLU B 169 -4.29 1.70 15.10
CA GLU B 169 -4.26 0.72 16.18
C GLU B 169 -4.24 -0.71 15.64
N TRP B 170 -5.16 -1.00 14.72
CA TRP B 170 -5.23 -2.32 14.09
C TRP B 170 -3.94 -2.72 13.45
N GLU B 171 -3.33 -1.82 12.68
CA GLU B 171 -2.12 -2.15 11.94
C GLU B 171 -0.92 -2.39 12.86
N ILE B 172 -0.76 -1.55 13.88
CA ILE B 172 0.42 -1.65 14.74
C ILE B 172 0.30 -2.65 15.89
N GLY B 173 -0.93 -3.12 16.15
CA GLY B 173 -1.14 -4.20 17.12
C GLY B 173 -1.13 -3.78 18.58
N ALA B 174 -0.53 -4.63 19.42
CA ALA B 174 -0.64 -4.49 20.86
C ALA B 174 -0.26 -3.12 21.44
N PRO B 175 0.82 -2.48 20.93
CA PRO B 175 1.09 -1.14 21.48
C PRO B 175 -0.03 -0.15 21.16
N GLY B 176 -0.73 -0.36 20.04
CA GLY B 176 -1.85 0.51 19.70
C GLY B 176 -3.01 0.35 20.67
N LYS B 177 -3.27 -0.89 21.06
CA LYS B 177 -4.33 -1.16 22.03
C LYS B 177 -4.01 -0.50 23.37
N ALA B 178 -2.75 -0.62 23.80
CA ALA B 178 -2.32 -0.03 25.07
C ALA B 178 -2.44 1.50 25.04
N TYR B 179 -2.00 2.10 23.93
CA TYR B 179 -2.10 3.54 23.75
C TYR B 179 -3.55 4.04 23.70
N THR B 180 -4.43 3.30 23.03
CA THR B 180 -5.85 3.66 22.97
C THR B 180 -6.44 3.75 24.39
N LYS B 181 -6.22 2.71 25.18
CA LYS B 181 -6.73 2.65 26.55
C LYS B 181 -6.13 3.78 27.39
N TRP B 182 -4.82 4.01 27.22
CA TRP B 182 -4.16 5.10 27.93
C TRP B 182 -4.75 6.45 27.56
N ALA B 183 -4.95 6.70 26.26
CA ALA B 183 -5.42 8.01 25.79
C ALA B 183 -6.83 8.34 26.25
N ALA B 184 -7.72 7.35 26.15
CA ALA B 184 -9.10 7.48 26.62
C ALA B 184 -9.13 7.74 28.11
N GLN B 185 -8.37 6.97 28.90
CA GLN B 185 -8.39 7.16 30.35
C GLN B 185 -7.84 8.54 30.72
N MET B 186 -6.77 8.95 30.05
CA MET B 186 -6.12 10.23 30.35
C MET B 186 -7.08 11.38 30.06
N ALA B 187 -7.70 11.35 28.89
CA ALA B 187 -8.65 12.40 28.51
C ALA B 187 -9.82 12.49 29.50
N VAL B 188 -10.46 11.36 29.77
CA VAL B 188 -11.61 11.33 30.69
C VAL B 188 -11.17 11.83 32.07
N GLY B 189 -9.93 11.51 32.44
CA GLY B 189 -9.38 11.90 33.73
C GLY B 189 -9.13 13.38 33.90
N LEU B 190 -9.22 14.14 32.81
CA LEU B 190 -9.06 15.60 32.87
C LEU B 190 -10.33 16.30 33.40
N LYS B 191 -11.40 15.52 33.60
CA LYS B 191 -12.61 16.00 34.30
C LYS B 191 -13.20 17.27 33.69
N THR B 192 -13.51 17.21 32.40
CA THR B 192 -14.02 18.38 31.71
C THR B 192 -15.47 18.67 32.10
N GLY B 193 -16.17 17.65 32.59
CA GLY B 193 -17.60 17.78 32.89
C GLY B 193 -18.52 17.51 31.70
N VAL B 194 -17.93 17.19 30.55
CA VAL B 194 -18.71 16.92 29.33
C VAL B 194 -18.17 15.67 28.62
N PRO B 195 -18.95 15.06 27.71
CA PRO B 195 -18.47 13.79 27.14
C PRO B 195 -17.23 13.89 26.29
N TRP B 196 -16.50 12.78 26.19
CA TRP B 196 -15.40 12.62 25.25
C TRP B 196 -15.82 11.73 24.13
N ILE B 197 -15.30 12.00 22.94
CA ILE B 197 -15.57 11.19 21.76
C ILE B 197 -14.26 10.78 21.09
N MET B 198 -14.31 9.70 20.31
CA MET B 198 -13.20 9.32 19.44
C MET B 198 -13.81 8.88 18.13
N CYS B 199 -13.28 9.37 17.01
CA CYS B 199 -13.85 8.98 15.71
C CYS B 199 -13.10 7.80 15.14
N LYS B 200 -13.86 6.87 14.53
CA LYS B 200 -13.31 5.63 13.97
C LYS B 200 -12.51 4.88 15.01
N GLN B 201 -13.20 4.42 16.04
CA GLN B 201 -12.57 3.80 17.18
C GLN B 201 -13.55 2.81 17.79
N GLU B 202 -13.72 1.68 17.11
CA GLU B 202 -14.71 0.68 17.53
C GLU B 202 -14.53 0.23 18.98
N ASP B 203 -13.29 0.22 19.46
CA ASP B 203 -13.02 -0.23 20.83
C ASP B 203 -12.95 0.90 21.87
N ALA B 204 -13.45 2.10 21.55
CA ALA B 204 -13.33 3.22 22.50
C ALA B 204 -13.87 2.82 23.88
N PRO B 205 -13.03 2.91 24.93
CA PRO B 205 -13.49 2.47 26.26
C PRO B 205 -14.53 3.41 26.86
N ASP B 206 -15.53 2.85 27.55
CA ASP B 206 -16.49 3.66 28.32
C ASP B 206 -15.69 4.60 29.22
N PRO B 207 -16.16 5.85 29.41
CA PRO B 207 -17.38 6.46 28.91
C PRO B 207 -17.26 7.17 27.56
N VAL B 208 -16.16 6.94 26.84
CA VAL B 208 -15.96 7.62 25.56
C VAL B 208 -16.95 7.13 24.50
N ILE B 209 -17.52 8.05 23.73
CA ILE B 209 -18.43 7.66 22.65
C ILE B 209 -17.61 7.56 21.36
N ASP B 210 -17.71 6.42 20.64
CA ASP B 210 -17.09 6.35 19.33
C ASP B 210 -18.04 6.87 18.26
N THR B 211 -17.48 7.52 17.25
CA THR B 211 -18.26 8.21 16.23
C THR B 211 -17.80 7.80 14.83
N CYS B 212 -18.53 8.29 13.84
CA CYS B 212 -18.35 7.89 12.45
C CYS B 212 -18.00 9.10 11.60
N ASN B 213 -17.11 8.88 10.63
CA ASN B 213 -16.79 9.85 9.57
C ASN B 213 -17.05 9.26 8.20
N GLY B 214 -17.51 10.09 7.27
CA GLY B 214 -17.60 9.64 5.88
C GLY B 214 -18.62 10.39 5.06
N PHE B 215 -18.82 9.96 3.82
CA PHE B 215 -19.90 10.53 3.01
C PHE B 215 -21.28 10.10 3.51
N TYR B 216 -21.35 8.90 4.08
CA TYR B 216 -22.60 8.34 4.60
C TYR B 216 -22.29 7.62 5.90
N CYS B 217 -23.16 7.75 6.89
CA CYS B 217 -22.88 6.99 8.12
C CYS B 217 -24.16 6.34 8.67
N GLU B 218 -25.18 6.16 7.83
CA GLU B 218 -26.51 5.70 8.30
C GLU B 218 -26.52 4.29 8.93
N GLY B 219 -25.58 3.44 8.52
CA GLY B 219 -25.49 2.07 9.06
C GLY B 219 -24.63 1.95 10.30
N PHE B 220 -23.98 3.04 10.68
CA PHE B 220 -23.10 3.03 11.83
C PHE B 220 -23.87 2.91 13.13
N ARG B 221 -23.32 2.15 14.07
CA ARG B 221 -23.82 2.14 15.45
C ARG B 221 -22.64 2.26 16.38
N PRO B 222 -22.78 3.05 17.46
CA PRO B 222 -21.72 3.16 18.44
C PRO B 222 -21.51 1.84 19.18
N ASN B 223 -20.41 1.75 19.93
CA ASN B 223 -19.98 0.46 20.42
C ASN B 223 -20.71 -0.07 21.66
N LYS B 224 -21.64 0.71 22.18
CA LYS B 224 -22.51 0.25 23.27
C LYS B 224 -23.93 0.73 23.00
N PRO B 225 -24.94 -0.03 23.43
CA PRO B 225 -26.31 0.42 23.18
C PRO B 225 -26.70 1.70 23.95
N TYR B 226 -25.96 2.04 25.01
CA TYR B 226 -26.26 3.20 25.86
C TYR B 226 -25.49 4.46 25.46
N LYS B 227 -24.91 4.42 24.27
CA LYS B 227 -24.23 5.57 23.67
C LYS B 227 -25.03 6.05 22.46
N PRO B 228 -25.05 7.37 22.22
CA PRO B 228 -25.80 7.89 21.07
C PRO B 228 -25.00 7.75 19.77
N LYS B 229 -25.71 7.84 18.66
CA LYS B 229 -25.19 7.68 17.32
C LYS B 229 -24.79 9.04 16.76
N MET B 230 -23.49 9.21 16.46
CA MET B 230 -22.94 10.54 16.13
C MET B 230 -22.04 10.48 14.91
N TRP B 231 -22.17 11.47 14.05
CA TRP B 231 -21.42 11.54 12.80
C TRP B 231 -20.57 12.78 12.82
N THR B 232 -19.27 12.61 13.06
CA THR B 232 -18.39 13.77 13.33
C THR B 232 -17.93 14.49 12.08
N GLU B 233 -18.02 13.81 10.94
CA GLU B 233 -17.64 14.42 9.66
C GLU B 233 -18.54 13.96 8.52
N VAL B 234 -19.53 14.77 8.19
CA VAL B 234 -20.30 14.60 6.97
C VAL B 234 -19.49 15.34 5.90
N TRP B 235 -18.77 14.62 5.04
CA TRP B 235 -17.89 15.31 4.09
C TRP B 235 -18.69 16.06 3.08
N THR B 236 -18.40 17.35 2.94
CA THR B 236 -19.20 18.24 2.09
C THR B 236 -18.69 18.31 0.66
N GLY B 237 -17.65 17.56 0.38
CA GLY B 237 -16.86 17.67 -0.84
C GLY B 237 -15.58 16.93 -0.57
N TRP B 238 -14.46 17.44 -1.07
CA TRP B 238 -13.15 16.87 -0.76
C TRP B 238 -12.15 17.98 -0.81
N TYR B 239 -10.96 17.72 -0.29
CA TYR B 239 -9.92 18.74 -0.30
C TYR B 239 -9.38 18.91 -1.72
N THR B 240 -8.77 20.06 -1.97
CA THR B 240 -8.06 20.30 -3.22
C THR B 240 -6.57 20.09 -2.97
N LYS B 241 -5.93 19.32 -3.84
CA LYS B 241 -4.49 19.20 -3.81
C LYS B 241 -3.89 19.93 -5.02
N PHE B 242 -2.65 20.37 -4.86
CA PHE B 242 -1.91 20.89 -5.99
C PHE B 242 -1.72 19.74 -6.98
N GLY B 243 -2.13 19.97 -8.22
CA GLY B 243 -2.14 18.93 -9.25
C GLY B 243 -3.45 18.19 -9.41
N GLY B 244 -4.40 18.48 -8.53
CA GLY B 244 -5.71 17.83 -8.59
C GLY B 244 -6.83 18.79 -8.93
N PRO B 245 -8.04 18.25 -9.14
CA PRO B 245 -9.22 19.04 -9.48
C PRO B 245 -9.88 19.65 -8.26
N ILE B 246 -10.95 20.40 -8.48
CA ILE B 246 -11.75 20.94 -7.39
C ILE B 246 -12.94 19.99 -7.17
N PRO B 247 -12.93 19.22 -6.06
CA PRO B 247 -13.95 18.19 -5.96
C PRO B 247 -15.20 18.72 -5.27
N GLN B 248 -16.35 18.48 -5.87
CA GLN B 248 -17.63 18.96 -5.36
C GLN B 248 -18.49 17.80 -4.89
N ARG B 249 -19.47 18.08 -4.03
CA ARG B 249 -20.47 17.09 -3.65
C ARG B 249 -21.84 17.76 -3.73
N PRO B 250 -22.77 17.18 -4.50
CA PRO B 250 -24.07 17.82 -4.68
C PRO B 250 -24.86 17.97 -3.39
N ALA B 251 -25.49 19.13 -3.24
CA ALA B 251 -26.35 19.42 -2.10
C ALA B 251 -27.42 18.36 -1.87
N GLU B 252 -28.01 17.85 -2.96
CA GLU B 252 -29.09 16.85 -2.84
C GLU B 252 -28.60 15.54 -2.24
N ASP B 253 -27.35 15.17 -2.53
CA ASP B 253 -26.80 13.95 -1.99
C ASP B 253 -26.38 14.16 -0.53
N ILE B 254 -25.82 15.32 -0.22
CA ILE B 254 -25.50 15.63 1.18
C ILE B 254 -26.78 15.59 2.02
N ALA B 255 -27.83 16.25 1.54
CA ALA B 255 -29.10 16.29 2.27
C ALA B 255 -29.68 14.87 2.44
N PHE B 256 -29.64 14.09 1.36
CA PHE B 256 -30.04 12.69 1.44
C PHE B 256 -29.24 11.93 2.51
N SER B 257 -27.93 12.11 2.53
CA SER B 257 -27.08 11.38 3.49
C SER B 257 -27.42 11.77 4.94
N VAL B 258 -27.68 13.06 5.18
CA VAL B 258 -28.02 13.53 6.53
C VAL B 258 -29.39 12.99 6.94
N ALA B 259 -30.37 13.07 6.02
CA ALA B 259 -31.70 12.53 6.33
C ALA B 259 -31.65 11.02 6.59
N ARG B 260 -30.83 10.31 5.84
CA ARG B 260 -30.69 8.86 6.03
C ARG B 260 -30.14 8.54 7.41
N PHE B 261 -29.22 9.38 7.89
CA PHE B 261 -28.61 9.20 9.21
C PHE B 261 -29.61 9.55 10.32
N VAL B 262 -30.26 10.71 10.19
CA VAL B 262 -31.23 11.15 11.19
C VAL B 262 -32.45 10.24 11.25
N GLN B 263 -32.89 9.73 10.10
CA GLN B 263 -34.08 8.88 10.10
C GLN B 263 -33.80 7.57 10.83
N ASN B 264 -32.52 7.20 10.91
CA ASN B 264 -32.13 5.96 11.56
C ASN B 264 -31.44 6.25 12.89
N ASN B 265 -32.12 7.02 13.74
CA ASN B 265 -31.68 7.30 15.11
C ASN B 265 -30.48 8.23 15.29
N GLY B 266 -29.92 8.73 14.19
CA GLY B 266 -28.75 9.62 14.28
C GLY B 266 -29.08 10.92 15.01
N SER B 267 -28.27 11.27 16.01
CA SER B 267 -28.61 12.40 16.88
C SER B 267 -27.61 13.55 16.89
N PHE B 268 -26.46 13.36 16.26
CA PHE B 268 -25.46 14.43 16.12
C PHE B 268 -24.83 14.24 14.76
N PHE B 269 -24.83 15.28 13.94
CA PHE B 269 -24.08 15.22 12.68
C PHE B 269 -23.41 16.56 12.44
N ASN B 270 -22.22 16.50 11.83
CA ASN B 270 -21.41 17.68 11.64
C ASN B 270 -20.84 17.77 10.23
N TYR B 271 -21.10 18.88 9.56
CA TYR B 271 -20.53 19.12 8.22
C TYR B 271 -19.04 19.41 8.27
N TYR B 272 -18.26 18.57 7.60
CA TYR B 272 -16.82 18.79 7.42
C TYR B 272 -16.64 19.06 5.93
N MET B 273 -16.54 20.32 5.47
CA MET B 273 -16.40 21.53 6.30
C MET B 273 -17.65 22.36 6.17
N TYR B 274 -17.96 23.15 7.20
CA TYR B 274 -19.05 24.12 7.06
C TYR B 274 -18.52 25.42 6.45
N HIS B 275 -17.40 25.90 6.98
CA HIS B 275 -16.54 26.85 6.25
C HIS B 275 -15.17 26.23 6.19
N GLY B 276 -14.65 26.02 4.98
CA GLY B 276 -13.33 25.41 4.80
C GLY B 276 -12.21 26.41 4.89
N GLY B 277 -12.33 27.51 4.17
CA GLY B 277 -11.35 28.58 4.30
C GLY B 277 -10.05 28.35 3.56
N THR B 278 -8.96 28.80 4.18
CA THR B 278 -7.69 28.97 3.50
C THR B 278 -6.54 28.52 4.39
N ASN B 279 -5.57 27.85 3.77
CA ASN B 279 -4.30 27.51 4.43
C ASN B 279 -3.34 28.68 4.23
N PHE B 280 -3.38 29.65 5.13
CA PHE B 280 -2.53 30.84 5.04
C PHE B 280 -1.10 30.49 5.40
N GLY B 281 -0.17 31.38 5.10
CA GLY B 281 1.23 31.21 5.50
C GLY B 281 1.88 29.96 4.90
N ARG B 282 2.81 29.36 5.64
CA ARG B 282 3.49 28.18 5.14
C ARG B 282 3.55 27.03 6.14
N THR B 283 2.77 27.10 7.22
CA THR B 283 2.76 26.00 8.20
C THR B 283 1.35 25.47 8.46
N SER B 284 0.45 25.69 7.52
CA SER B 284 -0.92 25.19 7.65
C SER B 284 -1.22 24.03 6.75
N SER B 285 -0.93 24.14 5.46
CA SER B 285 -1.30 23.06 4.54
C SER B 285 -0.53 21.77 4.79
N GLY B 286 -1.24 20.64 4.69
CA GLY B 286 -0.59 19.35 4.68
C GLY B 286 0.08 19.08 3.34
N LEU B 287 0.67 17.90 3.24
CA LEU B 287 1.41 17.46 2.06
C LEU B 287 0.63 17.67 0.76
N PHE B 288 1.15 18.52 -0.12
CA PHE B 288 0.54 18.83 -1.43
C PHE B 288 -0.87 19.41 -1.38
N ILE B 289 -1.29 19.86 -0.19
CA ILE B 289 -2.62 20.42 -0.04
C ILE B 289 -2.62 21.86 -0.56
N ALA B 290 -3.63 22.18 -1.38
CA ALA B 290 -3.73 23.52 -1.94
C ALA B 290 -3.94 24.58 -0.85
N THR B 291 -3.65 25.82 -1.19
CA THR B 291 -3.88 26.94 -0.28
C THR B 291 -5.39 27.13 0.00
N SER B 292 -6.20 26.94 -1.03
CA SER B 292 -7.65 26.89 -0.87
C SER B 292 -8.07 25.59 -0.15
N TYR B 293 -8.81 25.73 0.95
CA TYR B 293 -9.41 24.58 1.63
C TYR B 293 -10.91 24.65 1.49
N ASP B 294 -11.38 24.95 0.28
CA ASP B 294 -12.79 25.29 0.06
C ASP B 294 -13.73 24.16 0.49
N TYR B 295 -13.40 22.93 0.07
CA TYR B 295 -14.15 21.72 0.44
C TYR B 295 -15.57 21.68 -0.12
N ASP B 296 -15.90 22.58 -1.04
CA ASP B 296 -17.28 22.76 -1.52
C ASP B 296 -18.22 22.99 -0.32
N ALA B 297 -17.69 23.64 0.71
CA ALA B 297 -18.44 23.88 1.93
C ALA B 297 -19.65 24.80 1.70
N PRO B 298 -20.68 24.70 2.57
CA PRO B 298 -21.82 25.61 2.47
C PRO B 298 -21.42 27.09 2.53
N LEU B 299 -20.35 27.42 3.24
CA LEU B 299 -19.73 28.75 3.14
C LEU B 299 -18.45 28.58 2.34
N ASP B 300 -18.33 29.32 1.24
CA ASP B 300 -17.15 29.17 0.38
C ASP B 300 -15.89 29.74 1.02
N GLU B 301 -14.74 29.53 0.38
CA GLU B 301 -13.46 29.87 1.00
C GLU B 301 -13.46 31.30 1.49
N TYR B 302 -14.15 32.16 0.73
CA TYR B 302 -14.14 33.61 0.92
C TYR B 302 -15.17 34.07 1.94
N GLY B 303 -16.01 33.14 2.39
CA GLY B 303 -17.06 33.44 3.35
C GLY B 303 -18.43 33.71 2.74
N LEU B 304 -18.55 33.59 1.42
CA LEU B 304 -19.83 33.78 0.73
C LEU B 304 -20.70 32.54 0.83
N LEU B 305 -22.02 32.74 0.75
CA LEU B 305 -22.92 31.58 0.74
C LEU B 305 -22.72 30.76 -0.53
N ASN B 306 -22.46 29.46 -0.36
CA ASN B 306 -22.38 28.57 -1.49
C ASN B 306 -23.77 28.05 -1.77
N GLU B 307 -24.47 28.72 -2.68
CA GLU B 307 -25.84 28.35 -3.01
C GLU B 307 -25.86 27.45 -4.25
N PRO B 308 -26.77 26.46 -4.28
CA PRO B 308 -27.91 26.28 -3.36
C PRO B 308 -27.62 25.42 -2.12
N LYS B 309 -26.38 24.95 -1.96
CA LYS B 309 -26.09 24.05 -0.85
C LYS B 309 -26.42 24.69 0.52
N TYR B 310 -26.01 25.94 0.71
CA TYR B 310 -26.27 26.61 1.99
C TYR B 310 -27.76 26.62 2.33
N GLY B 311 -28.58 27.12 1.40
CA GLY B 311 -30.01 27.23 1.68
C GLY B 311 -30.73 25.89 1.72
N HIS B 312 -30.28 24.96 0.89
CA HIS B 312 -30.89 23.63 0.87
C HIS B 312 -30.66 22.92 2.17
N LEU B 313 -29.46 23.06 2.73
CA LEU B 313 -29.19 22.48 4.05
C LEU B 313 -29.91 23.27 5.16
N ARG B 314 -29.96 24.59 5.02
CA ARG B 314 -30.73 25.42 5.95
C ARG B 314 -32.17 24.90 6.07
N ASP B 315 -32.78 24.58 4.93
CA ASP B 315 -34.16 24.13 4.94
C ASP B 315 -34.31 22.71 5.47
N LEU B 316 -33.30 21.88 5.23
CA LEU B 316 -33.27 20.57 5.87
C LEU B 316 -33.28 20.73 7.40
N HIS B 317 -32.45 21.64 7.90
CA HIS B 317 -32.38 21.87 9.34
C HIS B 317 -33.67 22.35 9.90
N LYS B 318 -34.39 23.20 9.17
CA LYS B 318 -35.70 23.65 9.63
C LYS B 318 -36.65 22.46 9.78
N ALA B 319 -36.58 21.52 8.82
CA ALA B 319 -37.46 20.34 8.85
C ALA B 319 -37.11 19.44 10.03
N ILE B 320 -35.82 19.30 10.31
CA ILE B 320 -35.37 18.55 11.49
C ILE B 320 -35.84 19.22 12.78
N LYS B 321 -35.69 20.53 12.86
CA LYS B 321 -36.17 21.27 14.05
C LYS B 321 -37.66 21.08 14.30
N LEU B 322 -38.47 21.11 13.24
CA LEU B 322 -39.91 20.84 13.38
C LEU B 322 -40.18 19.43 13.88
N SER B 323 -39.34 18.49 13.47
CA SER B 323 -39.47 17.07 13.85
C SER B 323 -38.91 16.76 15.22
N GLU B 324 -38.10 17.67 15.79
CA GLU B 324 -37.26 17.33 16.96
C GLU B 324 -38.04 16.83 18.18
N PRO B 325 -39.17 17.48 18.54
CA PRO B 325 -39.85 16.99 19.74
C PRO B 325 -40.24 15.51 19.62
N ALA B 326 -40.70 15.08 18.44
CA ALA B 326 -40.92 13.66 18.18
C ALA B 326 -39.64 12.83 18.18
N LEU B 327 -38.61 13.34 17.52
CA LEU B 327 -37.33 12.65 17.43
C LEU B 327 -36.73 12.29 18.78
N VAL B 328 -36.83 13.21 19.74
CA VAL B 328 -36.20 13.01 21.04
C VAL B 328 -37.11 12.26 22.03
N SER B 329 -38.35 12.01 21.66
CA SER B 329 -39.29 11.33 22.57
C SER B 329 -39.74 9.96 22.02
N SER B 330 -38.98 9.44 21.07
CA SER B 330 -39.26 8.14 20.49
C SER B 330 -38.02 7.63 19.78
N TYR B 331 -38.11 6.42 19.23
CA TYR B 331 -37.02 5.81 18.48
C TYR B 331 -37.50 5.45 17.09
N ALA B 332 -36.59 5.40 16.12
CA ALA B 332 -36.96 5.10 14.74
C ALA B 332 -37.56 3.72 14.59
N ALA B 333 -38.74 3.65 13.98
CA ALA B 333 -39.41 2.39 13.63
C ALA B 333 -39.61 2.35 12.12
N VAL B 334 -39.22 1.24 11.50
CA VAL B 334 -39.27 1.11 10.04
C VAL B 334 -40.56 0.44 9.56
N THR B 335 -41.17 1.02 8.53
CA THR B 335 -42.23 0.35 7.80
C THR B 335 -41.79 0.29 6.34
N SER B 336 -41.79 -0.91 5.74
CA SER B 336 -41.44 -1.02 4.32
C SER B 336 -42.53 -0.36 3.48
N LEU B 337 -42.14 0.38 2.46
CA LEU B 337 -43.15 1.04 1.60
C LEU B 337 -43.19 0.47 0.20
N GLY B 338 -42.09 -0.14 -0.21
CA GLY B 338 -41.92 -0.64 -1.57
C GLY B 338 -40.58 -1.35 -1.65
N SER B 339 -40.28 -1.88 -2.83
CA SER B 339 -39.08 -2.70 -3.02
C SER B 339 -37.78 -1.95 -2.66
N ASN B 340 -37.80 -0.62 -2.76
CA ASN B 340 -36.64 0.17 -2.37
C ASN B 340 -37.03 1.50 -1.68
N GLN B 341 -38.10 1.42 -0.89
CA GLN B 341 -38.69 2.59 -0.25
C GLN B 341 -39.09 2.22 1.17
N GLU B 342 -38.88 3.13 2.11
CA GLU B 342 -39.22 2.86 3.52
C GLU B 342 -39.79 4.11 4.19
N ALA B 343 -40.49 3.89 5.32
CA ALA B 343 -40.85 4.96 6.24
C ALA B 343 -40.11 4.74 7.55
N HIS B 344 -39.41 5.75 8.03
CA HIS B 344 -38.86 5.73 9.39
C HIS B 344 -39.69 6.66 10.19
N VAL B 345 -40.34 6.13 11.22
CA VAL B 345 -41.35 6.87 11.93
C VAL B 345 -40.97 6.98 13.39
N TYR B 346 -41.13 8.19 13.92
CA TYR B 346 -40.88 8.51 15.31
C TYR B 346 -42.19 8.90 15.97
N ARG B 347 -42.80 7.96 16.67
CA ARG B 347 -44.11 8.20 17.30
C ARG B 347 -44.00 8.07 18.82
N SER B 348 -44.25 9.17 19.52
CA SER B 348 -44.05 9.21 20.96
C SER B 348 -45.25 8.63 21.71
N LYS B 349 -45.09 8.41 23.02
CA LYS B 349 -46.18 7.89 23.85
C LYS B 349 -47.33 8.89 23.97
N SER B 350 -47.03 10.17 23.73
CA SER B 350 -48.01 11.25 23.82
C SER B 350 -48.75 11.49 22.49
N GLY B 351 -48.29 10.83 21.43
CA GLY B 351 -48.95 10.95 20.13
C GLY B 351 -48.23 11.79 19.08
N ALA B 352 -47.18 12.50 19.49
CA ALA B 352 -46.34 13.23 18.54
C ALA B 352 -45.75 12.27 17.51
N CYS B 353 -45.62 12.73 16.27
CA CYS B 353 -45.23 11.86 15.15
C CYS B 353 -44.43 12.63 14.11
N ALA B 354 -43.26 12.12 13.75
CA ALA B 354 -42.50 12.63 12.60
C ALA B 354 -42.11 11.43 11.74
N ALA B 355 -42.11 11.61 10.42
CA ALA B 355 -41.79 10.52 9.51
C ALA B 355 -40.83 10.93 8.41
N PHE B 356 -40.00 9.98 8.00
CA PHE B 356 -39.06 10.16 6.91
C PHE B 356 -39.42 9.12 5.86
N LEU B 357 -39.75 9.57 4.65
CA LEU B 357 -40.12 8.65 3.56
C LEU B 357 -39.02 8.62 2.51
N SER B 358 -38.46 7.44 2.27
CA SER B 358 -37.24 7.32 1.46
C SER B 358 -37.49 6.59 0.15
N ASN B 359 -36.77 7.03 -0.87
CA ASN B 359 -36.65 6.30 -2.13
C ASN B 359 -35.17 6.11 -2.45
N TYR B 360 -34.68 4.88 -2.35
CA TYR B 360 -33.27 4.58 -2.63
C TYR B 360 -33.01 4.23 -4.09
N ASP B 361 -34.06 4.15 -4.90
CA ASP B 361 -33.90 3.97 -6.34
C ASP B 361 -33.15 5.17 -6.90
N SER B 362 -32.02 4.95 -7.56
CA SER B 362 -31.23 6.07 -8.06
C SER B 362 -31.63 6.53 -9.47
N ARG B 363 -32.61 5.86 -10.08
CA ARG B 363 -33.03 6.15 -11.46
C ARG B 363 -34.43 6.74 -11.56
N TYR B 364 -35.35 6.22 -10.75
CA TYR B 364 -36.76 6.50 -10.95
C TYR B 364 -37.47 7.16 -9.76
N SER B 365 -38.38 8.08 -10.05
CA SER B 365 -39.33 8.53 -9.04
C SER B 365 -40.27 7.38 -8.72
N VAL B 366 -40.72 7.32 -7.46
CA VAL B 366 -41.63 6.25 -7.03
C VAL B 366 -42.71 6.84 -6.15
N LYS B 367 -43.95 6.46 -6.44
CA LYS B 367 -45.08 6.89 -5.65
C LYS B 367 -45.28 5.93 -4.48
N VAL B 368 -45.40 6.48 -3.27
CA VAL B 368 -45.79 5.68 -2.11
C VAL B 368 -47.04 6.29 -1.49
N THR B 369 -47.70 5.52 -0.64
CA THR B 369 -48.81 6.02 0.14
C THR B 369 -48.45 5.86 1.62
N PHE B 370 -48.59 6.94 2.37
CA PHE B 370 -48.27 6.94 3.79
C PHE B 370 -49.36 7.65 4.59
N GLN B 371 -49.95 6.94 5.55
CA GLN B 371 -51.07 7.44 6.35
C GLN B 371 -52.14 8.08 5.47
N ASN B 372 -52.49 7.34 4.43
CA ASN B 372 -53.56 7.68 3.49
C ASN B 372 -53.28 8.78 2.47
N ARG B 373 -52.05 9.27 2.43
CA ARG B 373 -51.69 10.34 1.50
C ARG B 373 -50.62 9.90 0.50
N PRO B 374 -50.72 10.35 -0.76
CA PRO B 374 -49.72 9.98 -1.76
C PRO B 374 -48.48 10.87 -1.69
N TYR B 375 -47.31 10.27 -1.88
CA TYR B 375 -46.06 11.02 -1.99
C TYR B 375 -45.26 10.49 -3.16
N ASN B 376 -44.96 11.38 -4.11
CA ASN B 376 -44.10 11.01 -5.23
C ASN B 376 -42.67 11.36 -4.86
N LEU B 377 -41.83 10.35 -4.68
CA LEU B 377 -40.47 10.59 -4.19
C LEU B 377 -39.48 10.54 -5.34
N PRO B 378 -38.76 11.65 -5.58
CA PRO B 378 -37.74 11.64 -6.62
C PRO B 378 -36.68 10.57 -6.34
N PRO B 379 -35.90 10.19 -7.36
CA PRO B 379 -34.85 9.19 -7.12
C PRO B 379 -33.91 9.66 -6.01
N TRP B 380 -33.42 8.73 -5.20
CA TRP B 380 -32.35 9.01 -4.23
C TRP B 380 -32.71 10.20 -3.36
N SER B 381 -33.86 10.10 -2.66
CA SER B 381 -34.39 11.24 -1.91
C SER B 381 -35.16 10.79 -0.69
N ILE B 382 -35.30 11.71 0.27
CA ILE B 382 -36.12 11.49 1.45
C ILE B 382 -37.00 12.71 1.65
N SER B 383 -38.30 12.47 1.89
CA SER B 383 -39.23 13.52 2.28
C SER B 383 -39.39 13.52 3.79
N ILE B 384 -39.41 14.72 4.38
CA ILE B 384 -39.58 14.85 5.83
C ILE B 384 -40.96 15.39 6.15
N LEU B 385 -41.69 14.64 6.97
CA LEU B 385 -43.05 14.97 7.40
C LEU B 385 -42.99 15.18 8.92
N PRO B 386 -42.73 16.42 9.36
CA PRO B 386 -42.48 16.65 10.78
C PRO B 386 -43.67 16.33 11.69
N ASP B 387 -44.85 16.17 11.11
CA ASP B 387 -46.07 15.81 11.85
C ASP B 387 -46.72 14.53 11.31
N CYS B 388 -45.99 13.83 10.43
CA CYS B 388 -46.47 12.61 9.78
C CYS B 388 -47.60 12.85 8.78
N LYS B 389 -47.99 14.11 8.61
CA LYS B 389 -49.18 14.43 7.82
C LYS B 389 -48.85 15.17 6.54
N THR B 390 -47.88 16.07 6.58
CA THR B 390 -47.52 16.85 5.38
C THR B 390 -46.01 16.95 5.20
N ALA B 391 -45.55 16.72 3.98
CA ALA B 391 -44.12 16.84 3.66
C ALA B 391 -43.76 18.31 3.56
N VAL B 392 -42.74 18.73 4.29
CA VAL B 392 -42.29 20.13 4.21
C VAL B 392 -41.01 20.27 3.40
N TYR B 393 -40.34 19.14 3.17
CA TYR B 393 -39.00 19.16 2.57
C TYR B 393 -38.75 17.82 1.94
N ASN B 394 -38.08 17.84 0.79
CA ASN B 394 -37.56 16.62 0.20
C ASN B 394 -36.11 16.88 -0.22
N THR B 395 -35.22 15.94 0.05
CA THR B 395 -33.79 16.16 -0.12
C THR B 395 -33.35 16.41 -1.56
N ALA B 396 -34.19 16.02 -2.54
CA ALA B 396 -33.84 16.21 -3.94
C ALA B 396 -34.55 17.40 -4.57
N GLN B 397 -35.40 18.06 -3.79
CA GLN B 397 -36.17 19.18 -4.30
C GLN B 397 -35.60 20.46 -3.72
N VAL B 398 -34.83 21.16 -4.55
CA VAL B 398 -34.05 22.31 -4.10
C VAL B 398 -34.82 23.61 -4.36
N ASN B 399 -35.16 24.29 -3.28
CA ASN B 399 -35.94 25.54 -3.33
C ASN B 399 -35.10 26.81 -3.15
N SER B 400 -33.78 26.65 -3.10
CA SER B 400 -32.86 27.78 -3.10
C SER B 400 -32.34 27.98 -4.53
N GLN B 401 -32.17 29.23 -4.93
CA GLN B 401 -31.52 29.47 -6.21
C GLN B 401 -30.04 29.16 -6.11
N SER B 402 -29.45 28.71 -7.22
CA SER B 402 -28.01 28.49 -7.29
C SER B 402 -27.34 29.83 -7.52
N SER B 403 -26.10 29.96 -7.04
CA SER B 403 -25.31 31.15 -7.36
C SER B 403 -23.98 30.67 -7.93
N SER B 404 -23.56 31.28 -9.04
CA SER B 404 -22.32 30.87 -9.69
C SER B 404 -21.25 31.93 -9.42
N ILE B 405 -20.01 31.51 -9.46
CA ILE B 405 -18.88 32.31 -8.98
C ILE B 405 -18.27 33.17 -10.09
N LYS B 406 -18.09 34.46 -9.80
CA LYS B 406 -17.36 35.36 -10.69
C LYS B 406 -16.20 35.96 -9.94
N MET B 407 -15.04 36.04 -10.62
CA MET B 407 -13.85 36.66 -10.06
C MET B 407 -13.41 37.70 -11.06
N THR B 408 -13.78 38.94 -10.81
CA THR B 408 -13.65 39.99 -11.81
C THR B 408 -12.43 40.86 -11.54
N PRO B 409 -11.58 41.09 -12.55
CA PRO B 409 -10.41 41.95 -12.35
C PRO B 409 -10.77 43.31 -11.75
N ALA B 410 -10.00 43.76 -10.77
CA ALA B 410 -10.20 45.05 -10.14
C ALA B 410 -8.87 45.77 -10.06
N GLY B 411 -8.90 47.08 -10.31
CA GLY B 411 -7.67 47.87 -10.45
C GLY B 411 -7.18 47.65 -11.87
N GLY B 412 -5.94 48.05 -12.13
CA GLY B 412 -5.31 47.75 -13.41
C GLY B 412 -4.15 46.81 -13.17
N GLY B 413 -3.17 46.85 -14.06
CA GLY B 413 -1.90 46.20 -13.83
C GLY B 413 -1.17 46.93 -12.71
N LEU B 414 -0.40 46.20 -11.93
CA LEU B 414 0.37 46.80 -10.85
C LEU B 414 1.74 47.23 -11.39
N SER B 415 2.47 48.00 -10.59
CA SER B 415 3.80 48.46 -10.98
C SER B 415 4.84 47.65 -10.19
N TRP B 416 5.64 46.86 -10.92
CA TRP B 416 6.50 45.85 -10.30
C TRP B 416 7.95 46.19 -10.23
N GLN B 417 8.61 45.70 -9.19
CA GLN B 417 10.07 45.65 -9.12
C GLN B 417 10.49 44.20 -8.90
N SER B 418 11.69 43.85 -9.33
CA SER B 418 12.15 42.47 -9.18
C SER B 418 13.54 42.42 -8.56
N TYR B 419 13.83 41.29 -7.90
CA TYR B 419 15.14 41.03 -7.34
C TYR B 419 15.40 39.55 -7.49
N ASN B 420 16.50 39.22 -8.16
CA ASN B 420 16.88 37.85 -8.43
C ASN B 420 17.58 37.19 -7.24
N GLU B 421 17.04 36.04 -6.85
CA GLU B 421 17.59 35.20 -5.79
C GLU B 421 18.63 34.32 -6.47
N GLU B 422 19.86 34.34 -5.95
CA GLU B 422 20.93 33.55 -6.56
C GLU B 422 21.20 32.27 -5.78
N THR B 423 21.98 31.39 -6.40
CA THR B 423 22.44 30.17 -5.76
C THR B 423 23.35 30.59 -4.58
N PRO B 424 23.34 29.83 -3.46
CA PRO B 424 24.16 30.26 -2.32
C PRO B 424 25.65 30.30 -2.62
N THR B 425 26.35 31.22 -1.97
CA THR B 425 27.79 31.39 -2.15
C THR B 425 28.59 30.71 -1.02
N ALA B 426 29.86 30.43 -1.29
CA ALA B 426 30.83 29.91 -0.30
C ALA B 426 30.27 28.80 0.59
N LEU B 432 27.95 25.31 7.04
CA LEU B 432 27.24 24.10 7.44
C LEU B 432 27.53 22.92 6.50
N THR B 433 28.39 22.01 6.93
CA THR B 433 28.84 20.93 6.05
C THR B 433 28.79 19.57 6.72
N ALA B 434 28.73 18.54 5.89
CA ALA B 434 28.78 17.14 6.31
C ALA B 434 29.28 16.29 5.15
N ASN B 435 29.89 15.16 5.47
CA ASN B 435 30.34 14.23 4.45
C ASN B 435 29.23 13.24 4.10
N GLY B 436 28.04 13.76 3.85
CA GLY B 436 26.91 12.93 3.52
C GLY B 436 25.61 13.71 3.40
N LEU B 437 24.55 13.00 3.05
CA LEU B 437 23.25 13.58 2.80
C LEU B 437 22.32 13.48 3.99
N TRP B 438 21.76 14.62 4.38
CA TRP B 438 20.89 14.73 5.55
C TRP B 438 19.46 14.89 5.12
N GLU B 439 18.54 14.36 5.92
CA GLU B 439 17.11 14.45 5.64
C GLU B 439 16.63 15.90 5.89
N GLN B 440 15.69 16.37 5.07
CA GLN B 440 15.36 17.80 5.05
C GLN B 440 14.73 18.34 6.32
N LYS B 441 13.70 17.66 6.83
CA LYS B 441 13.06 18.09 8.10
C LYS B 441 14.09 18.19 9.21
N ASN B 442 15.01 17.23 9.24
CA ASN B 442 16.05 17.22 10.27
C ASN B 442 16.89 18.50 10.24
N VAL B 443 17.21 18.96 9.03
CA VAL B 443 18.06 20.16 8.87
C VAL B 443 17.30 21.47 9.05
N THR B 444 16.11 21.58 8.46
CA THR B 444 15.37 22.85 8.49
C THR B 444 14.43 22.98 9.69
N ARG B 445 14.06 21.84 10.28
CA ARG B 445 13.02 21.76 11.31
C ARG B 445 11.76 22.51 10.85
N ASP B 446 11.53 22.49 9.53
CA ASP B 446 10.36 23.10 8.90
C ASP B 446 10.29 24.65 9.11
N SER B 447 11.46 25.29 9.20
CA SER B 447 11.52 26.75 9.34
C SER B 447 11.39 27.45 8.00
N SER B 448 11.58 26.68 6.93
CA SER B 448 11.47 27.14 5.57
C SER B 448 11.15 25.93 4.71
N ASP B 449 10.52 26.17 3.56
CA ASP B 449 10.25 25.08 2.61
C ASP B 449 11.53 24.66 1.89
N TYR B 450 12.56 25.48 1.98
CA TYR B 450 13.74 25.38 1.11
C TYR B 450 14.99 24.91 1.82
N LEU B 451 15.66 23.93 1.22
CA LEU B 451 16.97 23.50 1.68
C LEU B 451 17.89 23.31 0.49
N TRP B 452 19.02 24.01 0.51
CA TRP B 452 20.05 23.82 -0.52
C TRP B 452 21.00 22.70 -0.13
N TYR B 453 21.16 21.72 -1.01
CA TYR B 453 22.20 20.68 -0.90
C TYR B 453 23.27 21.00 -1.93
N MET B 454 24.49 21.27 -1.49
CA MET B 454 25.54 21.71 -2.42
C MET B 454 26.77 20.82 -2.37
N THR B 455 27.31 20.48 -3.53
CA THR B 455 28.58 19.76 -3.56
C THR B 455 29.46 20.17 -4.72
N ASN B 456 30.77 19.97 -4.56
CA ASN B 456 31.72 20.24 -5.63
C ASN B 456 31.99 18.98 -6.42
N VAL B 457 32.12 19.13 -7.74
CA VAL B 457 32.53 18.04 -8.61
C VAL B 457 33.76 18.49 -9.39
N ASN B 458 34.90 17.86 -9.13
CA ASN B 458 36.14 18.19 -9.81
C ASN B 458 36.31 17.38 -11.08
N ILE B 459 36.59 18.09 -12.18
CA ILE B 459 36.68 17.49 -13.50
C ILE B 459 38.10 17.68 -14.05
N ALA B 460 38.78 16.57 -14.30
CA ALA B 460 40.13 16.60 -14.88
C ALA B 460 40.12 17.13 -16.31
N SER B 461 41.20 17.82 -16.67
CA SER B 461 41.33 18.43 -18.00
C SER B 461 41.30 17.42 -19.14
N ASN B 462 41.60 16.17 -18.84
CA ASN B 462 41.67 15.13 -19.86
C ASN B 462 40.39 14.29 -20.00
N GLU B 463 39.29 14.72 -19.39
CA GLU B 463 38.03 13.97 -19.51
C GLU B 463 37.62 13.87 -20.96
N GLY B 464 37.27 12.65 -21.38
CA GLY B 464 36.79 12.39 -22.73
C GLY B 464 35.67 13.29 -23.18
N PHE B 465 34.71 13.55 -22.28
CA PHE B 465 33.57 14.37 -22.65
C PHE B 465 33.95 15.80 -23.01
N LEU B 466 35.03 16.31 -22.42
CA LEU B 466 35.52 17.64 -22.78
C LEU B 466 36.15 17.61 -24.17
N LYS B 467 36.88 16.54 -24.46
CA LYS B 467 37.58 16.35 -25.74
C LYS B 467 36.59 16.26 -26.89
N ASN B 468 35.49 15.56 -26.68
CA ASN B 468 34.50 15.35 -27.74
C ASN B 468 33.27 16.25 -27.64
N GLY B 469 33.30 17.22 -26.71
CA GLY B 469 32.22 18.21 -26.57
C GLY B 469 30.89 17.65 -26.10
N LYS B 470 30.96 16.52 -25.40
CA LYS B 470 29.81 15.77 -24.89
C LYS B 470 29.51 16.17 -23.44
N ASP B 471 28.38 15.69 -22.91
CA ASP B 471 28.00 15.94 -21.52
C ASP B 471 27.95 14.66 -20.69
N PRO B 472 28.45 14.70 -19.44
CA PRO B 472 28.23 13.59 -18.52
C PRO B 472 26.76 13.57 -18.06
N TYR B 473 26.37 12.52 -17.35
CA TYR B 473 24.98 12.25 -17.01
C TYR B 473 24.77 12.22 -15.50
N LEU B 474 23.99 13.17 -14.98
CA LEU B 474 23.74 13.30 -13.54
C LEU B 474 22.40 12.67 -13.15
N THR B 475 22.42 11.85 -12.10
CA THR B 475 21.20 11.30 -11.50
C THR B 475 21.11 11.74 -10.05
N VAL B 476 20.01 12.38 -9.68
CA VAL B 476 19.76 12.77 -8.30
C VAL B 476 18.43 12.19 -7.87
N MET B 477 18.45 11.34 -6.85
CA MET B 477 17.20 10.87 -6.27
C MET B 477 16.90 11.59 -4.96
N SER B 478 15.63 11.94 -4.79
CA SER B 478 15.17 12.68 -3.64
C SER B 478 13.88 12.08 -3.08
N ALA B 479 13.68 12.23 -1.77
CA ALA B 479 12.42 11.83 -1.16
C ALA B 479 11.31 12.85 -1.47
N GLY B 480 11.69 14.00 -2.02
CA GLY B 480 10.69 14.99 -2.44
C GLY B 480 10.88 16.32 -1.74
N HIS B 481 10.11 17.34 -2.11
CA HIS B 481 8.89 17.21 -2.94
C HIS B 481 9.03 17.88 -4.28
N VAL B 482 9.94 18.84 -4.36
CA VAL B 482 10.34 19.48 -5.63
C VAL B 482 11.86 19.54 -5.59
N LEU B 483 12.48 19.40 -6.75
CA LEU B 483 13.93 19.50 -6.87
C LEU B 483 14.33 20.37 -8.05
N HIS B 484 15.20 21.35 -7.79
CA HIS B 484 15.82 22.13 -8.86
C HIS B 484 17.29 21.83 -8.87
N VAL B 485 17.81 21.52 -10.06
CA VAL B 485 19.23 21.17 -10.20
C VAL B 485 19.94 22.34 -10.86
N PHE B 486 20.83 22.99 -10.11
CA PHE B 486 21.64 24.08 -10.64
C PHE B 486 23.05 23.57 -10.85
N VAL B 487 23.64 23.90 -11.99
CA VAL B 487 25.00 23.51 -12.33
C VAL B 487 25.74 24.80 -12.60
N ASN B 488 26.77 25.07 -11.79
CA ASN B 488 27.52 26.33 -11.89
C ASN B 488 26.62 27.56 -11.91
N GLY B 489 25.61 27.55 -11.03
CA GLY B 489 24.70 28.68 -10.85
C GLY B 489 23.55 28.76 -11.83
N LYS B 490 23.53 27.90 -12.84
CA LYS B 490 22.50 27.95 -13.87
C LYS B 490 21.50 26.80 -13.72
N LEU B 491 20.20 27.12 -13.73
CA LEU B 491 19.18 26.09 -13.59
C LEU B 491 19.25 25.11 -14.76
N SER B 492 19.39 23.83 -14.44
CA SER B 492 19.57 22.79 -15.44
C SER B 492 18.27 21.98 -15.63
N GLY B 493 17.51 21.80 -14.55
CA GLY B 493 16.27 21.04 -14.64
C GLY B 493 15.49 21.08 -13.34
N THR B 494 14.19 20.81 -13.45
CA THR B 494 13.25 20.83 -12.32
C THR B 494 12.39 19.58 -12.39
N VAL B 495 12.22 18.89 -11.26
CA VAL B 495 11.26 17.82 -11.19
C VAL B 495 10.43 17.97 -9.92
N TYR B 496 9.20 17.51 -9.95
CA TYR B 496 8.32 17.64 -8.79
C TYR B 496 7.44 16.41 -8.67
N GLY B 497 6.98 16.17 -7.45
CA GLY B 497 6.22 14.97 -7.15
C GLY B 497 4.73 15.21 -7.13
N THR B 498 4.00 14.27 -6.51
CA THR B 498 2.57 14.38 -6.30
C THR B 498 2.27 14.04 -4.85
N LEU B 499 1.03 14.25 -4.43
CA LEU B 499 0.66 13.92 -3.05
C LEU B 499 0.95 12.46 -2.72
N ASP B 500 0.52 11.57 -3.61
CA ASP B 500 0.73 10.12 -3.36
C ASP B 500 2.16 9.67 -3.58
N ASN B 501 2.87 10.37 -4.45
CA ASN B 501 4.26 10.01 -4.78
C ASN B 501 5.15 11.24 -4.77
N PRO B 502 5.56 11.70 -3.58
CA PRO B 502 6.43 12.87 -3.52
C PRO B 502 7.85 12.64 -4.01
N LYS B 503 8.29 11.38 -4.06
CA LYS B 503 9.68 11.08 -4.39
C LYS B 503 10.02 11.47 -5.83
N LEU B 504 11.29 11.76 -6.06
CA LEU B 504 11.75 12.33 -7.32
C LEU B 504 13.01 11.66 -7.82
N THR B 505 13.15 11.65 -9.15
CA THR B 505 14.43 11.37 -9.77
C THR B 505 14.68 12.44 -10.83
N TYR B 506 15.81 13.13 -10.71
CA TYR B 506 16.29 13.91 -11.83
C TYR B 506 17.37 13.12 -12.51
N SER B 507 17.22 12.89 -13.81
CA SER B 507 18.28 12.25 -14.58
C SER B 507 18.45 13.01 -15.89
N GLY B 508 19.67 13.47 -16.15
CA GLY B 508 19.91 14.25 -17.35
C GLY B 508 21.35 14.67 -17.55
N ASN B 509 21.66 14.98 -18.80
CA ASN B 509 22.98 15.47 -19.15
C ASN B 509 23.19 16.84 -18.55
N VAL B 510 24.40 17.08 -18.05
CA VAL B 510 24.75 18.35 -17.45
C VAL B 510 26.03 18.86 -18.10
N LYS B 511 26.11 20.17 -18.27
CA LYS B 511 27.26 20.80 -18.89
C LYS B 511 28.28 21.11 -17.82
N LEU B 512 29.36 20.32 -17.79
CA LEU B 512 30.45 20.56 -16.85
C LEU B 512 31.68 21.06 -17.58
N ARG B 513 32.51 21.81 -16.86
CA ARG B 513 33.77 22.31 -17.40
C ARG B 513 34.94 21.75 -16.60
N ALA B 514 36.15 21.88 -17.13
CA ALA B 514 37.34 21.48 -16.41
C ALA B 514 37.47 22.23 -15.07
N GLY B 515 37.97 21.54 -14.07
CA GLY B 515 38.17 22.13 -12.74
C GLY B 515 36.96 21.89 -11.86
N ILE B 516 36.77 22.74 -10.86
CA ILE B 516 35.68 22.53 -9.89
C ILE B 516 34.35 23.01 -10.44
N ASN B 517 33.35 22.14 -10.37
CA ASN B 517 31.98 22.48 -10.76
C ASN B 517 31.14 22.48 -9.51
N LYS B 518 30.20 23.41 -9.43
CA LYS B 518 29.34 23.56 -8.28
C LYS B 518 27.96 23.03 -8.62
N ILE B 519 27.57 21.96 -7.92
CA ILE B 519 26.22 21.44 -8.06
C ILE B 519 25.43 21.95 -6.87
N SER B 520 24.34 22.66 -7.15
CA SER B 520 23.51 23.24 -6.10
C SER B 520 22.11 22.70 -6.31
N LEU B 521 21.62 21.92 -5.35
CA LEU B 521 20.31 21.31 -5.46
C LEU B 521 19.36 22.04 -4.53
N LEU B 522 18.31 22.63 -5.08
CA LEU B 522 17.32 23.29 -4.24
C LEU B 522 16.18 22.30 -4.03
N SER B 523 16.03 21.86 -2.78
CA SER B 523 15.03 20.87 -2.40
C SER B 523 13.92 21.58 -1.64
N VAL B 524 12.66 21.28 -1.99
CA VAL B 524 11.51 22.05 -1.51
C VAL B 524 10.44 21.11 -0.97
N SER B 525 9.93 21.41 0.21
CA SER B 525 8.77 20.69 0.73
C SER B 525 7.53 21.54 0.48
N VAL B 526 6.40 20.86 0.27
CA VAL B 526 5.12 21.53 -0.06
C VAL B 526 4.06 21.08 0.95
N GLY B 527 4.29 21.45 2.21
CA GLY B 527 3.52 20.93 3.32
C GLY B 527 4.04 19.55 3.71
N LEU B 528 3.76 19.14 4.93
CA LEU B 528 4.26 17.85 5.44
C LEU B 528 3.17 16.81 5.57
N PRO B 529 3.53 15.52 5.43
CA PRO B 529 2.53 14.46 5.48
C PRO B 529 1.67 14.55 6.74
N ASN B 530 0.39 14.23 6.58
CA ASN B 530 -0.57 14.44 7.66
C ASN B 530 -1.44 13.24 8.00
N VAL B 531 -1.18 12.10 7.36
CA VAL B 531 -2.00 10.90 7.54
C VAL B 531 -1.22 9.68 7.07
N GLY B 532 -1.52 8.52 7.64
CA GLY B 532 -0.86 7.27 7.29
C GLY B 532 -0.13 6.71 8.48
N VAL B 533 -0.05 5.38 8.56
CA VAL B 533 0.69 4.74 9.64
C VAL B 533 2.16 5.14 9.51
N HIS B 534 2.75 5.63 10.60
CA HIS B 534 4.15 6.07 10.64
C HIS B 534 4.47 7.19 9.70
N TYR B 535 3.50 8.04 9.39
CA TYR B 535 3.75 9.09 8.39
C TYR B 535 4.88 10.03 8.81
N ASP B 536 5.07 10.18 10.12
CA ASP B 536 6.08 11.07 10.67
C ASP B 536 7.51 10.57 10.43
N THR B 537 7.64 9.30 10.03
CA THR B 537 8.95 8.70 9.76
C THR B 537 9.37 8.88 8.30
N TRP B 538 8.46 9.34 7.46
CA TRP B 538 8.76 9.44 6.04
C TRP B 538 9.70 10.59 5.78
N ASN B 539 10.61 10.39 4.85
CA ASN B 539 11.64 11.39 4.57
C ASN B 539 11.19 12.46 3.59
N ALA B 540 11.85 13.61 3.69
CA ALA B 540 11.83 14.61 2.64
C ALA B 540 13.28 14.95 2.29
N GLY B 541 13.48 15.46 1.08
CA GLY B 541 14.79 15.97 0.69
C GLY B 541 15.70 14.96 0.01
N VAL B 542 16.89 15.42 -0.36
CA VAL B 542 17.80 14.65 -1.19
C VAL B 542 18.61 13.68 -0.35
N LEU B 543 18.19 12.42 -0.34
CA LEU B 543 18.95 11.38 0.36
C LEU B 543 19.68 10.48 -0.62
N GLY B 544 19.56 10.79 -1.90
CA GLY B 544 20.23 10.01 -2.94
C GLY B 544 19.49 8.76 -3.38
N PRO B 545 20.12 7.94 -4.23
CA PRO B 545 21.49 8.12 -4.71
C PRO B 545 21.71 9.37 -5.55
N VAL B 546 22.95 9.83 -5.55
CA VAL B 546 23.40 10.90 -6.45
C VAL B 546 24.63 10.37 -7.17
N THR B 547 24.52 10.24 -8.49
CA THR B 547 25.59 9.68 -9.32
C THR B 547 25.87 10.51 -10.56
N LEU B 548 27.12 10.45 -11.02
CA LEU B 548 27.52 11.12 -12.24
C LEU B 548 28.27 10.13 -13.12
N SER B 549 27.77 9.89 -14.32
CA SER B 549 28.40 8.91 -15.20
C SER B 549 28.95 9.58 -16.46
N GLY B 550 29.80 8.86 -17.17
CA GLY B 550 30.39 9.34 -18.41
C GLY B 550 31.79 9.91 -18.26
N LEU B 551 32.45 9.57 -17.15
CA LEU B 551 33.80 10.05 -16.87
C LEU B 551 34.85 9.00 -17.30
N ASN B 552 36.09 9.42 -17.45
CA ASN B 552 37.17 8.48 -17.76
C ASN B 552 37.22 7.34 -16.77
N GLU B 553 37.05 7.70 -15.50
CA GLU B 553 37.12 6.76 -14.39
C GLU B 553 35.88 5.88 -14.29
N GLY B 554 34.88 6.15 -15.13
CA GLY B 554 33.59 5.45 -15.05
C GLY B 554 32.55 6.36 -14.42
N SER B 555 31.98 5.93 -13.30
CA SER B 555 30.97 6.73 -12.62
C SER B 555 31.37 7.06 -11.21
N ARG B 556 30.84 8.17 -10.74
CA ARG B 556 31.00 8.60 -9.37
C ARG B 556 29.70 8.49 -8.64
N ASN B 557 29.83 8.13 -7.37
CA ASN B 557 28.75 8.25 -6.44
C ASN B 557 29.13 9.45 -5.56
N LEU B 558 28.26 10.45 -5.48
CA LEU B 558 28.61 11.71 -4.79
C LEU B 558 28.13 11.77 -3.34
N ALA B 559 27.54 10.69 -2.85
CA ALA B 559 26.85 10.70 -1.56
C ALA B 559 27.76 10.93 -0.34
N LYS B 560 29.03 10.56 -0.44
CA LYS B 560 29.97 10.70 0.69
C LYS B 560 31.03 11.78 0.50
N GLN B 561 30.84 12.62 -0.51
CA GLN B 561 31.61 13.85 -0.68
C GLN B 561 31.25 14.84 0.42
N LYS B 562 32.01 15.92 0.52
CA LYS B 562 31.62 17.04 1.36
C LYS B 562 30.36 17.66 0.76
N TRP B 563 29.31 17.74 1.57
CA TRP B 563 28.08 18.43 1.20
C TRP B 563 27.94 19.65 2.05
N SER B 564 27.54 20.76 1.44
CA SER B 564 27.28 22.02 2.13
C SER B 564 25.76 22.23 2.13
N TYR B 565 25.25 22.82 3.23
CA TYR B 565 23.82 23.02 3.43
C TYR B 565 23.47 24.47 3.68
N LYS B 566 22.39 24.94 3.07
CA LYS B 566 21.86 26.26 3.42
C LYS B 566 20.35 26.19 3.58
N VAL B 567 19.88 26.49 4.78
CA VAL B 567 18.46 26.51 5.09
C VAL B 567 17.85 27.81 4.58
N GLY B 568 16.81 27.69 3.77
CA GLY B 568 16.03 28.84 3.35
C GLY B 568 16.62 29.65 2.21
N LEU B 569 15.91 30.72 1.87
CA LEU B 569 16.28 31.63 0.79
C LEU B 569 16.97 32.88 1.34
N LYS B 570 17.79 33.51 0.50
CA LYS B 570 18.39 34.80 0.87
C LYS B 570 17.31 35.85 1.10
N GLY B 571 16.27 35.82 0.28
CA GLY B 571 15.14 36.74 0.45
C GLY B 571 14.42 36.51 1.76
N GLU B 572 14.43 35.26 2.24
CA GLU B 572 13.91 34.97 3.59
C GLU B 572 14.82 35.54 4.68
N SER B 573 16.14 35.32 4.54
CA SER B 573 17.13 35.87 5.48
C SER B 573 17.04 37.40 5.57
N LEU B 574 16.73 38.04 4.44
CA LEU B 574 16.69 39.50 4.36
C LEU B 574 15.29 40.06 4.56
N SER B 575 14.35 39.18 4.94
CA SER B 575 12.95 39.56 5.20
C SER B 575 12.34 40.46 4.12
N LEU B 576 12.54 40.07 2.85
CA LEU B 576 12.05 40.86 1.72
C LEU B 576 10.52 40.94 1.65
N HIS B 577 9.85 40.05 2.37
CA HIS B 577 8.39 40.04 2.43
C HIS B 577 7.86 41.12 3.36
N SER B 578 8.73 41.68 4.18
CA SER B 578 8.33 42.50 5.32
C SER B 578 8.13 43.96 4.96
N LEU B 579 7.10 44.55 5.57
CA LEU B 579 6.75 45.95 5.37
C LEU B 579 7.83 46.89 5.90
N SER B 580 8.35 46.58 7.09
CA SER B 580 9.30 47.48 7.75
C SER B 580 10.59 46.84 8.23
N GLY B 581 10.78 45.56 7.91
CA GLY B 581 11.98 44.83 8.36
C GLY B 581 12.91 44.35 7.26
N SER B 582 12.64 44.72 6.01
CA SER B 582 13.47 44.25 4.89
C SER B 582 14.85 44.92 4.88
N SER B 583 15.86 44.13 4.52
CA SER B 583 17.19 44.65 4.21
C SER B 583 17.20 45.22 2.79
N SER B 584 18.19 46.07 2.51
CA SER B 584 18.35 46.68 1.20
C SER B 584 18.90 45.70 0.18
N VAL B 585 18.21 45.60 -0.95
CA VAL B 585 18.73 44.90 -2.12
C VAL B 585 18.50 45.78 -3.34
N GLU B 586 19.19 45.48 -4.44
CA GLU B 586 19.03 46.23 -5.66
C GLU B 586 17.81 45.75 -6.45
N TRP B 587 16.67 46.39 -6.20
CA TRP B 587 15.47 46.14 -6.97
C TRP B 587 15.57 46.73 -8.35
N VAL B 588 15.08 45.98 -9.33
CA VAL B 588 15.06 46.41 -10.72
C VAL B 588 13.65 46.87 -11.05
N ARG B 589 13.55 48.01 -11.72
CA ARG B 589 12.27 48.64 -12.07
C ARG B 589 12.20 48.88 -13.57
N GLY B 590 10.99 49.06 -14.10
CA GLY B 590 10.79 49.41 -15.51
C GLY B 590 10.96 48.23 -16.46
N SER B 591 11.46 48.52 -17.66
CA SER B 591 11.55 47.54 -18.75
C SER B 591 12.42 46.32 -18.44
N LEU B 592 13.31 46.43 -17.46
CA LEU B 592 14.25 45.36 -17.16
C LEU B 592 13.79 44.40 -16.05
N MET B 593 12.61 44.67 -15.47
CA MET B 593 12.01 43.75 -14.49
C MET B 593 12.07 42.30 -15.00
N ALA B 594 12.50 41.39 -14.13
CA ALA B 594 12.68 39.98 -14.50
C ALA B 594 11.39 39.35 -15.02
N GLN B 595 11.53 38.58 -16.10
CA GLN B 595 10.42 37.89 -16.73
C GLN B 595 10.79 36.43 -16.93
N LYS B 596 9.91 35.53 -16.48
CA LYS B 596 10.15 34.08 -16.56
C LYS B 596 11.57 33.70 -16.12
N GLN B 597 11.93 34.16 -14.93
CA GLN B 597 13.22 33.83 -14.32
C GLN B 597 12.95 33.05 -13.02
N PRO B 598 13.73 31.97 -12.79
CA PRO B 598 13.56 31.24 -11.53
C PRO B 598 14.09 32.03 -10.34
N LEU B 599 13.54 31.75 -9.17
CA LEU B 599 14.00 32.35 -7.92
C LEU B 599 14.00 33.88 -8.00
N THR B 600 12.83 34.46 -8.26
CA THR B 600 12.75 35.90 -8.38
C THR B 600 11.75 36.44 -7.36
N TRP B 601 12.15 37.52 -6.68
CA TRP B 601 11.24 38.26 -5.78
C TRP B 601 10.61 39.39 -6.54
N TYR B 602 9.31 39.60 -6.34
CA TYR B 602 8.60 40.72 -6.96
C TYR B 602 7.86 41.52 -5.90
N LYS B 603 7.82 42.84 -6.03
CA LYS B 603 7.00 43.64 -5.13
C LYS B 603 6.26 44.76 -5.84
N ALA B 604 5.09 45.08 -5.31
CA ALA B 604 4.29 46.19 -5.81
C ALA B 604 3.53 46.81 -4.65
N THR B 605 3.18 48.08 -4.79
CA THR B 605 2.38 48.81 -3.81
C THR B 605 1.05 49.18 -4.45
N PHE B 606 -0.06 48.95 -3.75
CA PHE B 606 -1.38 49.13 -4.33
C PHE B 606 -2.41 49.73 -3.38
N ASN B 607 -3.42 50.35 -3.96
CA ASN B 607 -4.59 50.80 -3.22
C ASN B 607 -5.59 49.69 -3.11
N ALA B 608 -6.24 49.59 -1.95
CA ALA B 608 -7.34 48.64 -1.79
C ALA B 608 -8.42 48.92 -2.84
N PRO B 609 -8.92 47.85 -3.50
CA PRO B 609 -10.09 48.03 -4.35
C PRO B 609 -11.28 48.50 -3.51
N GLY B 610 -12.24 49.15 -4.14
CA GLY B 610 -13.47 49.51 -3.44
C GLY B 610 -14.33 48.31 -3.08
N GLY B 611 -15.34 48.56 -2.25
CA GLY B 611 -16.36 47.57 -1.93
C GLY B 611 -16.10 46.78 -0.66
N ASN B 612 -17.09 45.94 -0.30
CA ASN B 612 -16.99 45.06 0.85
C ASN B 612 -16.80 43.61 0.43
N ASP B 613 -16.84 43.38 -0.88
CA ASP B 613 -16.78 42.04 -1.44
C ASP B 613 -15.39 41.39 -1.30
N PRO B 614 -15.35 40.05 -1.27
CA PRO B 614 -14.05 39.39 -1.04
C PRO B 614 -13.08 39.57 -2.20
N LEU B 615 -11.80 39.46 -1.87
CA LEU B 615 -10.71 39.68 -2.81
C LEU B 615 -9.80 38.46 -2.98
N ALA B 616 -9.15 38.40 -4.14
CA ALA B 616 -8.10 37.41 -4.37
C ALA B 616 -7.10 37.98 -5.35
N LEU B 617 -5.94 37.33 -5.42
CA LEU B 617 -5.00 37.57 -6.50
C LEU B 617 -5.17 36.49 -7.56
N ASP B 618 -5.28 36.91 -8.80
CA ASP B 618 -5.24 35.99 -9.93
C ASP B 618 -3.77 35.77 -10.27
N MET B 619 -3.29 34.56 -9.98
CA MET B 619 -1.89 34.22 -10.14
C MET B 619 -1.62 33.32 -11.35
N ALA B 620 -2.57 33.25 -12.28
CA ALA B 620 -2.44 32.33 -13.43
C ALA B 620 -1.13 32.50 -14.21
N SER B 621 -0.66 33.73 -14.34
CA SER B 621 0.54 34.02 -15.11
C SER B 621 1.83 33.64 -14.40
N MET B 622 1.72 33.16 -13.16
CA MET B 622 2.89 32.81 -12.35
C MET B 622 3.07 31.29 -12.29
N GLY B 623 4.01 30.83 -11.48
CA GLY B 623 4.43 29.44 -11.46
C GLY B 623 4.24 28.78 -10.11
N LYS B 624 5.13 29.11 -9.17
CA LYS B 624 5.05 28.54 -7.81
C LYS B 624 5.80 29.48 -6.91
N GLY B 625 5.34 29.62 -5.67
CA GLY B 625 6.11 30.36 -4.68
C GLY B 625 5.26 30.74 -3.49
N GLN B 626 5.47 31.95 -2.98
CA GLN B 626 4.80 32.40 -1.78
C GLN B 626 4.35 33.84 -1.96
N ILE B 627 3.28 34.20 -1.26
CA ILE B 627 2.68 35.54 -1.36
C ILE B 627 2.54 36.17 0.03
N TRP B 628 2.87 37.47 0.13
CA TRP B 628 2.61 38.23 1.34
C TRP B 628 1.94 39.52 1.01
N ILE B 629 1.04 39.96 1.89
CA ILE B 629 0.45 41.28 1.77
C ILE B 629 0.62 42.00 3.09
N ASN B 630 1.29 43.17 3.05
CA ASN B 630 1.60 43.91 4.27
C ASN B 630 2.29 43.04 5.32
N GLY B 631 3.14 42.14 4.81
CA GLY B 631 3.96 41.28 5.64
C GLY B 631 3.26 40.02 6.10
N GLU B 632 1.97 39.92 5.84
CA GLU B 632 1.17 38.76 6.25
C GLU B 632 1.19 37.69 5.18
N GLY B 633 1.43 36.44 5.56
CA GLY B 633 1.49 35.34 4.60
C GLY B 633 0.15 34.89 4.05
N VAL B 634 -0.10 35.22 2.78
CA VAL B 634 -1.32 34.85 2.06
C VAL B 634 -1.36 33.34 1.81
N GLY B 635 -0.18 32.74 1.66
CA GLY B 635 -0.07 31.30 1.46
C GLY B 635 0.80 30.96 0.27
N ARG B 636 1.02 29.66 0.05
CA ARG B 636 1.77 29.20 -1.10
C ARG B 636 0.96 29.42 -2.36
N HIS B 637 1.63 29.74 -3.46
CA HIS B 637 0.98 29.64 -4.76
C HIS B 637 1.61 28.58 -5.60
N TRP B 638 0.80 27.85 -6.36
CA TRP B 638 1.31 26.90 -7.36
C TRP B 638 0.39 26.80 -8.57
N PRO B 639 0.09 27.95 -9.21
CA PRO B 639 -0.76 27.96 -10.39
C PRO B 639 -0.17 27.17 -11.57
N GLY B 640 1.14 26.96 -11.56
CA GLY B 640 1.78 26.20 -12.62
C GLY B 640 1.50 24.70 -12.54
N TYR B 641 0.95 24.24 -11.42
CA TYR B 641 0.56 22.83 -11.29
C TYR B 641 -0.88 22.67 -11.77
N ILE B 642 -1.04 22.13 -12.99
CA ILE B 642 -2.35 22.06 -13.61
C ILE B 642 -3.16 20.87 -13.06
N ALA B 643 -4.46 21.06 -12.87
CA ALA B 643 -5.34 20.00 -12.37
C ALA B 643 -5.46 18.84 -13.36
N GLN B 644 -5.18 17.64 -12.89
CA GLN B 644 -5.45 16.45 -13.68
C GLN B 644 -6.49 15.64 -12.95
N GLY B 645 -7.35 14.98 -13.71
CA GLY B 645 -8.37 14.14 -13.14
C GLY B 645 -9.39 13.74 -14.17
N ASP B 646 -10.48 13.13 -13.70
CA ASP B 646 -11.59 12.74 -14.55
C ASP B 646 -12.74 13.63 -14.15
N CYS B 647 -12.95 14.69 -14.89
CA CYS B 647 -14.02 15.60 -14.55
C CYS B 647 -15.31 15.19 -15.29
N SER B 648 -15.73 13.94 -15.11
CA SER B 648 -16.96 13.43 -15.72
C SER B 648 -18.18 14.15 -15.15
N LYS B 649 -19.19 14.42 -15.98
CA LYS B 649 -20.39 15.07 -15.46
C LYS B 649 -21.03 14.18 -14.39
N CYS B 650 -21.78 14.79 -13.48
CA CYS B 650 -22.40 14.01 -12.43
C CYS B 650 -23.82 14.44 -12.12
N SER B 651 -24.59 13.47 -11.65
CA SER B 651 -25.92 13.67 -11.10
C SER B 651 -25.84 13.45 -9.60
N TYR B 652 -26.69 14.14 -8.85
CA TYR B 652 -26.77 13.95 -7.41
C TYR B 652 -27.10 12.49 -7.03
N ALA B 653 -27.80 11.77 -7.91
CA ALA B 653 -28.36 10.48 -7.55
C ALA B 653 -27.31 9.36 -7.50
N GLY B 654 -27.46 8.48 -6.50
CA GLY B 654 -26.61 7.31 -6.37
C GLY B 654 -25.42 7.57 -5.46
N THR B 655 -24.77 6.51 -5.04
CA THR B 655 -23.69 6.59 -4.04
C THR B 655 -22.57 7.52 -4.48
N PHE B 656 -22.28 8.51 -3.65
CA PHE B 656 -21.23 9.48 -3.96
C PHE B 656 -19.86 8.92 -3.56
N ASN B 657 -18.84 9.31 -4.31
CA ASN B 657 -17.45 9.15 -3.89
C ASN B 657 -16.69 10.42 -4.30
N GLU B 658 -15.51 10.62 -3.73
CA GLU B 658 -14.83 11.91 -3.89
C GLU B 658 -14.42 12.24 -5.33
N LYS B 659 -14.37 11.24 -6.21
CA LYS B 659 -14.02 11.52 -7.61
C LYS B 659 -15.26 11.71 -8.50
N LYS B 660 -16.46 11.63 -7.93
CA LYS B 660 -17.67 11.65 -8.76
C LYS B 660 -17.96 13.00 -9.45
N CYS B 661 -17.69 14.10 -8.76
CA CYS B 661 -18.08 15.41 -9.29
C CYS B 661 -16.89 16.35 -9.28
N GLN B 662 -15.84 15.96 -9.99
CA GLN B 662 -14.62 16.73 -10.06
C GLN B 662 -14.77 17.84 -11.09
N THR B 663 -14.23 19.01 -10.76
CA THR B 663 -14.26 20.13 -11.68
C THR B 663 -12.86 20.72 -11.85
N ASN B 664 -12.72 21.64 -12.81
CA ASN B 664 -11.48 22.42 -12.96
C ASN B 664 -10.34 21.66 -13.65
N CYS B 665 -10.62 20.49 -14.23
CA CYS B 665 -9.56 19.73 -14.92
C CYS B 665 -8.95 20.56 -16.03
N GLY B 666 -7.62 20.55 -16.13
CA GLY B 666 -6.96 21.25 -17.20
C GLY B 666 -6.71 22.73 -16.94
N GLN B 667 -7.11 23.19 -15.76
CA GLN B 667 -6.89 24.56 -15.32
C GLN B 667 -5.86 24.53 -14.20
N PRO B 668 -5.24 25.68 -13.88
CA PRO B 668 -4.38 25.71 -12.70
C PRO B 668 -5.14 25.12 -11.51
N SER B 669 -4.51 24.20 -10.77
CA SER B 669 -5.20 23.55 -9.65
C SER B 669 -5.70 24.60 -8.64
N GLN B 670 -4.94 25.68 -8.49
CA GLN B 670 -5.44 26.88 -7.84
C GLN B 670 -4.89 28.10 -8.55
N ARG B 671 -5.81 28.91 -9.05
CA ARG B 671 -5.51 30.13 -9.78
C ARG B 671 -5.66 31.36 -8.90
N TRP B 672 -6.70 31.37 -8.07
CA TRP B 672 -7.01 32.52 -7.23
C TRP B 672 -6.58 32.32 -5.82
N TYR B 673 -5.93 33.32 -5.25
CA TYR B 673 -5.40 33.24 -3.89
C TYR B 673 -6.03 34.31 -3.02
N HIS B 674 -6.83 33.84 -2.05
CA HIS B 674 -7.65 34.67 -1.14
C HIS B 674 -6.83 35.71 -0.41
N VAL B 675 -7.28 36.98 -0.48
CA VAL B 675 -6.65 38.06 0.27
C VAL B 675 -7.72 38.61 1.20
N PRO B 676 -7.61 38.36 2.53
CA PRO B 676 -8.62 38.86 3.47
C PRO B 676 -8.71 40.38 3.46
N ARG B 677 -9.93 40.91 3.43
CA ARG B 677 -10.12 42.36 3.42
C ARG B 677 -9.41 43.07 4.57
N SER B 678 -9.41 42.47 5.74
CA SER B 678 -8.89 43.13 6.93
C SER B 678 -7.37 43.26 6.92
N TRP B 679 -6.72 42.61 5.95
CA TRP B 679 -5.27 42.71 5.81
C TRP B 679 -4.85 43.93 5.04
N LEU B 680 -5.82 44.68 4.52
CA LEU B 680 -5.52 45.85 3.69
C LEU B 680 -5.72 47.17 4.44
N LYS B 681 -5.01 48.17 3.94
CA LYS B 681 -5.20 49.58 4.28
C LYS B 681 -5.80 50.27 3.05
N PRO B 682 -6.33 51.50 3.19
CA PRO B 682 -6.86 52.14 1.98
C PRO B 682 -5.81 52.33 0.87
N SER B 683 -4.59 52.67 1.26
CA SER B 683 -3.50 52.84 0.31
C SER B 683 -2.19 52.32 0.87
N GLY B 684 -1.18 52.19 0.02
CA GLY B 684 0.15 51.82 0.46
C GLY B 684 0.28 50.35 0.87
N ASN B 685 -0.55 49.48 0.29
CA ASN B 685 -0.44 48.05 0.56
C ASN B 685 0.74 47.44 -0.17
N LEU B 686 1.56 46.69 0.56
CA LEU B 686 2.73 46.05 -0.03
C LEU B 686 2.41 44.62 -0.41
N LEU B 687 2.55 44.31 -1.69
CA LEU B 687 2.43 42.95 -2.19
C LEU B 687 3.82 42.41 -2.52
N VAL B 688 4.22 41.32 -1.88
CA VAL B 688 5.49 40.70 -2.20
C VAL B 688 5.22 39.27 -2.66
N VAL B 689 5.82 38.89 -3.77
CA VAL B 689 5.66 37.52 -4.27
C VAL B 689 7.05 36.93 -4.45
N PHE B 690 7.31 35.78 -3.82
CA PHE B 690 8.47 35.01 -4.24
C PHE B 690 8.03 34.03 -5.31
N GLU B 691 8.69 34.11 -6.46
CA GLU B 691 8.42 33.23 -7.59
C GLU B 691 9.56 32.24 -7.75
N GLU B 692 9.29 31.00 -7.34
CA GLU B 692 10.26 29.92 -7.39
C GLU B 692 10.60 29.45 -8.81
N TRP B 693 9.59 29.40 -9.68
CA TRP B 693 9.72 28.75 -10.99
C TRP B 693 9.94 29.73 -12.09
N GLY B 694 9.07 30.73 -12.17
CA GLY B 694 9.16 31.74 -13.21
C GLY B 694 7.78 32.16 -13.59
N GLY B 695 7.60 33.45 -13.87
CA GLY B 695 6.28 33.93 -14.24
C GLY B 695 6.34 35.32 -14.81
N ASN B 696 5.20 35.81 -15.29
CA ASN B 696 5.07 37.18 -15.75
C ASN B 696 4.20 37.94 -14.77
N PRO B 697 4.82 38.79 -13.92
CA PRO B 697 4.08 39.47 -12.86
C PRO B 697 3.08 40.49 -13.40
N THR B 698 3.28 40.96 -14.64
CA THR B 698 2.36 41.92 -15.24
C THR B 698 0.95 41.33 -15.39
N GLY B 699 0.88 40.00 -15.53
CA GLY B 699 -0.41 39.32 -15.59
C GLY B 699 -1.14 39.18 -14.26
N ILE B 700 -0.47 39.49 -13.16
CA ILE B 700 -1.11 39.42 -11.83
C ILE B 700 -2.17 40.52 -11.69
N SER B 701 -3.35 40.16 -11.18
CA SER B 701 -4.38 41.15 -10.94
C SER B 701 -5.11 40.83 -9.65
N LEU B 702 -5.53 41.86 -8.91
CA LEU B 702 -6.54 41.64 -7.89
C LEU B 702 -7.87 41.37 -8.59
N VAL B 703 -8.69 40.52 -7.96
CA VAL B 703 -10.03 40.24 -8.45
C VAL B 703 -11.01 40.35 -7.31
N ARG B 704 -12.26 40.67 -7.66
CA ARG B 704 -13.34 40.82 -6.69
C ARG B 704 -14.36 39.72 -6.91
N ARG B 705 -14.80 39.09 -5.82
CA ARG B 705 -15.67 37.91 -5.94
C ARG B 705 -17.13 38.28 -5.79
N SER B 706 -17.96 37.79 -6.69
CA SER B 706 -19.41 37.89 -6.51
C SER B 706 -20.06 36.58 -6.98
N ARG B 707 -21.28 36.34 -6.49
CA ARG B 707 -22.03 35.16 -6.91
C ARG B 707 -23.44 35.60 -7.23
N SER B 708 -23.91 35.24 -8.41
CA SER B 708 -25.30 35.52 -8.78
C SER B 708 -25.97 34.25 -9.27
C1 NAG C . 40.92 -20.04 -8.61
C2 NAG C . 41.23 -19.39 -7.26
C3 NAG C . 42.70 -19.52 -6.85
C4 NAG C . 43.30 -20.88 -7.15
C5 NAG C . 42.89 -21.34 -8.55
C6 NAG C . 43.43 -22.74 -8.86
C7 NAG C . 40.12 -17.42 -6.40
C8 NAG C . 40.30 -15.94 -6.22
N2 NAG C . 40.88 -17.99 -7.32
O3 NAG C . 42.81 -19.27 -5.44
O4 NAG C . 44.73 -20.77 -7.10
O5 NAG C . 41.47 -21.36 -8.64
O6 NAG C . 42.84 -23.68 -7.96
O7 NAG C . 39.33 -18.05 -5.73
C1 NAG C . 45.26 -21.85 -6.31
C2 NAG C . 46.77 -21.88 -6.43
C3 NAG C . 47.37 -23.00 -5.60
C4 NAG C . 46.81 -22.98 -4.18
C5 NAG C . 45.29 -22.89 -4.19
C6 NAG C . 44.73 -22.79 -2.78
C7 NAG C . 47.52 -20.99 -8.57
C8 NAG C . 47.87 -21.30 -10.00
N2 NAG C . 47.16 -22.04 -7.82
O3 NAG C . 48.80 -22.86 -5.55
O4 NAG C . 47.21 -24.18 -3.48
O5 NAG C . 44.89 -21.74 -4.94
O6 NAG C . 43.32 -22.98 -2.81
O7 NAG C . 47.59 -19.86 -8.11
C1 NAG D . -33.40 3.12 17.13
C2 NAG D . -33.49 1.75 16.46
C3 NAG D . -34.11 0.70 17.40
C4 NAG D . -33.49 0.74 18.80
C5 NAG D . -33.38 2.17 19.31
C6 NAG D . -32.65 2.22 20.64
C7 NAG D . -33.78 1.45 14.08
C8 NAG D . -34.62 1.78 12.88
N2 NAG D . -34.27 1.84 15.24
O3 NAG D . -33.93 -0.59 16.84
O4 NAG D . -34.33 -0.01 19.70
O5 NAG D . -32.69 2.98 18.36
O6 NAG D . -33.38 3.06 21.55
O7 NAG D . -32.71 0.88 13.98
C1 NAG D . -33.53 -1.05 20.31
C2 NAG D . -34.19 -1.46 21.62
C3 NAG D . -33.38 -2.57 22.30
C4 NAG D . -33.06 -3.69 21.32
C5 NAG D . -32.48 -3.13 20.03
C6 NAG D . -32.23 -4.25 19.02
C7 NAG D . -35.40 0.42 22.52
C8 NAG D . -35.41 1.55 23.52
N2 NAG D . -34.30 -0.33 22.50
O3 NAG D . -34.13 -3.10 23.40
O4 NAG D . -32.13 -4.59 21.91
O5 NAG D . -33.38 -2.18 19.47
O6 NAG D . -33.38 -4.41 18.19
O7 NAG D . -36.35 0.22 21.78
C1 NAG E . 20.47 15.29 11.12
C2 NAG E . 21.27 14.12 10.56
C3 NAG E . 22.47 13.79 11.44
C4 NAG E . 23.26 15.05 11.76
C5 NAG E . 22.35 16.17 12.25
C6 NAG E . 23.15 17.45 12.51
C7 NAG E . 19.71 12.73 9.32
C8 NAG E . 19.06 11.38 9.23
N2 NAG E . 20.41 12.95 10.43
O3 NAG E . 23.32 12.85 10.76
O4 NAG E . 24.25 14.75 12.76
O5 NAG E . 21.34 16.41 11.29
O6 NAG E . 22.33 18.37 13.24
O7 NAG E . 19.59 13.56 8.44
C1 NAG E . 25.36 14.10 12.14
C2 NAG E . 26.66 14.74 12.61
C3 NAG E . 27.87 14.06 11.98
C4 NAG E . 27.78 12.54 12.15
C5 NAG E . 26.42 12.02 11.71
C6 NAG E . 26.30 10.53 11.93
C7 NAG E . 26.45 17.09 13.19
C8 NAG E . 26.76 18.49 12.77
N2 NAG E . 26.66 16.15 12.27
O3 NAG E . 29.06 14.54 12.61
O4 NAG E . 28.80 11.92 11.36
O5 NAG E . 25.39 12.70 12.44
O6 NAG E . 24.93 10.13 11.81
O7 NAG E . 26.04 16.82 14.31
C1 NAG F . -6.67 -41.13 10.18
C2 NAG F . -6.73 -41.00 11.69
C3 NAG F . -6.93 -42.44 12.20
C4 NAG F . -8.18 -43.06 11.59
C5 NAG F . -8.15 -42.88 10.08
C6 NAG F . -9.38 -43.39 9.40
C7 NAG F . -5.33 -39.10 12.40
C8 NAG F . -4.01 -38.75 12.97
N2 NAG F . -5.55 -40.41 12.26
O3 NAG F . -6.99 -42.35 13.60
O4 NAG F . -8.22 -44.47 11.88
O5 NAG F . -7.94 -41.52 9.74
O6 NAG F . -9.04 -43.59 8.04
O7 NAG F . -6.08 -38.28 12.13
N1 EPE G . 15.37 -22.35 1.48
C2 EPE G . 15.35 -20.88 1.57
C3 EPE G . 15.31 -20.30 0.17
N4 EPE G . 14.10 -20.75 -0.52
C5 EPE G . 14.11 -22.22 -0.61
C6 EPE G . 14.15 -22.82 0.79
C7 EPE G . 14.06 -20.19 -1.88
C8 EPE G . 14.63 -21.20 -2.87
O8 EPE G . 13.57 -21.99 -3.41
C9 EPE G . 15.41 -22.92 2.84
C10 EPE G . 16.29 -24.16 2.83
S EPE G . 16.80 -24.49 4.39
O1S EPE G . 17.86 -25.46 4.34
O2S EPE G . 17.29 -23.27 4.99
O3S EPE G . 15.56 -25.06 5.26
N1 EPE H . 5.37 -27.26 14.08
C2 EPE H . 5.76 -26.07 14.86
C3 EPE H . 7.13 -25.59 14.41
N4 EPE H . 7.08 -25.24 12.98
C5 EPE H . 6.68 -26.41 12.20
C6 EPE H . 5.31 -26.90 12.66
C7 EPE H . 8.39 -24.77 12.54
C8 EPE H . 8.29 -24.24 11.12
O8 EPE H . 7.64 -22.96 11.13
C9 EPE H . 4.05 -27.73 14.53
C10 EPE H . 3.68 -28.99 13.77
S EPE H . 2.67 -29.93 14.71
O1S EPE H . 3.34 -30.26 15.94
O2S EPE H . 1.47 -29.19 15.00
O3S EPE H . 2.29 -31.29 13.90
N ARG I . 25.03 -19.18 0.35
CA ARG I . 26.33 -19.61 0.86
C ARG I . 26.33 -21.12 1.22
O ARG I . 27.36 -21.72 1.37
CB ARG I . 26.81 -18.77 2.05
CG ARG I . 26.93 -17.29 1.76
CD ARG I . 27.87 -16.66 2.75
NE ARG I . 27.58 -15.26 2.84
CZ ARG I . 28.11 -14.34 2.09
NH1 ARG I . 27.72 -13.10 2.25
NH2 ARG I . 29.03 -14.67 1.18
OXT ARG I . 25.34 -21.71 1.43
CL CL J . 14.74 -24.52 -10.77
CL CL K . 26.38 -42.05 -17.82
CL CL L . -1.24 -17.65 -22.00
CL CL M . -2.75 -25.21 -19.13
N1 EPE N . -8.38 11.20 4.43
C2 EPE N . -8.74 12.21 3.41
C3 EPE N . -10.06 12.86 3.80
N4 EPE N . -9.91 13.52 5.11
C5 EPE N . -9.53 12.52 6.13
C6 EPE N . -8.23 11.86 5.72
C7 EPE N . -11.17 14.16 5.49
C8 EPE N . -10.90 15.27 6.49
O8 EPE N . -10.94 14.76 7.82
C9 EPE N . -7.11 10.57 4.04
C10 EPE N . -7.36 9.57 2.92
S EPE N . -6.09 8.50 2.83
O1S EPE N . -6.24 7.66 1.67
O2S EPE N . -4.86 9.23 2.74
O3S EPE N . -6.05 7.57 4.17
N1 EPE O . 6.95 6.00 1.68
C2 EPE O . 6.47 5.34 0.46
C3 EPE O . 5.00 4.97 0.61
N4 EPE O . 4.21 6.20 0.84
C5 EPE O . 4.69 6.86 2.07
C6 EPE O . 6.15 7.22 1.92
C7 EPE O . 2.79 5.84 1.00
C8 EPE O . 1.97 7.10 1.25
O8 EPE O . 1.74 7.77 0.00
C9 EPE O . 8.36 6.36 1.53
C10 EPE O . 8.87 6.97 2.83
S EPE O . 10.52 6.82 2.90
O1S EPE O . 10.88 5.42 2.93
O2S EPE O . 11.12 7.44 1.75
O3S EPE O . 11.07 7.54 4.26
CL CL P . -13.38 19.85 12.85
CL CL Q . -12.00 1.10 14.03
CL CL R . -10.98 39.74 6.82
CL CL S . -5.71 37.93 10.63
CL CL T . -12.25 48.02 -8.19
#